data_9KU3
#
_entry.id   9KU3
#
_cell.length_a   1.00
_cell.length_b   1.00
_cell.length_c   1.00
_cell.angle_alpha   90.00
_cell.angle_beta   90.00
_cell.angle_gamma   90.00
#
_symmetry.space_group_name_H-M   'P 1'
#
loop_
_entity.id
_entity.type
_entity.pdbx_description
1 polymer 'Carboxyl-terminal protease'
2 polymer 'Unidentified protein'
#
loop_
_entity_poly.entity_id
_entity_poly.type
_entity_poly.pdbx_seq_one_letter_code
_entity_poly.pdbx_strand_id
1 'polypeptide(L)'
;MHHHHHHMFSRFSNVVSEIEKKYVDKISISEIMTKAIEGLLSNLDAHSAYLNEKKFKEFQAQTEGEFGGLGITVGMRDGV
LTVIAPLEGTPAYKAGVKSGDNILKINNESTLSMSIDDAINLMRGKPKTPIQITIVRKNEPKPLVFNIIRDIIKLPSVYV
KKIKETPYLYVRVSGFDKNVTKSVLEGLKANPKAKGIVLDLRGNPGGLLNQAVGLSNLFIKEGVLVSQKGKNKEESLEYK
ANGRAPYTNLPIAVLVNGGSAAASEIVAGALQDHKRAVIIGEKTFGAGSVAMLLPVNKDEAIKITTARYYLPSGRTIQAK
GITPDIVIYPGKVPENENKFSLKEADLKHHLEQELKKLDDKTPNSKEADKDKKNEEEKEVTPKMINDDIQLKTAIDSLKT
WSIVDEKMDEKAPKKK
;
A,B,C,D,E,F
2 'polyribonucleotide' (UNK)(UNK)(UNK)(UNK)(UNK)(UNK)(UNK)(UNK) G,H,I,J,K,M
#
# COMPACT_ATOMS: atom_id res chain seq x y z
N HIS A 7 73.43 17.42 -2.78
CA HIS A 7 72.69 18.10 -3.86
C HIS A 7 71.27 17.54 -3.98
N MET A 8 70.40 18.20 -4.74
CA MET A 8 68.96 17.89 -4.83
C MET A 8 68.62 16.66 -5.70
N PHE A 9 69.52 16.26 -6.60
CA PHE A 9 69.27 15.22 -7.62
C PHE A 9 69.65 13.79 -7.17
N SER A 10 70.09 13.57 -5.93
CA SER A 10 70.53 12.26 -5.45
C SER A 10 69.42 11.20 -5.51
N ARG A 11 68.29 11.43 -4.84
CA ARG A 11 67.10 10.56 -4.86
C ARG A 11 66.62 10.28 -6.28
N PHE A 12 66.51 11.32 -7.09
CA PHE A 12 66.05 11.20 -8.48
C PHE A 12 67.01 10.36 -9.34
N SER A 13 68.33 10.55 -9.20
CA SER A 13 69.33 9.76 -9.93
C SER A 13 69.26 8.27 -9.59
N ASN A 14 69.04 7.93 -8.33
CA ASN A 14 68.84 6.54 -7.91
C ASN A 14 67.59 5.93 -8.55
N VAL A 15 66.43 6.56 -8.42
CA VAL A 15 65.17 6.06 -8.99
C VAL A 15 65.27 5.88 -10.50
N VAL A 16 65.85 6.85 -11.23
CA VAL A 16 66.04 6.72 -12.68
C VAL A 16 67.00 5.60 -13.04
N SER A 17 68.07 5.37 -12.27
CA SER A 17 69.01 4.27 -12.56
C SER A 17 68.37 2.90 -12.45
N GLU A 18 67.49 2.67 -11.47
CA GLU A 18 66.80 1.38 -11.34
C GLU A 18 65.77 1.17 -12.44
N ILE A 19 65.01 2.20 -12.82
CA ILE A 19 64.07 2.17 -13.95
C ILE A 19 64.81 1.84 -15.26
N GLU A 20 66.04 2.33 -15.44
CA GLU A 20 66.88 2.03 -16.60
C GLU A 20 67.31 0.54 -16.64
N LYS A 21 67.64 -0.08 -15.50
CA LYS A 21 68.04 -1.50 -15.44
C LYS A 21 66.89 -2.50 -15.46
N LYS A 22 65.87 -2.33 -14.59
CA LYS A 22 64.91 -3.35 -14.17
C LYS A 22 63.46 -2.97 -14.53
N TYR A 23 63.09 -3.12 -15.78
CA TYR A 23 61.74 -2.86 -16.30
C TYR A 23 61.45 -3.75 -17.52
N VAL A 24 60.19 -4.05 -17.84
CA VAL A 24 59.81 -5.02 -18.89
C VAL A 24 60.29 -4.69 -20.31
N ASP A 25 60.49 -3.42 -20.63
CA ASP A 25 60.75 -2.92 -21.99
C ASP A 25 62.03 -2.07 -22.07
N LYS A 26 62.53 -1.87 -23.29
CA LYS A 26 63.59 -0.91 -23.60
C LYS A 26 63.01 0.51 -23.73
N ILE A 27 63.46 1.44 -22.89
CA ILE A 27 63.18 2.88 -22.95
C ILE A 27 64.47 3.67 -22.73
N SER A 28 64.60 4.84 -23.36
CA SER A 28 65.78 5.72 -23.24
C SER A 28 65.59 6.80 -22.19
N ILE A 29 66.66 7.50 -21.81
CA ILE A 29 66.58 8.68 -20.94
C ILE A 29 65.64 9.76 -21.53
N SER A 30 65.55 9.86 -22.86
CA SER A 30 64.60 10.76 -23.53
C SER A 30 63.14 10.43 -23.23
N GLU A 31 62.74 9.15 -23.19
CA GLU A 31 61.39 8.81 -22.72
C GLU A 31 61.21 9.13 -21.22
N ILE A 32 62.18 8.76 -20.38
CA ILE A 32 62.07 8.92 -18.93
C ILE A 32 61.92 10.39 -18.53
N MET A 33 62.66 11.31 -19.16
CA MET A 33 62.52 12.74 -18.84
C MET A 33 61.10 13.24 -19.13
N THR A 34 60.47 12.85 -20.24
CA THR A 34 59.08 13.26 -20.50
C THR A 34 58.09 12.70 -19.48
N LYS A 35 58.27 11.44 -19.03
CA LYS A 35 57.42 10.86 -17.99
C LYS A 35 57.61 11.56 -16.63
N ALA A 36 58.84 11.99 -16.30
CA ALA A 36 59.09 12.79 -15.10
C ALA A 36 58.41 14.17 -15.18
N ILE A 37 58.49 14.86 -16.32
CA ILE A 37 57.85 16.18 -16.55
C ILE A 37 56.32 16.05 -16.45
N GLU A 38 55.68 15.16 -17.21
CA GLU A 38 54.23 14.98 -17.17
C GLU A 38 53.73 14.50 -15.80
N GLY A 39 54.53 13.69 -15.09
CA GLY A 39 54.22 13.25 -13.74
C GLY A 39 54.28 14.37 -12.71
N LEU A 40 55.23 15.31 -12.84
CA LEU A 40 55.35 16.46 -11.94
C LEU A 40 54.14 17.38 -12.06
N LEU A 41 53.82 17.87 -13.27
CA LEU A 41 52.72 18.80 -13.46
C LEU A 41 51.39 18.22 -12.96
N SER A 42 51.11 16.96 -13.26
CA SER A 42 49.91 16.25 -12.80
C SER A 42 49.78 16.11 -11.27
N ASN A 43 50.84 16.35 -10.50
CA ASN A 43 50.83 16.34 -9.03
C ASN A 43 50.78 17.74 -8.38
N LEU A 44 50.84 18.83 -9.14
CA LEU A 44 50.67 20.19 -8.60
C LEU A 44 49.21 20.62 -8.52
N ASP A 45 48.50 20.64 -9.64
CA ASP A 45 47.12 21.13 -9.74
C ASP A 45 46.34 20.42 -10.86
N ALA A 46 45.01 20.57 -10.88
CA ALA A 46 44.18 19.99 -11.93
C ALA A 46 44.33 20.70 -13.30
N HIS A 47 44.78 21.95 -13.31
CA HIS A 47 44.71 22.83 -14.49
C HIS A 47 45.96 22.82 -15.37
N SER A 48 47.12 22.39 -14.88
CA SER A 48 48.37 22.42 -15.65
C SER A 48 48.48 21.35 -16.74
N ALA A 49 49.31 21.60 -17.74
CA ALA A 49 49.61 20.68 -18.84
C ALA A 49 50.99 20.94 -19.47
N TYR A 50 51.59 19.93 -20.09
CA TYR A 50 52.83 20.03 -20.86
C TYR A 50 52.55 19.88 -22.37
N LEU A 51 53.14 20.76 -23.18
CA LEU A 51 53.03 20.76 -24.64
C LEU A 51 54.41 20.51 -25.25
N ASN A 52 54.59 19.37 -25.92
CA ASN A 52 55.77 19.12 -26.76
C ASN A 52 55.74 20.02 -28.01
N GLU A 53 56.77 19.97 -28.85
CA GLU A 53 56.87 20.86 -30.01
C GLU A 53 55.72 20.72 -31.03
N LYS A 54 55.27 19.51 -31.34
CA LYS A 54 54.13 19.28 -32.23
C LYS A 54 52.85 19.89 -31.67
N LYS A 55 52.56 19.64 -30.38
CA LYS A 55 51.38 20.17 -29.69
C LYS A 55 51.46 21.69 -29.47
N PHE A 56 52.65 22.23 -29.18
CA PHE A 56 52.89 23.66 -29.03
C PHE A 56 52.68 24.39 -30.36
N LYS A 57 53.26 23.89 -31.46
CA LYS A 57 53.02 24.40 -32.81
C LYS A 57 51.54 24.32 -33.18
N GLU A 58 50.87 23.19 -32.91
CA GLU A 58 49.43 23.07 -33.16
C GLU A 58 48.61 24.09 -32.37
N PHE A 59 48.92 24.31 -31.09
CA PHE A 59 48.26 25.33 -30.27
C PHE A 59 48.47 26.76 -30.82
N GLN A 60 49.64 27.07 -31.39
CA GLN A 60 49.89 28.35 -32.06
C GLN A 60 49.20 28.44 -33.43
N ALA A 61 49.04 27.33 -34.15
CA ALA A 61 48.43 27.29 -35.48
C ALA A 61 46.89 27.39 -35.46
N GLN A 62 46.22 26.74 -34.50
CA GLN A 62 44.76 26.73 -34.40
C GLN A 62 44.18 28.12 -34.13
N THR A 63 43.06 28.45 -34.77
CA THR A 63 42.21 29.61 -34.40
C THR A 63 41.13 29.20 -33.40
N GLU A 64 40.50 28.03 -33.56
CA GLU A 64 39.44 27.52 -32.67
C GLU A 64 39.94 26.37 -31.78
N PHE A 67 37.15 22.65 -33.68
CA PHE A 67 36.31 23.62 -34.38
C PHE A 67 34.81 23.37 -34.15
N GLY A 68 34.38 22.12 -34.21
CA GLY A 68 33.07 21.67 -33.74
C GLY A 68 33.13 21.22 -32.28
N GLY A 69 32.13 21.59 -31.48
CA GLY A 69 32.08 21.32 -30.04
C GLY A 69 30.90 20.46 -29.61
N LEU A 70 31.01 19.87 -28.42
CA LEU A 70 29.94 19.15 -27.74
C LEU A 70 29.03 20.10 -26.93
N GLY A 71 29.60 21.10 -26.27
CA GLY A 71 28.88 22.16 -25.55
C GLY A 71 28.88 22.11 -24.03
N ILE A 72 29.44 21.06 -23.40
CA ILE A 72 29.64 21.02 -21.95
C ILE A 72 30.92 21.76 -21.54
N THR A 73 30.93 22.32 -20.33
CA THR A 73 32.12 22.85 -19.64
C THR A 73 32.42 21.96 -18.44
N VAL A 74 33.67 21.53 -18.26
CA VAL A 74 34.07 20.55 -17.23
C VAL A 74 35.13 21.10 -16.27
N GLY A 75 35.08 20.63 -15.02
CA GLY A 75 36.01 21.01 -13.96
C GLY A 75 36.08 19.94 -12.88
N MET A 76 37.24 19.81 -12.24
CA MET A 76 37.49 18.75 -11.26
C MET A 76 37.06 19.18 -9.87
N ARG A 77 36.29 18.33 -9.18
CA ARG A 77 35.79 18.56 -7.82
C ARG A 77 35.85 17.25 -7.03
N ASP A 78 36.30 17.29 -5.78
CA ASP A 78 36.51 16.11 -4.90
C ASP A 78 37.22 14.90 -5.57
N GLY A 79 38.15 15.17 -6.48
CA GLY A 79 38.99 14.16 -7.14
C GLY A 79 38.40 13.51 -8.41
N VAL A 80 37.28 14.01 -8.97
CA VAL A 80 36.68 13.50 -10.21
C VAL A 80 36.27 14.63 -11.16
N LEU A 81 36.14 14.34 -12.46
CA LEU A 81 35.61 15.30 -13.43
C LEU A 81 34.10 15.47 -13.24
N THR A 82 33.63 16.72 -13.33
CA THR A 82 32.21 17.07 -13.21
C THR A 82 31.82 18.10 -14.26
N VAL A 83 30.54 18.13 -14.65
CA VAL A 83 29.98 19.17 -15.51
C VAL A 83 29.71 20.44 -14.70
N ILE A 84 30.27 21.59 -15.08
CA ILE A 84 29.91 22.89 -14.50
C ILE A 84 28.53 23.30 -15.02
N ALA A 85 28.39 23.46 -16.34
CA ALA A 85 27.12 23.69 -17.02
C ALA A 85 27.21 23.29 -18.51
N PRO A 86 26.15 22.73 -19.10
CA PRO A 86 25.97 22.68 -20.55
C PRO A 86 25.52 24.05 -21.07
N LEU A 87 26.20 24.62 -22.06
CA LEU A 87 25.86 25.96 -22.56
C LEU A 87 24.51 25.94 -23.29
N GLU A 88 23.66 26.94 -23.04
CA GLU A 88 22.25 26.92 -23.45
C GLU A 88 22.05 26.84 -24.97
N GLY A 89 21.30 25.83 -25.43
CA GLY A 89 21.02 25.61 -26.86
C GLY A 89 22.07 24.78 -27.63
N THR A 90 23.19 24.38 -27.01
CA THR A 90 24.16 23.43 -27.59
C THR A 90 23.61 22.00 -27.64
N PRO A 91 24.16 21.09 -28.48
CA PRO A 91 23.65 19.74 -28.58
C PRO A 91 23.70 18.95 -27.26
N ALA A 92 24.71 19.16 -26.40
CA ALA A 92 24.72 18.55 -25.07
C ALA A 92 23.64 19.09 -24.11
N TYR A 93 23.23 20.35 -24.26
CA TYR A 93 22.10 20.91 -23.51
C TYR A 93 20.79 20.22 -23.92
N LYS A 94 20.55 20.08 -25.23
CA LYS A 94 19.38 19.38 -25.79
C LYS A 94 19.36 17.88 -25.44
N ALA A 95 20.53 17.24 -25.39
CA ALA A 95 20.66 15.81 -25.08
C ALA A 95 20.30 15.43 -23.63
N GLY A 96 20.21 16.38 -22.69
CA GLY A 96 19.81 16.13 -21.31
C GLY A 96 20.96 15.95 -20.30
N VAL A 97 22.16 16.45 -20.60
CA VAL A 97 23.25 16.58 -19.61
C VAL A 97 22.92 17.71 -18.63
N LYS A 98 23.38 17.66 -17.37
CA LYS A 98 23.07 18.66 -16.32
C LYS A 98 24.30 19.02 -15.48
N SER A 99 24.24 20.15 -14.78
CA SER A 99 25.26 20.53 -13.78
C SER A 99 25.39 19.48 -12.69
N GLY A 100 26.62 19.22 -12.23
CA GLY A 100 26.89 18.25 -11.16
C GLY A 100 26.84 16.78 -11.59
N ASP A 101 26.61 16.47 -12.88
CA ASP A 101 26.87 15.16 -13.45
C ASP A 101 28.37 14.85 -13.39
N ASN A 102 28.74 13.67 -12.88
CA ASN A 102 30.10 13.14 -12.95
C ASN A 102 30.32 12.40 -14.27
N ILE A 103 31.51 12.50 -14.88
CA ILE A 103 31.79 11.84 -16.16
C ILE A 103 32.62 10.58 -15.90
N LEU A 104 32.12 9.42 -16.33
CA LEU A 104 32.71 8.11 -16.07
C LEU A 104 33.56 7.57 -17.23
N LYS A 105 33.10 7.77 -18.47
CA LYS A 105 33.82 7.38 -19.71
C LYS A 105 33.52 8.35 -20.84
N ILE A 106 34.49 8.55 -21.73
CA ILE A 106 34.33 9.25 -23.02
C ILE A 106 34.66 8.26 -24.14
N ASN A 107 33.74 8.00 -25.06
CA ASN A 107 33.77 6.82 -25.94
C ASN A 107 34.12 5.56 -25.13
N ASN A 108 35.28 4.94 -25.39
CA ASN A 108 35.74 3.73 -24.71
C ASN A 108 36.74 3.99 -23.56
N GLU A 109 37.09 5.24 -23.28
CA GLU A 109 38.19 5.62 -22.36
C GLU A 109 37.67 6.02 -20.97
N SER A 110 38.23 5.44 -19.91
CA SER A 110 37.91 5.76 -18.51
C SER A 110 38.45 7.13 -18.10
N THR A 111 37.66 7.93 -17.37
CA THR A 111 38.11 9.21 -16.79
C THR A 111 38.97 9.07 -15.53
N LEU A 112 39.19 7.86 -15.02
CA LEU A 112 40.05 7.62 -13.87
C LEU A 112 41.49 8.08 -14.17
N SER A 113 42.06 8.90 -13.30
CA SER A 113 43.43 9.45 -13.45
C SER A 113 43.66 10.22 -14.77
N MET A 114 42.68 11.01 -15.21
CA MET A 114 42.70 11.81 -16.43
C MET A 114 42.51 13.30 -16.12
N SER A 115 43.19 14.21 -16.82
CA SER A 115 43.16 15.65 -16.54
C SER A 115 42.05 16.39 -17.28
N ILE A 116 41.72 17.61 -16.82
CA ILE A 116 40.75 18.50 -17.49
C ILE A 116 41.15 18.78 -18.94
N ASP A 117 42.44 18.98 -19.22
CA ASP A 117 42.92 19.24 -20.57
C ASP A 117 42.85 18.00 -21.47
N ASP A 118 43.01 16.79 -20.93
CA ASP A 118 42.78 15.56 -21.70
C ASP A 118 41.32 15.44 -22.15
N ALA A 119 40.37 15.63 -21.25
CA ALA A 119 38.95 15.53 -21.56
C ALA A 119 38.52 16.54 -22.63
N ILE A 120 38.96 17.81 -22.53
CA ILE A 120 38.65 18.81 -23.55
C ILE A 120 39.20 18.41 -24.93
N ASN A 121 40.42 17.86 -25.01
CA ASN A 121 41.00 17.43 -26.28
C ASN A 121 40.35 16.16 -26.87
N LEU A 122 39.77 15.28 -26.04
CA LEU A 122 38.92 14.18 -26.52
C LEU A 122 37.58 14.70 -27.06
N MET A 123 36.97 15.69 -26.41
CA MET A 123 35.66 16.23 -26.81
C MET A 123 35.70 17.12 -28.07
N ARG A 124 36.70 17.99 -28.23
CA ARG A 124 36.81 18.89 -29.40
C ARG A 124 36.99 18.12 -30.71
N GLY A 125 36.35 18.57 -31.79
CA GLY A 125 36.40 17.89 -33.09
C GLY A 125 35.86 18.72 -34.26
N LYS A 126 35.01 18.12 -35.08
CA LYS A 126 34.44 18.70 -36.32
C LYS A 126 32.93 18.48 -36.41
N PRO A 127 32.19 19.27 -37.21
CA PRO A 127 30.74 19.12 -37.39
C PRO A 127 30.29 17.71 -37.82
N LYS A 128 29.05 17.37 -37.48
CA LYS A 128 28.34 16.10 -37.79
C LYS A 128 29.04 14.82 -37.29
N THR A 129 30.03 14.93 -36.41
CA THR A 129 30.89 13.81 -35.99
C THR A 129 30.44 13.28 -34.64
N PRO A 130 30.12 11.97 -34.49
CA PRO A 130 29.61 11.40 -33.24
C PRO A 130 30.58 11.46 -32.05
N ILE A 131 30.02 11.39 -30.85
CA ILE A 131 30.71 11.06 -29.60
C ILE A 131 29.73 10.38 -28.63
N GLN A 132 30.22 9.55 -27.71
CA GLN A 132 29.42 8.89 -26.68
C GLN A 132 29.97 9.20 -25.29
N ILE A 133 29.09 9.46 -24.32
CA ILE A 133 29.45 9.86 -22.96
C ILE A 133 28.73 8.96 -21.94
N THR A 134 29.41 8.49 -20.91
CA THR A 134 28.79 7.77 -19.78
C THR A 134 28.89 8.61 -18.51
N ILE A 135 27.78 8.80 -17.81
CA ILE A 135 27.60 9.76 -16.72
C ILE A 135 27.01 9.09 -15.47
N VAL A 136 27.38 9.57 -14.29
CA VAL A 136 26.74 9.23 -13.02
C VAL A 136 26.02 10.46 -12.45
N ARG A 137 24.75 10.27 -12.06
CA ARG A 137 23.84 11.33 -11.59
C ARG A 137 23.20 10.91 -10.26
N LYS A 138 23.11 11.84 -9.29
CA LYS A 138 22.97 11.51 -7.85
C LYS A 138 21.76 10.64 -7.49
N ASN A 139 20.62 10.88 -8.12
CA ASN A 139 19.36 10.18 -7.82
C ASN A 139 19.25 8.77 -8.44
N GLU A 140 20.10 8.42 -9.40
CA GLU A 140 19.92 7.24 -10.27
C GLU A 140 20.50 5.94 -9.67
N PRO A 141 19.95 4.76 -10.01
CA PRO A 141 20.45 3.47 -9.53
C PRO A 141 21.65 2.93 -10.32
N LYS A 142 21.83 3.39 -11.57
CA LYS A 142 22.84 2.92 -12.54
C LYS A 142 23.35 4.08 -13.40
N PRO A 143 24.54 3.97 -14.04
CA PRO A 143 25.04 4.97 -14.99
C PRO A 143 24.11 5.23 -16.18
N LEU A 144 24.20 6.43 -16.74
CA LEU A 144 23.45 6.89 -17.92
C LEU A 144 24.41 6.97 -19.11
N VAL A 145 23.92 6.66 -20.31
CA VAL A 145 24.71 6.74 -21.56
C VAL A 145 24.04 7.69 -22.54
N PHE A 146 24.82 8.59 -23.13
CA PHE A 146 24.36 9.57 -24.11
C PHE A 146 25.16 9.44 -25.41
N ASN A 147 24.48 9.58 -26.55
CA ASN A 147 25.10 9.66 -27.88
C ASN A 147 24.75 11.00 -28.53
N ILE A 148 25.75 11.77 -28.94
CA ILE A 148 25.59 13.15 -29.41
C ILE A 148 26.38 13.36 -30.70
N ILE A 149 25.92 14.21 -31.62
CA ILE A 149 26.70 14.63 -32.80
C ILE A 149 27.19 16.07 -32.65
N ARG A 150 28.50 16.28 -32.84
CA ARG A 150 29.16 17.57 -32.64
C ARG A 150 28.82 18.58 -33.72
N ASP A 151 28.88 19.86 -33.40
CA ASP A 151 28.34 20.95 -34.22
C ASP A 151 29.10 22.27 -33.99
N ILE A 152 28.88 23.27 -34.86
CA ILE A 152 29.34 24.65 -34.65
C ILE A 152 28.43 25.39 -33.65
N ILE A 153 28.99 26.27 -32.83
CA ILE A 153 28.18 26.95 -31.76
C ILE A 153 27.47 28.21 -32.32
N LYS A 154 26.18 28.39 -32.02
CA LYS A 154 25.40 29.52 -32.59
C LYS A 154 24.53 30.18 -31.51
N LEU A 155 23.45 30.90 -31.89
CA LEU A 155 22.48 31.55 -30.96
C LEU A 155 23.03 32.85 -30.35
N PRO A 156 22.19 33.85 -30.02
CA PRO A 156 22.66 35.08 -29.38
C PRO A 156 23.15 34.82 -27.97
N SER A 157 24.01 35.69 -27.46
CA SER A 157 24.50 35.55 -26.07
C SER A 157 23.46 36.16 -25.15
N VAL A 158 23.24 37.46 -25.30
CA VAL A 158 22.30 38.16 -24.40
C VAL A 158 20.97 38.46 -25.08
N TYR A 159 19.92 38.73 -24.30
CA TYR A 159 18.70 39.39 -24.76
C TYR A 159 17.98 40.14 -23.64
N VAL A 160 17.14 41.11 -23.98
CA VAL A 160 16.34 41.94 -23.06
C VAL A 160 14.86 41.79 -23.36
N LYS A 161 14.04 41.45 -22.36
CA LYS A 161 12.57 41.40 -22.47
C LYS A 161 11.93 42.35 -21.47
N LYS A 162 10.82 42.97 -21.86
CA LYS A 162 9.96 43.71 -20.93
C LYS A 162 9.07 42.73 -20.16
N ILE A 163 8.77 43.01 -18.90
CA ILE A 163 7.88 42.19 -18.08
C ILE A 163 6.48 42.81 -18.11
N LYS A 164 5.42 42.00 -18.29
CA LYS A 164 4.04 42.53 -18.35
C LYS A 164 3.62 43.19 -17.03
N GLU A 165 2.65 44.11 -17.12
CA GLU A 165 2.01 44.85 -16.02
C GLU A 165 2.95 45.57 -15.00
N THR A 166 4.22 45.77 -15.32
CA THR A 166 5.24 46.29 -14.38
C THR A 166 6.31 47.15 -15.07
N PRO A 167 7.02 48.06 -14.36
CA PRO A 167 8.08 48.90 -14.92
C PRO A 167 9.47 48.23 -15.12
N TYR A 168 9.58 46.90 -15.10
CA TYR A 168 10.85 46.20 -14.91
C TYR A 168 11.27 45.38 -16.14
N LEU A 169 12.58 45.26 -16.36
CA LEU A 169 13.18 44.52 -17.48
C LEU A 169 13.86 43.24 -17.01
N TYR A 170 13.80 42.20 -17.84
CA TYR A 170 14.53 40.96 -17.65
C TYR A 170 15.70 40.92 -18.63
N VAL A 171 16.94 40.81 -18.13
CA VAL A 171 18.16 40.75 -18.93
C VAL A 171 18.83 39.39 -18.73
N ARG A 172 18.99 38.62 -19.79
CA ARG A 172 19.64 37.30 -19.76
C ARG A 172 21.03 37.42 -20.35
N VAL A 173 22.05 36.95 -19.64
CA VAL A 173 23.45 36.89 -20.12
C VAL A 173 23.92 35.46 -19.99
N SER A 174 24.05 34.76 -21.13
CA SER A 174 24.25 33.30 -21.17
C SER A 174 25.72 32.87 -21.13
N GLY A 175 26.62 33.71 -21.62
CA GLY A 175 28.08 33.57 -21.51
C GLY A 175 28.78 34.89 -21.83
N PHE A 176 29.93 35.16 -21.23
CA PHE A 176 30.64 36.44 -21.40
C PHE A 176 31.50 36.45 -22.68
N ASP A 177 30.83 36.36 -23.83
CA ASP A 177 31.41 36.56 -25.16
C ASP A 177 31.60 38.05 -25.49
N LYS A 178 32.45 38.35 -26.48
CA LYS A 178 33.02 39.69 -26.71
C LYS A 178 32.03 40.86 -26.91
N ASN A 179 30.79 40.60 -27.29
CA ASN A 179 29.78 41.64 -27.58
C ASN A 179 28.87 42.00 -26.39
N VAL A 180 29.00 41.37 -25.22
CA VAL A 180 28.08 41.55 -24.08
C VAL A 180 27.90 43.00 -23.64
N THR A 181 28.99 43.75 -23.38
CA THR A 181 28.87 45.10 -22.80
C THR A 181 28.06 46.04 -23.70
N LYS A 182 28.34 46.05 -25.01
CA LYS A 182 27.62 46.88 -25.98
C LYS A 182 26.17 46.43 -26.17
N SER A 183 25.94 45.13 -26.26
CA SER A 183 24.59 44.59 -26.48
C SER A 183 23.65 44.87 -25.29
N VAL A 184 24.13 44.81 -24.05
CA VAL A 184 23.33 45.17 -22.86
C VAL A 184 23.08 46.68 -22.80
N LEU A 185 24.09 47.52 -23.06
CA LEU A 185 23.92 48.98 -23.05
C LEU A 185 22.89 49.46 -24.08
N GLU A 186 22.91 48.90 -25.30
CA GLU A 186 21.90 49.24 -26.31
C GLU A 186 20.49 48.76 -25.92
N GLY A 187 20.37 47.61 -25.25
CA GLY A 187 19.09 47.15 -24.72
C GLY A 187 18.48 48.08 -23.66
N LEU A 188 19.31 48.76 -22.86
CA LEU A 188 18.85 49.80 -21.92
C LEU A 188 18.52 51.11 -22.63
N LYS A 189 19.34 51.56 -23.59
CA LYS A 189 19.02 52.74 -24.42
C LYS A 189 17.72 52.59 -25.22
N ALA A 190 17.34 51.38 -25.59
CA ALA A 190 16.08 51.06 -26.25
C ALA A 190 14.83 51.07 -25.32
N ASN A 191 14.99 51.21 -24.00
CA ASN A 191 13.90 51.13 -23.01
C ASN A 191 14.01 52.25 -21.94
N PRO A 192 13.97 53.55 -22.34
CA PRO A 192 14.29 54.67 -21.45
C PRO A 192 13.30 54.92 -20.31
N LYS A 193 12.13 54.28 -20.30
CA LYS A 193 11.11 54.39 -19.24
C LYS A 193 11.27 53.40 -18.07
N ALA A 194 12.13 52.39 -18.19
CA ALA A 194 12.27 51.32 -17.20
C ALA A 194 12.76 51.81 -15.83
N LYS A 195 12.39 51.10 -14.77
CA LYS A 195 12.72 51.42 -13.36
C LYS A 195 13.35 50.26 -12.58
N GLY A 196 13.94 49.26 -13.25
CA GLY A 196 14.72 48.21 -12.59
C GLY A 196 15.03 47.02 -13.46
N ILE A 197 16.12 46.32 -13.15
CA ILE A 197 16.68 45.21 -13.91
C ILE A 197 16.67 43.93 -13.09
N VAL A 198 16.32 42.80 -13.70
CA VAL A 198 16.72 41.47 -13.23
C VAL A 198 17.86 40.97 -14.12
N LEU A 199 19.02 40.62 -13.56
CA LEU A 199 20.13 39.98 -14.29
C LEU A 199 20.13 38.49 -14.00
N ASP A 200 20.00 37.65 -15.02
CA ASP A 200 19.92 36.21 -14.85
C ASP A 200 21.24 35.51 -15.21
N LEU A 201 22.13 35.35 -14.24
CA LEU A 201 23.44 34.71 -14.37
C LEU A 201 23.42 33.21 -13.97
N ARG A 202 22.24 32.58 -13.88
CA ARG A 202 22.10 31.14 -13.63
C ARG A 202 22.66 30.33 -14.79
N GLY A 203 23.35 29.22 -14.50
CA GLY A 203 23.91 28.33 -15.53
C GLY A 203 24.95 28.93 -16.49
N ASN A 204 25.50 30.11 -16.22
CA ASN A 204 26.52 30.80 -17.02
C ASN A 204 27.93 30.46 -16.48
N PRO A 205 28.77 29.69 -17.20
CA PRO A 205 30.00 29.13 -16.66
C PRO A 205 31.27 29.96 -16.85
N GLY A 206 31.26 31.09 -17.58
CA GLY A 206 32.46 31.94 -17.73
C GLY A 206 32.52 32.78 -19.02
N GLY A 207 33.72 33.28 -19.32
CA GLY A 207 34.05 34.04 -20.53
C GLY A 207 35.17 35.09 -20.33
N LEU A 208 35.18 36.13 -21.16
CA LEU A 208 36.24 37.14 -21.22
C LEU A 208 36.24 38.09 -20.01
N LEU A 209 37.40 38.31 -19.38
CA LEU A 209 37.51 39.26 -18.27
C LEU A 209 37.20 40.69 -18.69
N ASN A 210 37.59 41.14 -19.89
CA ASN A 210 37.28 42.50 -20.34
C ASN A 210 35.76 42.77 -20.48
N GLN A 211 34.93 41.72 -20.58
CA GLN A 211 33.46 41.85 -20.55
C GLN A 211 32.91 41.79 -19.12
N ALA A 212 33.50 41.04 -18.19
CA ALA A 212 33.06 41.05 -16.79
C ALA A 212 33.29 42.43 -16.14
N VAL A 213 34.47 43.03 -16.31
CA VAL A 213 34.71 44.41 -15.85
C VAL A 213 33.96 45.43 -16.73
N GLY A 214 33.76 45.14 -18.01
CA GLY A 214 32.99 46.00 -18.91
C GLY A 214 31.53 46.17 -18.51
N LEU A 215 30.84 45.07 -18.21
CA LEU A 215 29.46 45.08 -17.72
C LEU A 215 29.36 45.77 -16.36
N SER A 216 30.26 45.44 -15.43
CA SER A 216 30.29 46.04 -14.08
C SER A 216 30.46 47.56 -14.13
N ASN A 217 31.22 48.09 -15.09
CA ASN A 217 31.43 49.52 -15.26
C ASN A 217 30.20 50.27 -15.81
N LEU A 218 29.10 49.63 -16.21
CA LEU A 218 27.84 50.35 -16.45
C LEU A 218 27.18 50.82 -15.14
N PHE A 219 27.41 50.12 -14.03
CA PHE A 219 26.60 50.23 -12.81
C PHE A 219 27.36 50.72 -11.57
N ILE A 220 28.68 50.55 -11.48
CA ILE A 220 29.53 51.01 -10.37
C ILE A 220 30.39 52.19 -10.83
N LYS A 221 30.34 53.33 -10.13
CA LYS A 221 31.02 54.57 -10.53
C LYS A 221 32.50 54.65 -10.12
N GLU A 222 32.86 54.26 -8.90
CA GLU A 222 34.21 54.43 -8.34
C GLU A 222 34.66 53.24 -7.46
N GLY A 223 35.98 53.11 -7.25
CA GLY A 223 36.62 52.07 -6.42
C GLY A 223 37.12 50.84 -7.18
N VAL A 224 37.69 49.88 -6.46
CA VAL A 224 38.20 48.61 -7.02
C VAL A 224 37.07 47.67 -7.41
N LEU A 225 37.17 47.03 -8.58
CA LEU A 225 36.24 46.02 -9.06
C LEU A 225 36.70 44.60 -8.72
N VAL A 226 37.96 44.26 -9.02
CA VAL A 226 38.58 42.95 -8.76
C VAL A 226 40.11 43.10 -8.83
N SER A 227 40.88 42.15 -8.29
CA SER A 227 42.33 42.11 -8.43
C SER A 227 42.88 40.69 -8.57
N GLN A 228 44.08 40.57 -9.16
CA GLN A 228 44.88 39.35 -9.26
C GLN A 228 46.04 39.40 -8.26
N LYS A 229 46.30 38.32 -7.51
CA LYS A 229 47.53 38.18 -6.73
C LYS A 229 48.17 36.80 -6.87
N GLY A 230 49.49 36.77 -6.74
CA GLY A 230 50.35 35.61 -6.56
C GLY A 230 51.60 36.02 -5.78
N LYS A 231 52.44 35.07 -5.36
CA LYS A 231 53.50 35.29 -4.35
C LYS A 231 54.55 36.37 -4.68
N ASN A 232 54.75 36.70 -5.96
CA ASN A 232 55.89 37.47 -6.43
C ASN A 232 55.82 38.99 -6.20
N LYS A 233 54.66 39.55 -5.81
CA LYS A 233 54.45 40.99 -5.56
C LYS A 233 54.82 41.90 -6.76
N GLU A 234 54.70 41.37 -7.96
CA GLU A 234 54.75 42.08 -9.24
C GLU A 234 53.87 41.34 -10.25
N GLU A 235 53.29 42.07 -11.21
CA GLU A 235 52.16 41.63 -12.05
C GLU A 235 50.87 41.32 -11.23
N SER A 236 50.75 41.86 -10.02
CA SER A 236 49.55 41.84 -9.18
C SER A 236 48.54 42.91 -9.64
N LEU A 237 47.98 42.77 -10.84
CA LEU A 237 47.06 43.75 -11.43
C LEU A 237 45.81 43.97 -10.57
N GLU A 238 45.31 45.19 -10.60
CA GLU A 238 44.11 45.65 -9.90
C GLU A 238 43.25 46.52 -10.82
N TYR A 239 41.95 46.25 -10.88
CA TYR A 239 41.03 46.90 -11.81
C TYR A 239 40.11 47.87 -11.07
N LYS A 240 40.02 49.11 -11.53
CA LYS A 240 39.23 50.19 -10.90
C LYS A 240 38.22 50.77 -11.88
N ALA A 241 37.06 51.18 -11.38
CA ALA A 241 36.05 51.86 -12.19
C ALA A 241 36.52 53.26 -12.63
N ASN A 242 36.15 53.67 -13.84
CA ASN A 242 36.65 54.88 -14.50
C ASN A 242 35.87 56.18 -14.21
N GLY A 243 34.88 56.17 -13.32
CA GLY A 243 34.05 57.35 -13.01
C GLY A 243 32.95 57.70 -14.02
N ARG A 244 32.79 56.92 -15.09
CA ARG A 244 31.92 57.24 -16.25
C ARG A 244 30.66 56.36 -16.37
N ALA A 245 30.32 55.60 -15.33
CA ALA A 245 29.16 54.71 -15.29
C ALA A 245 27.81 55.46 -15.49
N PRO A 246 26.96 55.11 -16.48
CA PRO A 246 25.69 55.83 -16.72
C PRO A 246 24.58 55.57 -15.70
N TYR A 247 24.43 54.32 -15.23
CA TYR A 247 23.26 53.86 -14.48
C TYR A 247 23.56 53.68 -12.99
N THR A 248 23.92 54.76 -12.31
CA THR A 248 24.34 54.71 -10.90
C THR A 248 23.20 54.54 -9.88
N ASN A 249 21.97 54.98 -10.19
CA ASN A 249 20.82 54.95 -9.27
C ASN A 249 19.78 53.82 -9.54
N LEU A 250 19.86 53.13 -10.68
CA LEU A 250 18.87 52.13 -11.09
C LEU A 250 18.87 50.87 -10.18
N PRO A 251 17.72 50.39 -9.68
CA PRO A 251 17.59 49.13 -8.93
C PRO A 251 18.01 47.87 -9.71
N ILE A 252 18.71 46.93 -9.08
CA ILE A 252 19.17 45.68 -9.71
C ILE A 252 18.90 44.49 -8.77
N ALA A 253 18.42 43.37 -9.30
CA ALA A 253 18.43 42.07 -8.61
C ALA A 253 19.18 41.03 -9.47
N VAL A 254 20.04 40.21 -8.88
CA VAL A 254 20.90 39.25 -9.60
C VAL A 254 20.57 37.83 -9.20
N LEU A 255 20.33 36.94 -10.15
CA LEU A 255 20.07 35.53 -9.89
C LEU A 255 21.33 34.70 -10.16
N VAL A 256 21.73 33.83 -9.24
CA VAL A 256 22.90 32.95 -9.33
C VAL A 256 22.57 31.56 -8.80
N ASN A 257 23.21 30.51 -9.33
CA ASN A 257 23.04 29.13 -8.86
C ASN A 257 24.30 28.29 -9.06
N GLY A 258 24.23 26.98 -8.80
CA GLY A 258 25.39 26.09 -8.78
C GLY A 258 26.17 25.92 -10.08
N GLY A 259 25.65 26.41 -11.21
CA GLY A 259 26.35 26.46 -12.50
C GLY A 259 27.06 27.79 -12.79
N SER A 260 26.89 28.82 -11.96
CA SER A 260 27.58 30.11 -12.13
C SER A 260 29.04 30.01 -11.71
N ALA A 261 29.98 30.42 -12.55
CA ALA A 261 31.42 30.31 -12.25
C ALA A 261 32.28 31.43 -12.87
N ALA A 262 33.46 31.67 -12.32
CA ALA A 262 34.53 32.50 -12.89
C ALA A 262 34.08 33.95 -13.22
N ALA A 263 34.02 34.37 -14.47
CA ALA A 263 33.55 35.71 -14.86
C ALA A 263 32.14 36.04 -14.34
N SER A 264 31.26 35.05 -14.22
CA SER A 264 29.94 35.20 -13.59
C SER A 264 30.02 35.52 -12.09
N GLU A 265 30.98 34.95 -11.37
CA GLU A 265 31.20 35.23 -9.94
C GLU A 265 31.91 36.56 -9.69
N ILE A 266 32.71 37.04 -10.64
CA ILE A 266 33.35 38.37 -10.53
C ILE A 266 32.31 39.48 -10.59
N VAL A 267 31.33 39.40 -11.50
CA VAL A 267 30.23 40.39 -11.57
C VAL A 267 29.37 40.36 -10.31
N ALA A 268 28.90 39.20 -9.88
CA ALA A 268 28.09 39.08 -8.67
C ALA A 268 28.83 39.59 -7.43
N GLY A 269 30.09 39.20 -7.22
CA GLY A 269 30.88 39.65 -6.07
C GLY A 269 31.19 41.14 -6.07
N ALA A 270 31.46 41.77 -7.22
CA ALA A 270 31.67 43.21 -7.30
C ALA A 270 30.41 44.00 -6.94
N LEU A 271 29.25 43.65 -7.51
CA LEU A 271 27.99 44.32 -7.18
C LEU A 271 27.61 44.11 -5.71
N GLN A 272 27.80 42.92 -5.14
CA GLN A 272 27.51 42.65 -3.73
C GLN A 272 28.39 43.45 -2.78
N ASP A 273 29.71 43.54 -2.99
CA ASP A 273 30.61 44.30 -2.10
C ASP A 273 30.38 45.82 -2.18
N HIS A 274 30.04 46.37 -3.35
CA HIS A 274 29.69 47.79 -3.51
C HIS A 274 28.25 48.14 -3.11
N LYS A 275 27.48 47.17 -2.58
CA LYS A 275 26.06 47.31 -2.18
C LYS A 275 25.14 47.76 -3.33
N ARG A 276 25.50 47.54 -4.59
CA ARG A 276 24.73 47.96 -5.77
C ARG A 276 23.59 47.03 -6.15
N ALA A 277 23.48 45.83 -5.61
CA ALA A 277 22.46 44.86 -5.98
C ALA A 277 22.15 43.87 -4.86
N VAL A 278 21.04 43.14 -4.98
CA VAL A 278 20.68 42.04 -4.10
C VAL A 278 20.93 40.73 -4.83
N ILE A 279 21.65 39.78 -4.23
CA ILE A 279 22.01 38.51 -4.87
C ILE A 279 21.08 37.41 -4.37
N ILE A 280 20.45 36.64 -5.27
CA ILE A 280 19.33 35.75 -4.96
C ILE A 280 19.57 34.37 -5.58
N GLY A 281 19.20 33.27 -4.90
CA GLY A 281 19.22 31.93 -5.47
C GLY A 281 19.94 30.92 -4.60
N GLU A 282 21.05 30.37 -5.07
CA GLU A 282 21.80 29.29 -4.44
C GLU A 282 23.32 29.56 -4.55
N LYS A 283 24.17 28.93 -3.73
CA LYS A 283 25.62 29.17 -3.75
C LYS A 283 26.27 28.81 -5.10
N THR A 284 27.18 29.66 -5.59
CA THR A 284 27.86 29.48 -6.89
C THR A 284 28.97 28.42 -6.85
N PHE A 285 29.63 28.13 -7.97
CA PHE A 285 30.57 27.02 -8.10
C PHE A 285 31.94 27.26 -7.45
N GLY A 286 32.47 28.48 -7.46
CA GLY A 286 33.76 28.84 -6.86
C GLY A 286 34.97 28.50 -7.73
N ALA A 287 35.14 29.19 -8.85
CA ALA A 287 36.27 28.99 -9.78
C ALA A 287 37.15 30.25 -9.88
N GLY A 288 38.12 30.39 -8.96
CA GLY A 288 38.83 31.65 -8.71
C GLY A 288 40.29 31.75 -9.16
N SER A 289 40.71 31.02 -10.19
CA SER A 289 42.13 30.90 -10.61
C SER A 289 42.36 31.31 -12.06
N VAL A 290 43.58 31.75 -12.40
CA VAL A 290 44.02 32.02 -13.78
C VAL A 290 45.36 31.34 -14.10
N ALA A 291 45.48 30.78 -15.30
CA ALA A 291 46.62 30.00 -15.76
C ALA A 291 47.26 30.58 -17.03
N MET A 292 48.58 30.44 -17.17
CA MET A 292 49.39 31.05 -18.23
C MET A 292 50.33 30.02 -18.87
N LEU A 293 50.67 30.24 -20.13
CA LEU A 293 51.45 29.31 -20.95
C LEU A 293 52.87 29.86 -21.16
N LEU A 294 53.87 29.10 -20.75
CA LEU A 294 55.27 29.52 -20.64
C LEU A 294 56.18 28.65 -21.52
N PRO A 295 56.93 29.22 -22.49
CA PRO A 295 57.92 28.46 -23.25
C PRO A 295 59.11 28.04 -22.38
N VAL A 296 59.62 26.82 -22.57
CA VAL A 296 60.75 26.22 -21.84
C VAL A 296 61.65 25.46 -22.81
N ASN A 297 62.90 25.17 -22.42
CA ASN A 297 63.87 24.47 -23.25
C ASN A 297 64.02 25.15 -24.64
N LYS A 298 63.63 24.47 -25.71
CA LYS A 298 63.44 25.03 -27.05
C LYS A 298 62.15 24.49 -27.66
N ASP A 299 61.35 25.39 -28.23
CA ASP A 299 60.11 25.11 -28.97
C ASP A 299 59.08 24.18 -28.27
N GLU A 300 59.05 24.14 -26.94
CA GLU A 300 58.07 23.43 -26.12
C GLU A 300 57.65 24.29 -24.91
N ALA A 301 56.55 23.95 -24.22
CA ALA A 301 55.94 24.83 -23.22
C ALA A 301 55.22 24.08 -22.09
N ILE A 302 54.99 24.76 -20.98
CA ILE A 302 54.15 24.31 -19.86
C ILE A 302 53.04 25.33 -19.60
N LYS A 303 51.86 24.88 -19.18
CA LYS A 303 50.77 25.74 -18.68
C LYS A 303 50.61 25.53 -17.18
N ILE A 304 50.57 26.59 -16.37
CA ILE A 304 50.46 26.50 -14.90
C ILE A 304 49.60 27.62 -14.29
N THR A 305 48.97 27.35 -13.14
CA THR A 305 48.21 28.36 -12.39
C THR A 305 49.15 29.44 -11.88
N THR A 306 48.89 30.71 -12.20
CA THR A 306 49.83 31.82 -11.98
C THR A 306 49.29 32.93 -11.05
N ALA A 307 47.97 33.07 -10.89
CA ALA A 307 47.36 33.99 -9.93
C ALA A 307 45.96 33.53 -9.49
N ARG A 308 45.45 34.09 -8.40
CA ARG A 308 44.07 33.91 -7.91
C ARG A 308 43.34 35.26 -7.79
N TYR A 309 42.02 35.27 -7.94
CA TYR A 309 41.21 36.48 -7.91
C TYR A 309 40.75 36.86 -6.50
N TYR A 310 40.74 38.17 -6.21
CA TYR A 310 40.32 38.74 -4.94
C TYR A 310 39.24 39.80 -5.15
N LEU A 311 38.19 39.75 -4.33
CA LEU A 311 37.04 40.66 -4.37
C LEU A 311 37.35 41.99 -3.67
N PRO A 312 36.54 43.06 -3.85
CA PRO A 312 36.79 44.34 -3.21
C PRO A 312 36.93 44.30 -1.69
N SER A 313 36.23 43.41 -0.98
CA SER A 313 36.37 43.26 0.48
C SER A 313 37.62 42.48 0.93
N GLY A 314 38.45 42.01 0.00
CA GLY A 314 39.65 41.22 0.28
C GLY A 314 39.44 39.71 0.43
N ARG A 315 38.21 39.22 0.26
CA ARG A 315 37.90 37.78 0.14
C ARG A 315 38.43 37.22 -1.17
N THR A 316 38.57 35.89 -1.28
CA THR A 316 38.88 35.20 -2.54
C THR A 316 37.80 34.17 -2.91
N ILE A 317 37.58 33.98 -4.21
CA ILE A 317 36.53 33.12 -4.76
C ILE A 317 36.84 31.62 -4.52
N GLN A 318 38.12 31.21 -4.56
CA GLN A 318 38.57 29.83 -4.30
C GLN A 318 38.33 29.38 -2.85
N ALA A 319 37.67 28.26 -2.55
CA ALA A 319 36.67 27.53 -3.32
C ALA A 319 35.28 27.71 -2.67
N LYS A 320 35.04 28.89 -2.08
CA LYS A 320 33.79 29.26 -1.41
C LYS A 320 32.70 29.71 -2.39
N GLY A 321 33.07 30.38 -3.48
CA GLY A 321 32.11 31.05 -4.36
C GLY A 321 31.44 32.24 -3.68
N ILE A 322 30.36 32.73 -4.28
CA ILE A 322 29.51 33.81 -3.79
C ILE A 322 28.30 33.20 -3.09
N THR A 323 27.92 33.70 -1.93
CA THR A 323 26.71 33.25 -1.20
C THR A 323 25.58 34.27 -1.33
N PRO A 324 24.34 33.88 -1.64
CA PRO A 324 23.21 34.80 -1.82
C PRO A 324 22.90 35.63 -0.58
N ASP A 325 22.27 36.77 -0.76
CA ASP A 325 21.63 37.53 0.32
C ASP A 325 20.26 36.92 0.68
N ILE A 326 19.56 36.33 -0.28
CA ILE A 326 18.27 35.64 -0.11
C ILE A 326 18.39 34.26 -0.75
N VAL A 327 18.18 33.18 0.00
CA VAL A 327 18.35 31.79 -0.48
C VAL A 327 17.00 31.17 -0.81
N ILE A 328 16.86 30.57 -1.99
CA ILE A 328 15.63 29.89 -2.42
C ILE A 328 15.88 28.88 -3.55
N TYR A 329 15.49 27.62 -3.33
CA TYR A 329 15.65 26.51 -4.27
C TYR A 329 14.53 26.46 -5.33
N PRO A 330 14.70 25.76 -6.46
CA PRO A 330 13.73 25.72 -7.55
C PRO A 330 12.38 25.09 -7.17
N GLY A 331 11.30 25.52 -7.81
CA GLY A 331 9.94 25.01 -7.59
C GLY A 331 8.86 25.95 -8.13
N LYS A 332 7.62 25.48 -8.18
CA LYS A 332 6.43 26.25 -8.61
C LYS A 332 5.85 27.08 -7.47
N VAL A 333 5.21 28.21 -7.76
CA VAL A 333 4.56 29.06 -6.74
C VAL A 333 3.34 28.37 -6.09
N PRO A 334 2.97 28.68 -4.83
CA PRO A 334 1.74 28.18 -4.21
C PRO A 334 0.47 28.75 -4.86
N GLU A 335 -0.69 28.15 -4.58
CA GLU A 335 -1.95 28.39 -5.29
C GLU A 335 -3.16 28.55 -4.35
N ASN A 336 -4.14 29.37 -4.74
CA ASN A 336 -5.33 29.69 -3.95
C ASN A 336 -6.42 28.60 -4.03
N GLU A 337 -6.69 27.91 -2.92
CA GLU A 337 -7.79 26.93 -2.82
C GLU A 337 -9.08 27.47 -2.18
N ASN A 338 -9.00 28.45 -1.26
CA ASN A 338 -10.10 28.92 -0.43
C ASN A 338 -10.98 29.98 -1.14
N LYS A 339 -11.36 29.71 -2.39
CA LYS A 339 -12.00 30.66 -3.32
C LYS A 339 -13.45 31.01 -2.98
N PHE A 340 -14.15 30.14 -2.25
CA PHE A 340 -15.54 30.34 -1.79
C PHE A 340 -15.68 31.13 -0.47
N SER A 341 -14.58 31.63 0.10
CA SER A 341 -14.59 32.37 1.38
C SER A 341 -15.35 33.70 1.31
N LEU A 342 -15.89 34.12 2.47
CA LEU A 342 -16.86 35.21 2.62
C LEU A 342 -16.21 36.61 2.68
N LYS A 343 -16.83 37.62 2.05
CA LYS A 343 -16.38 39.02 2.01
C LYS A 343 -17.53 39.98 2.31
N GLU A 344 -17.26 41.25 2.59
CA GLU A 344 -18.29 42.29 2.82
C GLU A 344 -19.31 42.36 1.68
N ALA A 345 -18.90 42.19 0.43
CA ALA A 345 -19.79 42.22 -0.73
C ALA A 345 -20.80 41.06 -0.77
N ASP A 346 -20.61 39.99 -0.01
CA ASP A 346 -21.52 38.85 0.06
C ASP A 346 -22.66 39.03 1.08
N LEU A 347 -22.49 39.89 2.07
CA LEU A 347 -23.45 40.10 3.15
C LEU A 347 -24.69 40.85 2.64
N LYS A 348 -25.89 40.47 3.10
CA LYS A 348 -27.13 41.20 2.79
C LYS A 348 -27.17 42.53 3.56
N HIS A 349 -27.65 43.60 2.92
CA HIS A 349 -27.66 44.97 3.46
C HIS A 349 -26.28 45.60 3.74
N HIS A 350 -25.22 45.23 3.01
CA HIS A 350 -23.96 45.98 3.06
C HIS A 350 -24.16 47.40 2.50
N LEU A 351 -23.41 48.39 2.99
CA LEU A 351 -23.37 49.72 2.36
C LEU A 351 -22.67 49.59 1.00
N GLU A 352 -23.23 50.18 -0.05
CA GLU A 352 -22.71 50.04 -1.42
C GLU A 352 -21.41 50.82 -1.68
N GLN A 353 -20.71 50.46 -2.75
CA GLN A 353 -19.50 51.16 -3.21
C GLN A 353 -19.78 52.60 -3.63
N GLU A 354 -18.74 53.44 -3.66
CA GLU A 354 -18.82 54.82 -4.18
C GLU A 354 -17.53 55.28 -4.86
N GLU A 377 5.66 34.97 -27.49
CA GLU A 377 5.30 36.32 -27.08
C GLU A 377 6.56 37.21 -26.90
N LYS A 378 6.40 38.52 -27.10
CA LYS A 378 7.48 39.54 -27.06
C LYS A 378 7.89 39.95 -25.64
N GLU A 379 7.19 39.48 -24.61
CA GLU A 379 7.27 39.93 -23.22
C GLU A 379 7.17 38.76 -22.23
N VAL A 380 7.69 38.92 -21.01
CA VAL A 380 7.57 37.90 -19.95
C VAL A 380 6.16 37.93 -19.36
N THR A 381 5.43 36.82 -19.47
CA THR A 381 4.02 36.71 -19.07
C THR A 381 3.84 36.16 -17.65
N PRO A 382 2.69 36.37 -17.00
CA PRO A 382 2.43 35.81 -15.68
C PRO A 382 2.55 34.28 -15.63
N LYS A 383 2.18 33.58 -16.70
CA LYS A 383 2.30 32.12 -16.77
C LYS A 383 3.76 31.65 -16.70
N MET A 384 4.71 32.41 -17.26
CA MET A 384 6.14 32.15 -17.10
C MET A 384 6.59 32.36 -15.65
N ILE A 385 6.23 33.49 -15.04
CA ILE A 385 6.59 33.86 -13.66
C ILE A 385 6.06 32.86 -12.63
N ASN A 386 4.91 32.23 -12.86
CA ASN A 386 4.36 31.20 -11.96
C ASN A 386 5.15 29.88 -11.98
N ASP A 387 5.91 29.57 -13.04
CA ASP A 387 6.62 28.30 -13.19
C ASP A 387 7.97 28.21 -12.45
N ASP A 388 8.65 29.30 -12.08
CA ASP A 388 9.78 29.24 -11.14
C ASP A 388 9.76 30.37 -10.10
N ILE A 389 9.79 29.97 -8.82
CA ILE A 389 9.72 30.87 -7.68
C ILE A 389 10.97 31.74 -7.48
N GLN A 390 12.12 31.35 -8.03
CA GLN A 390 13.33 32.18 -8.05
C GLN A 390 13.12 33.48 -8.82
N LEU A 391 12.48 33.47 -10.00
CA LEU A 391 12.22 34.70 -10.75
C LEU A 391 11.17 35.58 -10.07
N LYS A 392 10.15 34.99 -9.44
CA LYS A 392 9.18 35.75 -8.64
C LYS A 392 9.87 36.52 -7.51
N THR A 393 10.78 35.86 -6.80
CA THR A 393 11.51 36.46 -5.67
C THR A 393 12.40 37.63 -6.08
N ALA A 394 12.94 37.63 -7.29
CA ALA A 394 13.69 38.77 -7.80
C ALA A 394 12.79 39.98 -8.02
N ILE A 395 11.59 39.80 -8.58
CA ILE A 395 10.64 40.89 -8.83
C ILE A 395 10.10 41.46 -7.51
N ASP A 396 9.78 40.61 -6.53
CA ASP A 396 9.34 41.07 -5.20
C ASP A 396 10.39 41.93 -4.48
N SER A 397 11.68 41.68 -4.72
CA SER A 397 12.76 42.50 -4.16
C SER A 397 12.84 43.86 -4.84
N LEU A 398 12.59 43.96 -6.14
CA LEU A 398 12.52 45.24 -6.84
C LEU A 398 11.31 46.08 -6.38
N LYS A 399 10.16 45.46 -6.10
CA LYS A 399 9.00 46.16 -5.51
C LYS A 399 9.28 46.75 -4.13
N THR A 400 10.05 46.07 -3.28
CA THR A 400 10.52 46.66 -2.01
C THR A 400 11.43 47.87 -2.26
N TRP A 401 12.38 47.79 -3.19
CA TRP A 401 13.31 48.89 -3.49
C TRP A 401 12.58 50.13 -4.00
N SER A 402 11.61 49.99 -4.92
CA SER A 402 10.82 51.13 -5.40
C SER A 402 10.09 51.88 -4.29
N ILE A 403 9.56 51.17 -3.28
CA ILE A 403 8.88 51.77 -2.14
C ILE A 403 9.84 52.55 -1.25
N VAL A 404 11.02 52.02 -0.92
CA VAL A 404 12.01 52.75 -0.11
C VAL A 404 12.51 54.01 -0.82
N ASP A 405 12.70 53.97 -2.14
CA ASP A 405 12.96 55.19 -2.92
C ASP A 405 11.81 56.20 -2.87
N GLU A 406 10.54 55.78 -3.02
CA GLU A 406 9.39 56.68 -2.95
C GLU A 406 9.20 57.28 -1.54
N LYS A 407 9.57 56.57 -0.47
CA LYS A 407 9.61 57.09 0.89
C LYS A 407 10.67 58.18 1.05
N MET A 408 11.91 57.91 0.65
CA MET A 408 13.04 58.83 0.81
C MET A 408 12.98 60.01 -0.16
N ASP A 409 12.30 59.86 -1.29
CA ASP A 409 11.90 60.89 -2.26
C ASP A 409 13.07 61.71 -2.83
N HIS B 7 -51.63 58.58 14.04
CA HIS B 7 -50.23 58.43 14.49
C HIS B 7 -49.43 57.55 13.52
N MET B 8 -48.10 57.56 13.63
CA MET B 8 -47.19 56.98 12.62
C MET B 8 -47.08 55.44 12.69
N PHE B 9 -47.38 54.83 13.83
CA PHE B 9 -47.12 53.40 14.10
C PHE B 9 -48.29 52.46 13.72
N SER B 10 -49.40 52.98 13.22
CA SER B 10 -50.62 52.20 12.94
C SER B 10 -50.37 51.00 12.02
N ARG B 11 -49.63 51.18 10.92
CA ARG B 11 -49.35 50.10 9.96
C ARG B 11 -48.56 48.93 10.55
N PHE B 12 -47.72 49.16 11.55
CA PHE B 12 -47.09 48.11 12.35
C PHE B 12 -48.04 47.57 13.43
N SER B 13 -48.75 48.44 14.15
CA SER B 13 -49.68 48.05 15.22
C SER B 13 -50.77 47.07 14.75
N ASN B 14 -51.29 47.25 13.54
CA ASN B 14 -52.20 46.28 12.94
C ASN B 14 -51.56 44.90 12.76
N VAL B 15 -50.35 44.80 12.24
CA VAL B 15 -49.63 43.52 12.12
C VAL B 15 -49.46 42.85 13.48
N VAL B 16 -49.00 43.55 14.51
CA VAL B 16 -48.87 42.94 15.86
C VAL B 16 -50.23 42.56 16.47
N SER B 17 -51.33 43.21 16.09
CA SER B 17 -52.66 42.75 16.53
C SER B 17 -53.11 41.46 15.82
N GLU B 18 -52.87 41.33 14.51
CA GLU B 18 -53.33 40.19 13.71
C GLU B 18 -52.58 38.90 14.06
N ILE B 19 -51.26 38.96 14.16
CA ILE B 19 -50.41 37.83 14.55
C ILE B 19 -50.83 37.27 15.92
N GLU B 20 -51.16 38.12 16.88
CA GLU B 20 -51.48 37.69 18.25
C GLU B 20 -52.69 36.75 18.32
N LYS B 21 -53.69 36.92 17.45
CA LYS B 21 -54.91 36.08 17.43
C LYS B 21 -54.92 34.94 16.42
N LYS B 22 -54.05 34.95 15.40
CA LYS B 22 -54.02 33.93 14.34
C LYS B 22 -52.76 33.07 14.24
N TYR B 23 -51.64 33.43 14.86
CA TYR B 23 -50.45 32.56 14.88
C TYR B 23 -50.70 31.25 15.65
N VAL B 24 -49.93 30.19 15.35
CA VAL B 24 -50.15 28.83 15.91
C VAL B 24 -50.10 28.79 17.43
N ASP B 25 -49.11 29.44 18.04
CA ASP B 25 -48.78 29.33 19.46
C ASP B 25 -49.14 30.58 20.27
N LYS B 26 -49.21 30.44 21.59
CA LYS B 26 -49.39 31.55 22.54
C LYS B 26 -48.06 32.28 22.75
N ILE B 27 -48.05 33.60 22.50
CA ILE B 27 -46.93 34.51 22.74
C ILE B 27 -47.44 35.84 23.30
N SER B 28 -46.66 36.46 24.20
CA SER B 28 -46.99 37.74 24.82
C SER B 28 -46.49 38.93 24.00
N ILE B 29 -47.02 40.12 24.27
CA ILE B 29 -46.60 41.35 23.59
C ILE B 29 -45.15 41.71 23.95
N SER B 30 -44.70 41.39 25.16
CA SER B 30 -43.29 41.53 25.56
C SER B 30 -42.35 40.70 24.66
N GLU B 31 -42.75 39.49 24.29
CA GLU B 31 -41.97 38.67 23.37
C GLU B 31 -42.03 39.20 21.94
N ILE B 32 -43.20 39.60 21.44
CA ILE B 32 -43.33 40.19 20.11
C ILE B 32 -42.48 41.46 19.96
N MET B 33 -42.51 42.37 20.95
CA MET B 33 -41.68 43.58 20.91
C MET B 33 -40.20 43.26 20.97
N THR B 34 -39.78 42.26 21.75
CA THR B 34 -38.38 41.81 21.76
C THR B 34 -37.93 41.29 20.40
N LYS B 35 -38.77 40.51 19.70
CA LYS B 35 -38.49 40.05 18.33
C LYS B 35 -38.48 41.19 17.32
N ALA B 36 -39.36 42.17 17.44
CA ALA B 36 -39.38 43.35 16.57
C ALA B 36 -38.14 44.23 16.74
N ILE B 37 -37.67 44.46 17.95
CA ILE B 37 -36.46 45.26 18.22
C ILE B 37 -35.21 44.57 17.66
N GLU B 38 -34.97 43.30 17.96
CA GLU B 38 -33.81 42.58 17.42
C GLU B 38 -33.89 42.41 15.88
N GLY B 39 -35.09 42.29 15.33
CA GLY B 39 -35.32 42.24 13.89
C GLY B 39 -35.09 43.57 13.18
N LEU B 40 -35.46 44.70 13.78
CA LEU B 40 -35.27 46.02 13.17
C LEU B 40 -33.79 46.37 13.03
N LEU B 41 -33.01 46.27 14.12
CA LEU B 41 -31.59 46.62 14.08
C LEU B 41 -30.82 45.70 13.13
N SER B 42 -31.19 44.43 13.02
CA SER B 42 -30.61 43.49 12.05
C SER B 42 -30.92 43.81 10.58
N ASN B 43 -31.84 44.74 10.28
CA ASN B 43 -32.23 45.16 8.93
C ASN B 43 -31.73 46.54 8.53
N LEU B 44 -30.99 47.28 9.37
CA LEU B 44 -30.46 48.58 9.00
C LEU B 44 -29.24 48.48 8.07
N ASP B 45 -28.28 47.62 8.40
CA ASP B 45 -27.12 47.30 7.55
C ASP B 45 -26.49 45.98 8.02
N ALA B 46 -25.37 45.58 7.43
CA ALA B 46 -24.70 44.33 7.76
C ALA B 46 -24.12 44.24 9.18
N HIS B 47 -23.87 45.36 9.88
CA HIS B 47 -23.08 45.39 11.12
C HIS B 47 -23.81 45.96 12.35
N SER B 48 -24.93 46.65 12.21
CA SER B 48 -25.78 47.09 13.32
C SER B 48 -26.39 45.90 14.08
N ALA B 49 -26.62 46.02 15.39
CA ALA B 49 -27.15 44.93 16.22
C ALA B 49 -27.76 45.40 17.54
N TYR B 50 -28.52 44.51 18.21
CA TYR B 50 -29.03 44.69 19.57
C TYR B 50 -28.32 43.75 20.55
N LEU B 51 -27.84 44.28 21.68
CA LEU B 51 -27.06 43.55 22.68
C LEU B 51 -27.84 43.49 24.01
N ASN B 52 -28.54 42.38 24.24
CA ASN B 52 -29.13 42.06 25.54
C ASN B 52 -28.04 41.74 26.57
N GLU B 53 -28.39 41.64 27.86
CA GLU B 53 -27.39 41.62 28.95
C GLU B 53 -26.37 40.47 28.86
N LYS B 54 -26.74 39.30 28.33
CA LYS B 54 -25.81 38.18 28.13
C LYS B 54 -25.01 38.24 26.82
N LYS B 55 -25.07 39.35 26.09
CA LYS B 55 -24.09 39.74 25.05
C LYS B 55 -23.28 40.95 25.48
N PHE B 56 -23.91 41.97 26.06
CA PHE B 56 -23.24 43.21 26.43
C PHE B 56 -22.12 42.99 27.45
N LYS B 57 -22.32 42.11 28.44
CA LYS B 57 -21.27 41.74 29.41
C LYS B 57 -20.06 41.09 28.75
N GLU B 58 -20.26 40.23 27.75
CA GLU B 58 -19.17 39.60 27.00
C GLU B 58 -18.40 40.62 26.14
N PHE B 59 -19.10 41.54 25.46
CA PHE B 59 -18.48 42.63 24.73
C PHE B 59 -17.60 43.50 25.65
N GLN B 60 -18.09 43.84 26.84
CA GLN B 60 -17.33 44.60 27.83
C GLN B 60 -16.10 43.81 28.29
N ALA B 61 -16.24 42.52 28.62
CA ALA B 61 -15.10 41.68 29.01
C ALA B 61 -14.04 41.57 27.91
N GLN B 62 -14.44 41.38 26.66
CA GLN B 62 -13.54 41.26 25.53
C GLN B 62 -12.72 42.53 25.27
N THR B 63 -13.34 43.70 25.33
CA THR B 63 -12.66 44.99 25.15
C THR B 63 -11.84 45.43 26.37
N GLU B 64 -12.10 44.90 27.56
CA GLU B 64 -11.20 45.01 28.72
C GLU B 64 -9.98 44.06 28.62
N GLY B 65 -10.15 42.91 27.98
CA GLY B 65 -9.12 41.88 27.82
C GLY B 65 -9.04 40.85 28.94
N GLU B 66 -10.09 40.68 29.75
CA GLU B 66 -10.10 39.77 30.92
C GLU B 66 -11.50 39.27 31.28
N PHE B 67 -11.60 38.08 31.90
CA PHE B 67 -12.87 37.52 32.38
C PHE B 67 -12.66 36.57 33.58
N GLY B 68 -13.66 36.41 34.44
CA GLY B 68 -13.66 35.39 35.50
C GLY B 68 -13.96 33.98 34.94
N GLY B 69 -13.18 32.97 35.29
CA GLY B 69 -13.37 31.61 34.75
C GLY B 69 -12.32 30.58 35.15
N LEU B 70 -12.36 29.42 34.49
CA LEU B 70 -11.46 28.29 34.71
C LEU B 70 -10.14 28.37 33.90
N GLY B 71 -10.22 28.73 32.61
CA GLY B 71 -9.05 28.82 31.70
C GLY B 71 -8.64 27.51 31.03
N ILE B 72 -9.48 26.48 31.06
CA ILE B 72 -9.33 25.29 30.19
C ILE B 72 -9.92 25.57 28.80
N THR B 73 -9.09 25.45 27.76
CA THR B 73 -9.53 25.58 26.37
C THR B 73 -10.27 24.31 25.95
N VAL B 74 -11.53 24.43 25.53
CA VAL B 74 -12.36 23.31 25.02
C VAL B 74 -12.59 23.47 23.53
N GLY B 75 -12.40 22.38 22.76
CA GLY B 75 -12.52 22.35 21.30
C GLY B 75 -13.64 21.45 20.75
N MET B 76 -14.50 20.93 21.63
CA MET B 76 -15.61 20.01 21.33
C MET B 76 -15.21 18.71 20.58
N ARG B 77 -13.95 18.28 20.70
CA ARG B 77 -13.43 17.08 20.02
C ARG B 77 -14.12 15.81 20.51
N ASP B 78 -14.29 14.85 19.60
CA ASP B 78 -15.13 13.65 19.75
C ASP B 78 -16.63 13.97 19.99
N GLY B 79 -17.09 15.17 19.61
CA GLY B 79 -18.48 15.63 19.78
C GLY B 79 -18.89 15.89 21.24
N VAL B 80 -17.92 16.04 22.14
CA VAL B 80 -18.07 16.18 23.59
C VAL B 80 -17.08 17.22 24.13
N LEU B 81 -17.27 17.69 25.36
CA LEU B 81 -16.47 18.76 25.98
C LEU B 81 -15.02 18.34 26.35
N THR B 82 -14.25 17.89 25.37
CA THR B 82 -12.83 17.56 25.51
C THR B 82 -11.99 18.84 25.67
N VAL B 83 -11.25 18.93 26.77
CA VAL B 83 -10.21 19.93 27.02
C VAL B 83 -9.00 19.65 26.14
N ILE B 84 -8.50 20.69 25.46
CA ILE B 84 -7.38 20.61 24.53
C ILE B 84 -6.10 21.20 25.13
N ALA B 85 -6.20 22.35 25.80
CA ALA B 85 -5.06 23.00 26.46
C ALA B 85 -5.52 23.89 27.63
N PRO B 86 -5.13 23.60 28.88
CA PRO B 86 -5.11 24.59 29.96
C PRO B 86 -4.03 25.64 29.68
N LEU B 87 -4.32 26.92 29.91
CA LEU B 87 -3.29 27.97 29.89
C LEU B 87 -2.53 28.02 31.22
N GLU B 88 -1.22 28.27 31.18
CA GLU B 88 -0.36 28.18 32.36
C GLU B 88 -0.74 29.20 33.45
N GLY B 89 -0.76 28.76 34.71
CA GLY B 89 -1.06 29.61 35.87
C GLY B 89 -2.54 29.90 36.13
N THR B 90 -3.46 29.45 35.28
CA THR B 90 -4.90 29.48 35.57
C THR B 90 -5.27 28.49 36.67
N PRO B 91 -6.27 28.74 37.54
CA PRO B 91 -6.58 27.82 38.64
C PRO B 91 -6.97 26.41 38.20
N ALA B 92 -7.55 26.21 37.02
CA ALA B 92 -7.81 24.87 36.49
C ALA B 92 -6.51 24.09 36.12
N TYR B 93 -5.48 24.77 35.61
CA TYR B 93 -4.14 24.20 35.43
C TYR B 93 -3.52 23.79 36.78
N LYS B 94 -3.63 24.66 37.79
CA LYS B 94 -3.20 24.37 39.17
C LYS B 94 -3.94 23.15 39.76
N ALA B 95 -5.22 23.00 39.48
CA ALA B 95 -6.04 21.87 39.91
C ALA B 95 -5.71 20.54 39.18
N GLY B 96 -5.08 20.57 38.01
CA GLY B 96 -4.59 19.35 37.33
C GLY B 96 -5.57 18.68 36.35
N VAL B 97 -6.59 19.40 35.88
CA VAL B 97 -7.31 19.03 34.64
C VAL B 97 -6.40 19.33 33.43
N LYS B 98 -6.37 18.43 32.43
CA LYS B 98 -5.33 18.32 31.38
C LYS B 98 -5.90 17.95 30.01
N SER B 99 -5.07 18.05 28.96
CA SER B 99 -5.42 17.67 27.59
C SER B 99 -6.01 16.26 27.50
N GLY B 100 -7.12 16.11 26.77
CA GLY B 100 -7.88 14.86 26.63
C GLY B 100 -8.96 14.64 27.71
N ASP B 101 -9.00 15.44 28.77
CA ASP B 101 -10.07 15.36 29.78
C ASP B 101 -11.41 15.84 29.21
N ASN B 102 -12.46 15.04 29.33
CA ASN B 102 -13.80 15.37 28.83
C ASN B 102 -14.74 15.73 29.99
N ILE B 103 -15.40 16.88 29.91
CA ILE B 103 -16.36 17.34 30.94
C ILE B 103 -17.66 16.54 30.83
N LEU B 104 -17.80 15.56 31.72
CA LEU B 104 -18.96 14.67 31.85
C LEU B 104 -20.18 15.44 32.38
N LYS B 105 -19.95 16.27 33.40
CA LYS B 105 -20.90 17.19 34.07
C LYS B 105 -20.13 18.37 34.66
N ILE B 106 -20.78 19.49 34.96
CA ILE B 106 -20.28 20.35 36.04
C ILE B 106 -20.50 19.53 37.32
N ASN B 107 -21.77 19.25 37.65
CA ASN B 107 -22.14 18.36 38.75
C ASN B 107 -23.35 17.44 38.45
N ASN B 108 -24.38 17.91 37.73
CA ASN B 108 -25.63 17.15 37.54
C ASN B 108 -26.35 17.36 36.17
N GLU B 109 -25.66 17.88 35.15
CA GLU B 109 -26.27 18.46 33.94
C GLU B 109 -26.15 17.58 32.67
N SER B 110 -25.40 16.47 32.73
CA SER B 110 -25.08 15.60 31.59
C SER B 110 -24.50 16.36 30.38
N THR B 111 -23.33 16.98 30.55
CA THR B 111 -22.71 17.84 29.54
C THR B 111 -22.12 17.10 28.33
N LEU B 112 -22.26 15.77 28.29
CA LEU B 112 -22.16 14.97 27.05
C LEU B 112 -23.24 15.36 26.01
N SER B 113 -24.41 15.81 26.47
CA SER B 113 -25.62 15.97 25.66
C SER B 113 -25.77 17.31 24.92
N MET B 114 -24.85 18.26 25.11
CA MET B 114 -25.03 19.66 24.68
C MET B 114 -23.74 20.32 24.15
N SER B 115 -23.91 21.37 23.34
CA SER B 115 -22.85 22.24 22.81
C SER B 115 -22.16 23.11 23.88
N ILE B 116 -21.22 23.95 23.47
CA ILE B 116 -20.42 24.84 24.33
C ILE B 116 -21.28 25.82 25.16
N ASP B 117 -22.41 26.27 24.60
CA ASP B 117 -23.13 27.49 25.00
C ASP B 117 -23.51 27.62 26.49
N ASP B 118 -24.11 26.60 27.12
CA ASP B 118 -24.47 26.67 28.54
C ASP B 118 -23.28 26.30 29.44
N ALA B 119 -22.53 25.26 29.10
CA ALA B 119 -21.39 24.80 29.88
C ALA B 119 -20.35 25.90 30.05
N ILE B 120 -19.98 26.61 28.99
CA ILE B 120 -19.02 27.72 29.07
C ILE B 120 -19.53 28.87 29.95
N ASN B 121 -20.84 29.08 30.05
CA ASN B 121 -21.44 30.06 30.94
C ASN B 121 -21.37 29.61 32.41
N LEU B 122 -21.61 28.32 32.71
CA LEU B 122 -21.40 27.75 34.05
C LEU B 122 -19.92 27.80 34.47
N MET B 123 -19.03 27.50 33.53
CA MET B 123 -17.57 27.54 33.72
C MET B 123 -17.06 28.96 33.95
N ARG B 124 -17.52 29.95 33.19
CA ARG B 124 -17.14 31.39 33.32
C ARG B 124 -18.00 32.14 34.34
N GLY B 125 -18.01 31.63 35.58
CA GLY B 125 -18.66 32.24 36.74
C GLY B 125 -17.91 33.44 37.34
N LYS B 126 -18.48 34.03 38.40
CA LYS B 126 -17.96 35.24 39.06
C LYS B 126 -16.59 35.02 39.75
N PRO B 127 -15.77 36.07 39.98
CA PRO B 127 -14.37 35.93 40.39
C PRO B 127 -14.06 35.40 41.80
N LYS B 128 -15.03 34.87 42.57
CA LYS B 128 -14.84 34.40 43.96
C LYS B 128 -15.43 33.02 44.28
N THR B 129 -16.69 32.76 43.93
CA THR B 129 -17.41 31.53 44.29
C THR B 129 -16.83 30.28 43.61
N PRO B 130 -16.20 29.33 44.33
CA PRO B 130 -15.56 28.15 43.74
C PRO B 130 -16.58 27.17 43.14
N ILE B 131 -16.10 26.23 42.32
CA ILE B 131 -16.96 25.31 41.55
C ILE B 131 -16.43 23.87 41.59
N GLN B 132 -17.33 22.89 41.57
CA GLN B 132 -17.01 21.47 41.35
C GLN B 132 -17.24 21.11 39.87
N ILE B 133 -16.29 20.40 39.26
CA ILE B 133 -16.30 20.00 37.85
C ILE B 133 -16.08 18.49 37.73
N THR B 134 -16.85 17.82 36.88
CA THR B 134 -16.83 16.36 36.72
C THR B 134 -16.24 15.95 35.38
N ILE B 135 -15.20 15.13 35.41
CA ILE B 135 -14.35 14.80 34.26
C ILE B 135 -14.35 13.29 34.03
N VAL B 136 -14.22 12.86 32.77
CA VAL B 136 -13.65 11.54 32.45
C VAL B 136 -12.34 11.70 31.68
N ARG B 137 -11.31 10.97 32.10
CA ARG B 137 -9.98 10.93 31.47
C ARG B 137 -9.84 9.55 30.81
N LYS B 138 -9.77 9.50 29.47
CA LYS B 138 -10.06 8.27 28.69
C LYS B 138 -9.09 7.09 28.92
N ASN B 139 -7.90 7.34 29.47
CA ASN B 139 -6.92 6.31 29.83
C ASN B 139 -7.20 5.63 31.20
N GLU B 140 -8.11 6.19 32.01
CA GLU B 140 -8.39 5.75 33.39
C GLU B 140 -9.72 4.97 33.49
N PRO B 141 -9.80 3.86 34.25
CA PRO B 141 -11.05 3.11 34.46
C PRO B 141 -12.05 3.79 35.42
N LYS B 142 -11.77 5.00 35.89
CA LYS B 142 -12.56 5.79 36.85
C LYS B 142 -12.71 7.24 36.37
N PRO B 143 -13.89 7.87 36.51
CA PRO B 143 -14.05 9.32 36.39
C PRO B 143 -13.22 10.10 37.44
N LEU B 144 -13.04 11.40 37.22
CA LEU B 144 -12.30 12.33 38.07
C LEU B 144 -13.20 13.51 38.50
N VAL B 145 -13.03 14.03 39.70
CA VAL B 145 -13.76 15.20 40.20
C VAL B 145 -12.77 16.24 40.73
N PHE B 146 -12.96 17.49 40.31
CA PHE B 146 -12.12 18.63 40.68
C PHE B 146 -12.96 19.68 41.40
N ASN B 147 -12.47 20.22 42.50
CA ASN B 147 -13.00 21.44 43.13
C ASN B 147 -11.98 22.57 42.92
N ILE B 148 -12.43 23.67 42.31
CA ILE B 148 -11.55 24.67 41.71
C ILE B 148 -11.89 26.07 42.24
N ILE B 149 -10.87 26.79 42.70
CA ILE B 149 -10.95 28.18 43.15
C ILE B 149 -11.06 29.15 41.95
N ARG B 150 -11.64 30.34 42.17
CA ARG B 150 -11.80 31.34 41.10
C ARG B 150 -10.60 32.27 40.97
N ASP B 151 -10.39 32.77 39.75
CA ASP B 151 -9.48 33.86 39.41
C ASP B 151 -9.95 34.51 38.09
N ILE B 152 -9.47 35.70 37.75
CA ILE B 152 -9.63 36.24 36.39
C ILE B 152 -8.57 35.68 35.44
N ILE B 153 -8.99 35.18 34.28
CA ILE B 153 -8.09 34.95 33.16
C ILE B 153 -7.82 36.32 32.51
N LYS B 154 -6.55 36.62 32.24
CA LYS B 154 -6.08 37.93 31.79
C LYS B 154 -5.22 37.77 30.54
N LEU B 155 -5.77 37.06 29.55
CA LEU B 155 -5.06 36.59 28.37
C LEU B 155 -4.57 37.74 27.46
N PRO B 156 -3.31 37.73 26.99
CA PRO B 156 -2.75 38.80 26.17
C PRO B 156 -3.24 38.71 24.72
N SER B 157 -3.48 39.88 24.10
CA SER B 157 -3.81 40.01 22.67
C SER B 157 -2.61 40.27 21.77
N VAL B 158 -1.46 40.66 22.32
CA VAL B 158 -0.21 40.93 21.60
C VAL B 158 1.00 40.31 22.30
N TYR B 159 1.92 39.75 21.51
CA TYR B 159 3.20 39.24 21.98
C TYR B 159 4.31 39.49 20.96
N VAL B 160 5.55 39.54 21.46
CA VAL B 160 6.77 39.85 20.70
C VAL B 160 7.78 38.71 20.84
N LYS B 161 8.40 38.29 19.74
CA LYS B 161 9.46 37.28 19.70
C LYS B 161 10.62 37.74 18.81
N LYS B 162 11.82 37.23 19.03
CA LYS B 162 12.98 37.41 18.15
C LYS B 162 13.05 36.28 17.13
N ILE B 163 13.44 36.55 15.90
CA ILE B 163 13.83 35.49 14.96
C ILE B 163 15.21 34.97 15.38
N LYS B 164 15.43 33.65 15.51
CA LYS B 164 16.61 33.09 16.20
C LYS B 164 17.95 33.65 15.73
N GLU B 165 18.21 33.64 14.43
CA GLU B 165 19.54 33.87 13.86
C GLU B 165 19.70 35.24 13.19
N THR B 166 18.86 36.22 13.50
CA THR B 166 18.65 37.41 12.63
C THR B 166 18.28 38.68 13.42
N PRO B 167 18.59 39.91 12.94
CA PRO B 167 18.34 41.18 13.66
C PRO B 167 16.88 41.65 13.83
N TYR B 168 15.86 40.82 13.57
CA TYR B 168 14.48 41.26 13.36
C TYR B 168 13.50 40.67 14.39
N LEU B 169 12.47 41.44 14.76
CA LEU B 169 11.38 41.04 15.65
C LEU B 169 10.15 40.59 14.89
N TYR B 170 9.41 39.64 15.43
CA TYR B 170 8.07 39.26 15.02
C TYR B 170 7.07 39.70 16.08
N VAL B 171 6.04 40.48 15.72
CA VAL B 171 4.97 40.90 16.64
C VAL B 171 3.61 40.54 16.06
N ARG B 172 2.75 39.93 16.87
CA ARG B 172 1.41 39.46 16.47
C ARG B 172 0.38 40.25 17.26
N VAL B 173 -0.55 40.95 16.60
CA VAL B 173 -1.67 41.65 17.28
C VAL B 173 -2.98 40.96 16.90
N SER B 174 -3.67 40.33 17.85
CA SER B 174 -4.82 39.45 17.58
C SER B 174 -6.19 40.16 17.60
N GLY B 175 -6.31 41.29 18.30
CA GLY B 175 -7.51 42.12 18.33
C GLY B 175 -7.27 43.43 19.05
N PHE B 176 -7.94 44.51 18.65
CA PHE B 176 -7.66 45.86 19.15
C PHE B 176 -8.42 46.18 20.45
N ASP B 177 -8.05 45.55 21.56
CA ASP B 177 -8.52 45.92 22.91
C ASP B 177 -7.65 47.03 23.55
N LYS B 178 -8.03 47.52 24.74
CA LYS B 178 -7.39 48.68 25.40
C LYS B 178 -5.90 48.55 25.74
N ASN B 179 -5.32 47.35 25.71
CA ASN B 179 -3.92 47.11 26.07
C ASN B 179 -2.92 47.26 24.90
N VAL B 180 -3.36 47.33 23.65
CA VAL B 180 -2.48 47.16 22.48
C VAL B 180 -1.41 48.23 22.36
N THR B 181 -1.75 49.53 22.31
CA THR B 181 -0.74 50.58 22.04
C THR B 181 0.41 50.60 23.05
N LYS B 182 0.11 50.41 24.34
CA LYS B 182 1.11 50.35 25.41
C LYS B 182 1.92 49.06 25.37
N SER B 183 1.32 47.93 25.03
CA SER B 183 2.03 46.65 24.95
C SER B 183 3.03 46.58 23.79
N VAL B 184 2.76 47.22 22.66
CA VAL B 184 3.74 47.30 21.54
C VAL B 184 4.92 48.20 21.92
N LEU B 185 4.67 49.37 22.50
CA LEU B 185 5.73 50.31 22.88
C LEU B 185 6.70 49.70 23.89
N GLU B 186 6.21 49.01 24.92
CA GLU B 186 7.06 48.29 25.86
C GLU B 186 7.85 47.16 25.20
N GLY B 187 7.27 46.44 24.24
CA GLY B 187 7.95 45.37 23.50
C GLY B 187 9.11 45.85 22.63
N LEU B 188 9.03 47.03 22.03
CA LEU B 188 10.14 47.63 21.30
C LEU B 188 11.19 48.24 22.24
N LYS B 189 10.79 48.89 23.34
CA LYS B 189 11.71 49.40 24.36
C LYS B 189 12.57 48.30 24.99
N ALA B 190 12.03 47.10 25.16
CA ALA B 190 12.73 45.93 25.67
C ALA B 190 13.79 45.35 24.71
N ASN B 191 13.88 45.80 23.46
CA ASN B 191 14.78 45.26 22.44
C ASN B 191 15.53 46.38 21.66
N PRO B 192 16.49 47.11 22.27
CA PRO B 192 17.13 48.27 21.64
C PRO B 192 18.00 47.96 20.41
N LYS B 193 18.48 46.71 20.30
CA LYS B 193 19.33 46.22 19.21
C LYS B 193 18.57 45.85 17.92
N ALA B 194 17.24 45.84 17.92
CA ALA B 194 16.42 45.41 16.78
C ALA B 194 16.55 46.33 15.56
N LYS B 195 16.49 45.73 14.35
CA LYS B 195 16.64 46.44 13.06
C LYS B 195 15.44 46.32 12.10
N GLY B 196 14.29 45.88 12.57
CA GLY B 196 13.06 45.79 11.76
C GLY B 196 11.97 44.95 12.39
N ILE B 197 10.73 45.16 11.95
CA ILE B 197 9.51 44.56 12.50
C ILE B 197 8.76 43.78 11.42
N VAL B 198 8.35 42.55 11.69
CA VAL B 198 7.23 41.90 10.98
C VAL B 198 5.97 42.06 11.81
N LEU B 199 4.91 42.64 11.27
CA LEU B 199 3.66 42.90 12.00
C LEU B 199 2.56 41.97 11.46
N ASP B 200 2.05 41.06 12.28
CA ASP B 200 1.15 39.98 11.83
C ASP B 200 -0.31 40.24 12.21
N LEU B 201 -1.04 40.97 11.35
CA LEU B 201 -2.46 41.29 11.48
C LEU B 201 -3.38 40.25 10.79
N ARG B 202 -2.88 39.06 10.43
CA ARG B 202 -3.71 38.05 9.74
C ARG B 202 -4.85 37.58 10.64
N GLY B 203 -6.09 37.57 10.13
CA GLY B 203 -7.26 37.08 10.87
C GLY B 203 -7.79 38.01 11.98
N ASN B 204 -7.25 39.20 12.15
CA ASN B 204 -7.68 40.19 13.14
C ASN B 204 -9.00 40.88 12.71
N PRO B 205 -10.12 40.78 13.45
CA PRO B 205 -11.43 41.27 13.03
C PRO B 205 -11.71 42.73 13.39
N GLY B 206 -10.82 43.44 14.07
CA GLY B 206 -11.00 44.82 14.47
C GLY B 206 -11.09 45.03 15.98
N GLY B 207 -11.70 46.13 16.42
CA GLY B 207 -11.82 46.49 17.84
C GLY B 207 -12.05 47.99 18.04
N LEU B 208 -11.44 48.56 19.08
CA LEU B 208 -11.57 49.99 19.42
C LEU B 208 -10.89 50.91 18.40
N LEU B 209 -11.55 51.97 17.95
CA LEU B 209 -10.98 52.89 16.97
C LEU B 209 -9.76 53.65 17.51
N ASN B 210 -9.75 54.01 18.80
CA ASN B 210 -8.65 54.75 19.42
C ASN B 210 -7.33 53.96 19.45
N GLN B 211 -7.37 52.62 19.43
CA GLN B 211 -6.16 51.79 19.37
C GLN B 211 -5.58 51.67 17.95
N ALA B 212 -6.41 51.72 16.91
CA ALA B 212 -5.93 51.79 15.53
C ALA B 212 -5.24 53.13 15.23
N VAL B 213 -5.82 54.24 15.68
CA VAL B 213 -5.19 55.56 15.57
C VAL B 213 -3.94 55.65 16.45
N GLY B 214 -3.99 55.15 17.69
CA GLY B 214 -2.85 55.17 18.60
C GLY B 214 -1.66 54.33 18.14
N LEU B 215 -1.87 53.12 17.61
CA LEU B 215 -0.79 52.29 17.07
C LEU B 215 -0.13 52.94 15.86
N SER B 216 -0.91 53.47 14.91
CA SER B 216 -0.38 54.15 13.72
C SER B 216 0.51 55.35 14.07
N ASN B 217 0.24 56.01 15.19
CA ASN B 217 1.00 57.16 15.67
C ASN B 217 2.36 56.80 16.33
N LEU B 218 2.70 55.54 16.59
CA LEU B 218 4.08 55.19 17.00
C LEU B 218 5.10 55.38 15.86
N PHE B 219 4.65 55.31 14.60
CA PHE B 219 5.51 55.16 13.43
C PHE B 219 5.45 56.31 12.42
N ILE B 220 4.49 57.24 12.52
CA ILE B 220 4.23 58.33 11.57
C ILE B 220 4.32 59.69 12.29
N LYS B 221 4.84 60.72 11.63
CA LYS B 221 5.14 62.03 12.26
C LYS B 221 4.34 63.23 11.73
N GLU B 222 3.65 63.12 10.60
CA GLU B 222 2.91 64.24 9.98
C GLU B 222 1.68 63.75 9.18
N GLY B 223 0.65 64.60 9.06
CA GLY B 223 -0.52 64.38 8.21
C GLY B 223 -1.69 63.64 8.86
N VAL B 224 -2.78 63.50 8.11
CA VAL B 224 -3.99 62.75 8.52
C VAL B 224 -3.74 61.25 8.56
N LEU B 225 -4.33 60.56 9.54
CA LEU B 225 -4.32 59.11 9.63
C LEU B 225 -5.64 58.49 9.12
N VAL B 226 -6.79 59.05 9.50
CA VAL B 226 -8.12 58.63 9.02
C VAL B 226 -9.12 59.79 9.12
N SER B 227 -10.16 59.79 8.30
CA SER B 227 -11.24 60.80 8.30
C SER B 227 -12.63 60.16 8.33
N GLN B 228 -13.64 60.79 8.93
CA GLN B 228 -15.01 60.29 9.05
C GLN B 228 -16.05 61.19 8.40
N LYS B 229 -17.15 60.61 7.90
CA LYS B 229 -18.29 61.35 7.33
C LYS B 229 -19.64 60.65 7.59
N GLY B 230 -20.72 61.42 7.64
CA GLY B 230 -22.10 60.96 7.85
C GLY B 230 -23.14 61.97 7.35
N LYS B 231 -24.43 61.72 7.54
CA LYS B 231 -25.53 62.57 6.99
C LYS B 231 -25.53 64.02 7.48
N ASN B 232 -25.05 64.28 8.70
CA ASN B 232 -25.01 65.59 9.35
C ASN B 232 -23.58 66.15 9.40
N LYS B 233 -23.39 67.39 8.95
CA LYS B 233 -22.06 68.04 8.83
C LYS B 233 -21.57 68.62 10.17
N GLU B 234 -21.54 67.79 11.19
CA GLU B 234 -21.19 68.13 12.58
C GLU B 234 -19.67 68.19 12.82
N SER B 236 -16.71 65.75 9.00
CA SER B 236 -17.13 65.67 10.41
C SER B 236 -15.92 65.61 11.36
N LEU B 237 -14.96 64.72 11.11
CA LEU B 237 -13.72 64.57 11.89
C LEU B 237 -12.54 64.17 11.01
N GLU B 238 -11.35 64.60 11.41
CA GLU B 238 -10.05 64.10 10.95
C GLU B 238 -9.16 63.80 12.15
N TYR B 239 -8.44 62.69 12.12
CA TYR B 239 -7.42 62.36 13.10
C TYR B 239 -6.04 62.61 12.48
N LYS B 240 -5.18 63.34 13.18
CA LYS B 240 -3.87 63.79 12.68
C LYS B 240 -2.75 63.40 13.64
N ALA B 241 -1.57 63.08 13.11
CA ALA B 241 -0.41 62.73 13.93
C ALA B 241 -0.04 63.90 14.86
N ASN B 242 0.27 63.59 16.13
CA ASN B 242 0.54 64.56 17.19
C ASN B 242 1.96 65.17 17.17
N GLY B 243 2.75 64.95 16.12
CA GLY B 243 4.08 65.53 15.92
C GLY B 243 5.24 64.77 16.60
N ARG B 244 4.98 63.72 17.38
CA ARG B 244 6.01 62.87 18.00
C ARG B 244 5.86 61.41 17.61
N ALA B 245 6.97 60.69 17.49
CA ALA B 245 7.01 59.28 17.13
C ALA B 245 8.32 58.63 17.63
N PRO B 246 8.27 57.62 18.51
CA PRO B 246 9.48 56.95 19.00
C PRO B 246 10.26 56.19 17.92
N TYR B 247 9.59 55.66 16.90
CA TYR B 247 10.14 54.70 15.94
C TYR B 247 9.94 55.15 14.48
N THR B 248 10.30 56.40 14.20
CA THR B 248 10.06 57.05 12.90
C THR B 248 10.96 56.59 11.74
N ASN B 249 11.97 55.73 11.96
CA ASN B 249 12.95 55.34 10.93
C ASN B 249 13.04 53.83 10.58
N LEU B 250 12.76 52.88 11.48
CA LEU B 250 13.06 51.45 11.21
C LEU B 250 12.09 50.80 10.18
N PRO B 251 12.53 49.76 9.44
CA PRO B 251 11.71 49.02 8.47
C PRO B 251 10.51 48.30 9.08
N ILE B 252 9.39 48.23 8.35
CA ILE B 252 8.18 47.48 8.75
C ILE B 252 7.65 46.68 7.56
N ALA B 253 7.35 45.40 7.74
CA ALA B 253 6.62 44.58 6.77
C ALA B 253 5.32 44.08 7.41
N VAL B 254 4.16 44.33 6.81
CA VAL B 254 2.85 44.04 7.41
C VAL B 254 2.20 42.86 6.71
N LEU B 255 1.74 41.85 7.44
CA LEU B 255 1.03 40.70 6.89
C LEU B 255 -0.48 40.85 7.07
N VAL B 256 -1.24 40.70 5.99
CA VAL B 256 -2.71 40.79 5.95
C VAL B 256 -3.31 39.65 5.15
N ASN B 257 -4.58 39.36 5.38
CA ASN B 257 -5.26 38.15 4.92
C ASN B 257 -6.75 38.43 4.71
N GLY B 258 -7.48 37.56 4.02
CA GLY B 258 -8.91 37.74 3.76
C GLY B 258 -9.79 37.90 5.00
N GLY B 259 -9.36 37.39 6.15
CA GLY B 259 -10.02 37.57 7.44
C GLY B 259 -9.67 38.85 8.19
N SER B 260 -8.69 39.65 7.73
CA SER B 260 -8.36 40.95 8.32
C SER B 260 -9.44 41.96 7.95
N ALA B 261 -10.03 42.64 8.93
CA ALA B 261 -11.15 43.54 8.70
C ALA B 261 -11.15 44.78 9.59
N ALA B 262 -11.89 45.80 9.16
CA ALA B 262 -12.31 46.95 9.96
C ALA B 262 -11.13 47.71 10.58
N ALA B 263 -10.99 47.84 11.90
CA ALA B 263 -9.89 48.59 12.50
C ALA B 263 -8.49 48.10 12.06
N SER B 264 -8.31 46.82 11.72
CA SER B 264 -7.02 46.36 11.19
C SER B 264 -6.72 46.87 9.79
N GLU B 265 -7.73 47.18 8.99
CA GLU B 265 -7.60 47.80 7.66
C GLU B 265 -7.35 49.31 7.76
N ILE B 266 -7.64 49.96 8.90
CA ILE B 266 -7.26 51.37 9.12
C ILE B 266 -5.74 51.50 9.27
N VAL B 267 -5.08 50.66 10.08
CA VAL B 267 -3.62 50.78 10.28
C VAL B 267 -2.83 50.35 9.05
N ALA B 268 -3.22 49.26 8.37
CA ALA B 268 -2.61 48.85 7.12
C ALA B 268 -2.81 49.89 6.02
N GLY B 269 -3.98 50.53 5.93
CA GLY B 269 -4.23 51.58 4.96
C GLY B 269 -3.47 52.87 5.24
N ALA B 270 -3.36 53.30 6.50
CA ALA B 270 -2.59 54.48 6.87
C ALA B 270 -1.09 54.33 6.59
N LEU B 271 -0.48 53.18 6.94
CA LEU B 271 0.92 52.89 6.63
C LEU B 271 1.18 52.81 5.11
N GLN B 272 0.27 52.24 4.32
CA GLN B 272 0.41 52.17 2.86
C GLN B 272 0.33 53.55 2.19
N ASP B 273 -0.65 54.39 2.52
CA ASP B 273 -0.81 55.71 1.88
C ASP B 273 0.33 56.68 2.20
N HIS B 274 1.02 56.54 3.33
CA HIS B 274 2.20 57.34 3.69
C HIS B 274 3.55 56.68 3.34
N LYS B 275 3.55 55.56 2.59
CA LYS B 275 4.75 54.80 2.19
C LYS B 275 5.63 54.38 3.37
N ARG B 276 5.05 54.14 4.54
CA ARG B 276 5.79 53.83 5.78
C ARG B 276 6.13 52.36 5.96
N ALA B 277 5.49 51.45 5.22
CA ALA B 277 5.66 50.01 5.31
C ALA B 277 5.35 49.32 3.98
N VAL B 278 5.69 48.04 3.84
CA VAL B 278 5.33 47.19 2.69
C VAL B 278 4.20 46.25 3.11
N ILE B 279 3.11 46.15 2.35
CA ILE B 279 1.95 45.32 2.70
C ILE B 279 2.01 44.00 1.93
N ILE B 280 1.90 42.86 2.62
CA ILE B 280 2.20 41.53 2.08
C ILE B 280 1.07 40.56 2.43
N GLY B 281 0.68 39.66 1.51
CA GLY B 281 -0.26 38.60 1.80
C GLY B 281 -1.37 38.46 0.76
N GLU B 282 -2.62 38.69 1.14
CA GLU B 282 -3.80 38.48 0.31
C GLU B 282 -4.80 39.64 0.49
N LYS B 283 -5.76 39.81 -0.42
CA LYS B 283 -6.73 40.93 -0.40
C LYS B 283 -7.66 40.83 0.81
N THR B 284 -7.86 41.92 1.56
CA THR B 284 -8.58 41.94 2.85
C THR B 284 -10.11 41.90 2.74
N PHE B 285 -10.83 42.00 3.86
CA PHE B 285 -12.29 41.83 3.92
C PHE B 285 -13.10 43.00 3.35
N GLY B 286 -12.67 44.26 3.53
CA GLY B 286 -13.31 45.43 2.93
C GLY B 286 -14.42 46.09 3.75
N ALA B 287 -14.26 46.23 5.07
CA ALA B 287 -15.24 46.92 5.92
C ALA B 287 -14.90 48.41 6.11
N GLY B 288 -15.76 49.32 5.65
CA GLY B 288 -15.47 50.75 5.51
C GLY B 288 -16.25 51.71 6.43
N SER B 289 -16.72 51.28 7.59
CA SER B 289 -17.61 52.07 8.45
C SER B 289 -17.31 51.93 9.95
N VAL B 290 -17.75 52.92 10.72
CA VAL B 290 -17.60 53.04 12.18
C VAL B 290 -18.97 52.92 12.85
N ALA B 291 -19.07 52.14 13.92
CA ALA B 291 -20.29 51.94 14.68
C ALA B 291 -20.17 52.54 16.08
N MET B 292 -21.22 53.20 16.54
CA MET B 292 -21.28 53.76 17.90
C MET B 292 -22.17 52.88 18.77
N LEU B 293 -21.76 52.64 20.01
CA LEU B 293 -22.47 51.78 20.95
C LEU B 293 -23.14 52.65 22.01
N LEU B 294 -24.44 52.44 22.25
CA LEU B 294 -25.26 53.23 23.15
C LEU B 294 -25.95 52.32 24.19
N PRO B 295 -25.90 52.63 25.50
CA PRO B 295 -26.71 51.93 26.48
C PRO B 295 -28.19 52.33 26.37
N VAL B 296 -29.08 51.38 26.62
CA VAL B 296 -30.54 51.57 26.67
C VAL B 296 -31.11 50.82 27.87
N ASN B 297 -32.26 51.27 28.41
CA ASN B 297 -32.90 50.67 29.58
C ASN B 297 -31.89 50.55 30.75
N LYS B 298 -31.57 49.33 31.20
CA LYS B 298 -30.40 49.02 32.04
C LYS B 298 -29.78 47.69 31.61
N ASP B 299 -28.46 47.61 31.56
CA ASP B 299 -27.67 46.43 31.13
C ASP B 299 -27.96 45.92 29.70
N GLU B 300 -28.57 46.75 28.86
CA GLU B 300 -28.82 46.49 27.44
C GLU B 300 -28.18 47.60 26.61
N ALA B 301 -27.75 47.30 25.39
CA ALA B 301 -27.12 48.27 24.51
C ALA B 301 -27.49 48.05 23.05
N ILE B 302 -27.41 49.09 22.25
CA ILE B 302 -27.58 49.02 20.80
C ILE B 302 -26.28 49.45 20.13
N LYS B 303 -25.90 48.76 19.06
CA LYS B 303 -24.73 49.08 18.23
C LYS B 303 -25.24 49.52 16.86
N ILE B 304 -24.92 50.73 16.43
CA ILE B 304 -25.47 51.31 15.20
C ILE B 304 -24.42 52.02 14.35
N THR B 305 -24.42 51.82 13.04
CA THR B 305 -23.42 52.38 12.12
C THR B 305 -23.63 53.88 11.93
N THR B 306 -22.71 54.72 12.39
CA THR B 306 -22.86 56.18 12.37
C THR B 306 -22.00 56.93 11.35
N ALA B 307 -20.92 56.33 10.80
CA ALA B 307 -20.06 57.00 9.82
C ALA B 307 -19.41 56.04 8.82
N ARG B 308 -19.08 56.51 7.62
CA ARG B 308 -18.10 55.90 6.71
C ARG B 308 -16.71 56.50 6.97
N TYR B 309 -15.63 55.78 6.69
CA TYR B 309 -14.26 56.28 6.87
C TYR B 309 -13.42 56.26 5.59
N TYR B 310 -12.45 57.19 5.52
CA TYR B 310 -11.60 57.44 4.35
C TYR B 310 -10.12 57.44 4.73
N LEU B 311 -9.28 56.85 3.88
CA LEU B 311 -7.83 56.74 4.06
C LEU B 311 -7.12 58.06 3.66
N PRO B 312 -5.84 58.29 4.00
CA PRO B 312 -5.20 59.60 3.83
C PRO B 312 -5.22 60.21 2.42
N SER B 313 -5.17 59.41 1.35
CA SER B 313 -5.29 59.87 -0.03
C SER B 313 -6.73 60.18 -0.50
N GLY B 314 -7.73 59.98 0.37
CA GLY B 314 -9.15 60.22 0.10
C GLY B 314 -9.93 59.03 -0.49
N ARG B 315 -9.25 57.91 -0.77
CA ARG B 315 -9.85 56.62 -1.15
C ARG B 315 -10.60 55.96 0.01
N THR B 316 -11.51 55.02 -0.28
CA THR B 316 -12.17 54.17 0.71
C THR B 316 -12.32 52.73 0.23
N ILE B 317 -12.46 51.79 1.16
CA ILE B 317 -12.38 50.34 0.94
C ILE B 317 -13.72 49.61 1.11
N GLN B 318 -14.84 50.33 1.21
CA GLN B 318 -16.16 49.72 1.44
C GLN B 318 -16.50 48.73 0.32
N ALA B 319 -16.67 47.45 0.66
CA ALA B 319 -16.89 46.34 -0.27
C ALA B 319 -15.76 46.06 -1.29
N LYS B 320 -14.56 46.63 -1.12
CA LYS B 320 -13.35 46.29 -1.89
C LYS B 320 -12.09 46.42 -1.03
N GLY B 321 -11.47 45.31 -0.65
CA GLY B 321 -10.40 45.29 0.35
C GLY B 321 -9.14 46.05 -0.04
N ILE B 322 -8.21 46.20 0.91
CA ILE B 322 -6.82 46.61 0.63
C ILE B 322 -6.17 45.57 -0.28
N THR B 323 -5.45 46.02 -1.30
CA THR B 323 -4.68 45.15 -2.20
C THR B 323 -3.19 45.19 -1.80
N PRO B 324 -2.50 44.05 -1.60
CA PRO B 324 -1.12 44.04 -1.17
C PRO B 324 -0.16 44.67 -2.18
N ASP B 325 1.04 45.03 -1.72
CA ASP B 325 2.16 45.34 -2.61
C ASP B 325 2.76 44.04 -3.17
N ILE B 326 2.87 43.00 -2.34
CA ILE B 326 3.37 41.67 -2.70
C ILE B 326 2.30 40.64 -2.37
N VAL B 327 1.83 39.86 -3.33
CA VAL B 327 0.75 38.87 -3.15
C VAL B 327 1.35 37.46 -3.00
N ILE B 328 0.91 36.70 -2.00
CA ILE B 328 1.45 35.36 -1.71
C ILE B 328 0.44 34.51 -0.94
N TYR B 329 0.00 33.39 -1.52
CA TYR B 329 -0.92 32.43 -0.90
C TYR B 329 -0.20 31.40 -0.01
N PRO B 330 -0.84 30.81 1.01
CA PRO B 330 -0.16 30.02 2.04
C PRO B 330 0.32 28.64 1.58
N GLY B 331 1.39 28.14 2.21
CA GLY B 331 2.03 26.87 1.89
C GLY B 331 3.41 26.72 2.57
N LYS B 332 4.02 25.54 2.47
CA LYS B 332 5.39 25.27 2.94
C LYS B 332 6.42 25.65 1.87
N VAL B 333 7.62 26.05 2.28
CA VAL B 333 8.72 26.39 1.36
C VAL B 333 9.20 25.16 0.55
N PRO B 334 9.79 25.35 -0.65
CA PRO B 334 10.48 24.28 -1.36
C PRO B 334 11.76 23.84 -0.63
N GLU B 335 12.25 22.63 -0.89
CA GLU B 335 13.45 22.04 -0.26
C GLU B 335 14.52 21.61 -1.27
N ASN B 336 15.77 21.64 -0.86
CA ASN B 336 16.92 21.18 -1.64
C ASN B 336 16.87 19.67 -1.88
N GLU B 337 16.89 19.23 -3.14
CA GLU B 337 16.92 17.82 -3.52
C GLU B 337 18.25 17.11 -3.16
N ASN B 338 19.35 17.84 -3.05
CA ASN B 338 20.67 17.31 -2.69
C ASN B 338 20.92 17.26 -1.18
N LYS B 339 19.88 17.43 -0.35
CA LYS B 339 19.97 17.33 1.12
C LYS B 339 20.39 15.94 1.59
N PHE B 340 20.80 15.86 2.85
CA PHE B 340 21.31 14.63 3.48
C PHE B 340 20.26 13.50 3.54
N SER B 341 20.73 12.25 3.56
CA SER B 341 19.89 11.05 3.62
C SER B 341 19.34 10.79 5.05
N LEU B 342 18.50 11.70 5.52
CA LEU B 342 17.80 11.65 6.83
C LEU B 342 18.73 11.36 8.03
N LYS B 343 19.84 12.11 8.13
CA LYS B 343 20.90 11.92 9.16
C LYS B 343 20.49 12.26 10.60
N GLU B 344 19.21 12.51 10.88
CA GLU B 344 18.65 12.78 12.22
C GLU B 344 19.39 13.92 12.95
N ALA B 345 19.59 15.06 12.26
CA ALA B 345 20.38 16.21 12.74
C ALA B 345 21.83 15.83 13.14
N ASP B 346 22.44 14.93 12.37
CA ASP B 346 23.72 14.27 12.64
C ASP B 346 23.69 13.54 14.00
N LEU B 347 22.73 12.62 14.16
CA LEU B 347 22.43 11.92 15.41
C LEU B 347 22.23 12.90 16.59
N LYS B 348 21.54 14.01 16.32
CA LYS B 348 21.34 15.20 17.18
C LYS B 348 22.61 15.92 17.65
N HIS B 349 23.78 15.58 17.09
CA HIS B 349 25.09 16.23 17.29
C HIS B 349 25.40 16.56 18.76
N HIS B 350 25.29 15.56 19.64
CA HIS B 350 25.26 15.75 21.10
C HIS B 350 26.51 16.44 21.66
N LEU B 351 27.70 16.01 21.21
CA LEU B 351 29.01 16.42 21.76
C LEU B 351 29.09 16.29 23.29
N GLU B 352 28.41 15.29 23.87
CA GLU B 352 28.21 15.18 25.31
C GLU B 352 29.52 14.90 26.09
N GLN B 353 29.63 15.48 27.29
CA GLN B 353 30.79 15.35 28.17
C GLN B 353 30.59 14.27 29.25
N LYS B 373 13.31 21.64 28.74
CA LYS B 373 13.52 22.23 30.06
C LYS B 373 13.93 23.73 30.01
N ASN B 374 13.88 24.32 28.81
CA ASN B 374 14.13 25.74 28.54
C ASN B 374 12.98 26.36 27.74
N GLU B 375 12.67 27.64 27.97
CA GLU B 375 11.61 28.37 27.25
C GLU B 375 12.07 28.83 25.86
N GLU B 376 12.24 27.90 24.94
CA GLU B 376 12.63 28.19 23.55
C GLU B 376 11.61 29.09 22.83
N GLU B 377 10.36 29.14 23.30
CA GLU B 377 9.31 30.04 22.83
C GLU B 377 9.59 31.54 23.08
N LYS B 378 10.72 31.89 23.69
CA LYS B 378 11.28 33.25 23.61
C LYS B 378 11.73 33.64 22.19
N GLU B 379 11.91 32.69 21.26
CA GLU B 379 12.41 32.92 19.90
C GLU B 379 11.73 32.05 18.83
N VAL B 380 11.76 32.47 17.55
CA VAL B 380 11.11 31.82 16.40
C VAL B 380 12.14 31.01 15.60
N THR B 381 11.85 29.74 15.32
CA THR B 381 12.81 28.77 14.79
C THR B 381 12.83 28.69 13.26
N PRO B 382 13.94 28.24 12.62
CA PRO B 382 13.97 27.95 11.20
C PRO B 382 12.89 26.95 10.74
N LYS B 383 12.55 25.95 11.56
CA LYS B 383 11.49 24.98 11.24
C LYS B 383 10.12 25.63 11.12
N MET B 384 9.74 26.48 12.07
CA MET B 384 8.44 27.16 12.01
C MET B 384 8.39 28.31 11.00
N ILE B 385 9.54 28.78 10.49
CA ILE B 385 9.60 29.64 9.29
C ILE B 385 9.43 28.82 8.01
N ASN B 386 10.07 27.66 7.87
CA ASN B 386 9.89 26.80 6.69
C ASN B 386 8.43 26.33 6.51
N ASP B 387 7.69 26.21 7.61
CA ASP B 387 6.25 25.89 7.61
C ASP B 387 5.32 27.04 7.13
N ASP B 388 5.80 28.27 6.89
CA ASP B 388 4.95 29.38 6.44
C ASP B 388 5.63 30.32 5.44
N ILE B 389 5.37 30.13 4.16
CA ILE B 389 5.93 30.94 3.09
C ILE B 389 5.52 32.43 3.14
N GLN B 390 4.40 32.78 3.76
CA GLN B 390 4.05 34.19 3.96
C GLN B 390 5.00 34.85 4.96
N LEU B 391 5.37 34.16 6.03
CA LEU B 391 6.34 34.67 7.01
C LEU B 391 7.74 34.77 6.41
N LYS B 392 8.21 33.76 5.66
CA LYS B 392 9.49 33.85 4.91
C LYS B 392 9.51 35.08 4.01
N THR B 393 8.46 35.30 3.24
CA THR B 393 8.39 36.44 2.30
C THR B 393 8.45 37.78 3.02
N ALA B 394 7.85 37.91 4.20
CA ALA B 394 7.94 39.15 4.99
C ALA B 394 9.35 39.39 5.54
N ILE B 395 10.05 38.36 6.01
CA ILE B 395 11.44 38.46 6.47
C ILE B 395 12.38 38.85 5.31
N ASP B 396 12.26 38.21 4.16
CA ASP B 396 13.08 38.51 2.98
C ASP B 396 12.83 39.90 2.37
N SER B 397 11.71 40.55 2.67
CA SER B 397 11.51 41.96 2.35
C SER B 397 12.32 42.88 3.25
N LEU B 398 12.52 42.55 4.53
CA LEU B 398 13.33 43.38 5.43
C LEU B 398 14.80 43.40 5.02
N LYS B 399 15.34 42.26 4.53
CA LYS B 399 16.71 42.16 4.01
C LYS B 399 17.00 43.13 2.87
N THR B 400 16.08 43.30 1.93
CA THR B 400 16.25 44.30 0.86
C THR B 400 16.29 45.72 1.41
N TRP B 401 15.45 46.07 2.38
CA TRP B 401 15.45 47.42 2.97
C TRP B 401 16.77 47.70 3.70
N SER B 402 17.31 46.75 4.46
CA SER B 402 18.62 46.91 5.11
C SER B 402 19.76 47.18 4.12
N ILE B 403 19.78 46.52 2.96
CA ILE B 403 20.79 46.78 1.92
C ILE B 403 20.66 48.20 1.36
N VAL B 404 19.45 48.68 1.06
CA VAL B 404 19.23 50.02 0.51
C VAL B 404 19.58 51.11 1.53
N ASP B 405 19.36 50.91 2.82
CA ASP B 405 19.88 51.82 3.85
C ASP B 405 21.42 51.85 3.88
N GLU B 406 22.10 50.70 3.81
CA GLU B 406 23.58 50.66 3.75
C GLU B 406 24.16 51.27 2.48
N LYS B 407 23.46 51.23 1.35
CA LYS B 407 23.84 52.00 0.15
C LYS B 407 23.69 53.50 0.39
N MET B 408 22.60 53.94 1.01
CA MET B 408 22.26 55.37 1.11
C MET B 408 22.93 56.11 2.28
N ASP B 409 23.51 55.42 3.26
CA ASP B 409 24.05 56.07 4.47
C ASP B 409 25.40 56.81 4.28
N GLU B 410 25.96 56.80 3.07
CA GLU B 410 27.18 57.55 2.73
C GLU B 410 26.99 59.07 2.83
N HIS C 7 -20.00 -73.37 6.86
CA HIS C 7 -18.68 -73.03 6.28
C HIS C 7 -18.57 -71.51 6.07
N MET C 8 -17.60 -71.04 5.27
CA MET C 8 -17.22 -69.62 5.14
C MET C 8 -18.34 -68.66 4.67
N PHE C 9 -19.39 -69.15 4.01
CA PHE C 9 -20.50 -68.34 3.50
C PHE C 9 -21.60 -68.00 4.53
N SER C 10 -21.42 -68.30 5.81
CA SER C 10 -22.40 -68.01 6.87
C SER C 10 -22.78 -66.52 6.93
N ARG C 11 -21.82 -65.61 7.12
CA ARG C 11 -22.06 -64.15 7.14
C ARG C 11 -22.66 -63.65 5.83
N PHE C 12 -22.06 -64.01 4.70
CA PHE C 12 -22.53 -63.54 3.40
C PHE C 12 -23.97 -63.96 3.10
N SER C 13 -24.33 -65.22 3.31
CA SER C 13 -25.69 -65.71 3.05
C SER C 13 -26.74 -65.08 3.98
N ASN C 14 -26.38 -64.77 5.24
CA ASN C 14 -27.24 -63.97 6.11
C ASN C 14 -27.47 -62.57 5.54
N VAL C 15 -26.41 -61.83 5.19
CA VAL C 15 -26.54 -60.48 4.61
C VAL C 15 -27.37 -60.48 3.33
N VAL C 16 -27.14 -61.42 2.41
CA VAL C 16 -27.92 -61.55 1.18
C VAL C 16 -29.39 -61.84 1.47
N SER C 17 -29.72 -62.64 2.48
CA SER C 17 -31.11 -62.96 2.80
C SER C 17 -31.92 -61.73 3.22
N GLU C 18 -31.35 -60.83 4.02
CA GLU C 18 -32.01 -59.57 4.39
C GLU C 18 -32.21 -58.66 3.17
N ILE C 19 -31.19 -58.52 2.33
CA ILE C 19 -31.23 -57.64 1.15
C ILE C 19 -32.32 -58.10 0.17
N GLU C 20 -32.46 -59.40 -0.07
CA GLU C 20 -33.55 -59.92 -0.90
C GLU C 20 -34.92 -59.70 -0.24
N LYS C 21 -35.00 -59.83 1.09
CA LYS C 21 -36.26 -59.75 1.84
C LYS C 21 -36.84 -58.33 1.93
N LYS C 22 -36.04 -57.31 2.25
CA LYS C 22 -36.54 -55.99 2.70
C LYS C 22 -35.86 -54.72 2.17
N TYR C 23 -35.22 -54.78 1.01
CA TYR C 23 -34.86 -53.57 0.22
C TYR C 23 -36.10 -52.92 -0.44
N VAL C 24 -36.04 -51.66 -0.88
CA VAL C 24 -37.18 -50.93 -1.48
C VAL C 24 -37.74 -51.51 -2.77
N ASP C 25 -36.88 -52.00 -3.67
CA ASP C 25 -37.25 -52.47 -5.02
C ASP C 25 -37.09 -54.00 -5.13
N LYS C 26 -37.84 -54.62 -6.03
CA LYS C 26 -37.73 -56.06 -6.32
C LYS C 26 -36.43 -56.35 -7.11
N ILE C 27 -35.49 -57.09 -6.53
CA ILE C 27 -34.25 -57.54 -7.17
C ILE C 27 -34.01 -59.05 -6.97
N SER C 28 -33.50 -59.72 -8.00
CA SER C 28 -33.20 -61.17 -7.99
C SER C 28 -31.77 -61.48 -7.58
N ILE C 29 -31.48 -62.74 -7.25
CA ILE C 29 -30.12 -63.20 -6.90
C ILE C 29 -29.09 -62.89 -8.00
N SER C 30 -29.49 -62.89 -9.28
CA SER C 30 -28.61 -62.48 -10.39
C SER C 30 -28.08 -61.05 -10.25
N GLU C 31 -28.92 -60.12 -9.79
CA GLU C 31 -28.48 -58.75 -9.51
C GLU C 31 -27.58 -58.69 -8.27
N ILE C 32 -27.95 -59.39 -7.19
CA ILE C 32 -27.20 -59.34 -5.93
C ILE C 32 -25.79 -59.92 -6.10
N MET C 33 -25.62 -61.05 -6.79
CA MET C 33 -24.29 -61.61 -7.05
C MET C 33 -23.45 -60.66 -7.90
N THR C 34 -24.06 -60.01 -8.90
CA THR C 34 -23.36 -59.06 -9.77
C THR C 34 -22.87 -57.83 -9.01
N LYS C 35 -23.68 -57.28 -8.11
CA LYS C 35 -23.26 -56.19 -7.22
C LYS C 35 -22.18 -56.62 -6.24
N ALA C 36 -22.23 -57.84 -5.71
CA ALA C 36 -21.18 -58.35 -4.81
C ALA C 36 -19.82 -58.49 -5.52
N ILE C 37 -19.80 -58.92 -6.78
CA ILE C 37 -18.56 -59.00 -7.61
C ILE C 37 -17.96 -57.62 -7.80
N GLU C 38 -18.74 -56.65 -8.31
CA GLU C 38 -18.25 -55.30 -8.56
C GLU C 38 -17.83 -54.58 -7.26
N GLY C 39 -18.52 -54.84 -6.16
CA GLY C 39 -18.17 -54.33 -4.83
C GLY C 39 -16.87 -54.90 -4.29
N LEU C 40 -16.62 -56.20 -4.47
CA LEU C 40 -15.36 -56.82 -4.07
C LEU C 40 -14.17 -56.20 -4.81
N LEU C 41 -14.17 -56.20 -6.14
CA LEU C 41 -13.05 -55.67 -6.92
C LEU C 41 -12.79 -54.19 -6.59
N SER C 42 -13.83 -53.38 -6.44
CA SER C 42 -13.68 -51.96 -6.06
C SER C 42 -13.05 -51.73 -4.68
N ASN C 43 -13.08 -52.71 -3.77
CA ASN C 43 -12.42 -52.65 -2.46
C ASN C 43 -11.06 -53.38 -2.44
N LEU C 44 -10.69 -54.06 -3.52
CA LEU C 44 -9.46 -54.86 -3.62
C LEU C 44 -8.25 -53.98 -3.96
N ASP C 45 -8.32 -53.24 -5.07
CA ASP C 45 -7.29 -52.28 -5.53
C ASP C 45 -7.92 -51.18 -6.40
N ALA C 46 -7.17 -50.14 -6.75
CA ALA C 46 -7.66 -49.04 -7.57
C ALA C 46 -7.80 -49.36 -9.07
N HIS C 47 -7.15 -50.43 -9.57
CA HIS C 47 -6.95 -50.68 -11.00
C HIS C 47 -7.84 -51.78 -11.59
N SER C 48 -8.45 -52.63 -10.77
CA SER C 48 -9.27 -53.77 -11.21
C SER C 48 -10.63 -53.38 -11.79
N ALA C 49 -11.22 -54.29 -12.57
CA ALA C 49 -12.52 -54.11 -13.21
C ALA C 49 -13.19 -55.45 -13.56
N TYR C 50 -14.51 -55.46 -13.76
CA TYR C 50 -15.30 -56.62 -14.17
C TYR C 50 -15.93 -56.40 -15.55
N LEU C 51 -15.84 -57.40 -16.44
CA LEU C 51 -16.38 -57.36 -17.80
C LEU C 51 -17.47 -58.42 -17.98
N ASN C 52 -18.70 -57.98 -18.23
CA ASN C 52 -19.84 -58.85 -18.53
C ASN C 52 -19.80 -59.39 -19.97
N GLU C 53 -20.79 -60.19 -20.36
CA GLU C 53 -20.81 -60.88 -21.65
C GLU C 53 -20.94 -59.97 -22.88
N LYS C 54 -21.38 -58.72 -22.73
CA LYS C 54 -21.28 -57.70 -23.78
C LYS C 54 -19.89 -57.07 -23.79
N LYS C 55 -19.46 -56.51 -22.66
CA LYS C 55 -18.21 -55.74 -22.57
C LYS C 55 -16.97 -56.59 -22.85
N PHE C 56 -16.95 -57.86 -22.45
CA PHE C 56 -15.81 -58.75 -22.67
C PHE C 56 -15.58 -59.07 -24.14
N LYS C 57 -16.64 -59.38 -24.92
CA LYS C 57 -16.50 -59.54 -26.38
C LYS C 57 -16.24 -58.20 -27.09
N GLU C 58 -16.86 -57.11 -26.63
CA GLU C 58 -16.66 -55.77 -27.19
C GLU C 58 -15.19 -55.33 -27.08
N PHE C 59 -14.56 -55.56 -25.93
CA PHE C 59 -13.13 -55.36 -25.71
C PHE C 59 -12.25 -56.18 -26.69
N GLN C 60 -12.62 -57.43 -26.96
CA GLN C 60 -11.93 -58.29 -27.92
C GLN C 60 -12.15 -57.85 -29.39
N ALA C 61 -13.33 -57.31 -29.71
CA ALA C 61 -13.67 -56.84 -31.05
C ALA C 61 -12.96 -55.53 -31.45
N GLN C 62 -12.84 -54.57 -30.51
CA GLN C 62 -12.11 -53.32 -30.75
C GLN C 62 -10.60 -53.58 -30.93
N THR C 63 -9.99 -52.96 -31.94
CA THR C 63 -8.54 -53.05 -32.19
C THR C 63 -7.77 -52.19 -31.20
N PHE C 67 -10.88 -45.03 -33.02
CA PHE C 67 -10.19 -44.40 -31.90
C PHE C 67 -10.48 -42.88 -31.83
N GLY C 68 -10.30 -42.28 -30.66
CA GLY C 68 -10.38 -40.83 -30.45
C GLY C 68 -10.43 -40.45 -28.97
N GLY C 69 -9.88 -39.30 -28.60
CA GLY C 69 -9.77 -38.89 -27.20
C GLY C 69 -9.06 -37.55 -26.95
N LEU C 70 -8.93 -37.20 -25.66
CA LEU C 70 -8.29 -35.96 -25.20
C LEU C 70 -6.76 -36.05 -25.07
N GLY C 71 -6.22 -37.25 -24.89
CA GLY C 71 -4.82 -37.49 -24.53
C GLY C 71 -4.45 -37.14 -23.08
N ILE C 72 -5.42 -37.07 -22.17
CA ILE C 72 -5.17 -37.07 -20.72
C ILE C 72 -4.79 -38.49 -20.27
N THR C 73 -3.87 -38.63 -19.32
CA THR C 73 -3.63 -39.87 -18.57
C THR C 73 -4.05 -39.67 -17.12
N VAL C 74 -4.87 -40.55 -16.57
CA VAL C 74 -5.51 -40.42 -15.25
C VAL C 74 -4.93 -41.45 -14.28
N GLY C 75 -4.68 -41.04 -13.03
CA GLY C 75 -4.19 -41.93 -11.98
C GLY C 75 -4.72 -41.58 -10.59
N MET C 76 -5.00 -42.60 -9.79
CA MET C 76 -5.54 -42.48 -8.43
C MET C 76 -4.43 -42.10 -7.46
N ARG C 77 -4.62 -41.04 -6.67
CA ARG C 77 -3.67 -40.62 -5.62
C ARG C 77 -4.44 -40.05 -4.43
N ASP C 78 -4.08 -40.44 -3.21
CA ASP C 78 -4.76 -40.08 -1.94
C ASP C 78 -6.31 -40.18 -1.98
N GLY C 79 -6.85 -41.15 -2.73
CA GLY C 79 -8.30 -41.38 -2.86
C GLY C 79 -9.04 -40.50 -3.87
N VAL C 80 -8.33 -39.77 -4.74
CA VAL C 80 -8.90 -38.85 -5.75
C VAL C 80 -8.32 -39.14 -7.14
N LEU C 81 -9.10 -38.98 -8.22
CA LEU C 81 -8.59 -39.05 -9.59
C LEU C 81 -7.77 -37.80 -9.93
N THR C 82 -6.54 -37.99 -10.40
CA THR C 82 -5.61 -36.90 -10.72
C THR C 82 -5.04 -37.06 -12.13
N VAL C 83 -4.67 -35.95 -12.76
CA VAL C 83 -3.95 -35.95 -14.04
C VAL C 83 -2.47 -36.29 -13.81
N ILE C 84 -1.95 -37.31 -14.51
CA ILE C 84 -0.51 -37.60 -14.55
C ILE C 84 0.17 -36.59 -15.47
N ALA C 85 -0.13 -36.63 -16.79
CA ALA C 85 0.31 -35.64 -17.77
C ALA C 85 -0.49 -35.75 -19.09
N PRO C 86 -0.90 -34.65 -19.73
CA PRO C 86 -1.40 -34.65 -21.10
C PRO C 86 -0.26 -34.70 -22.13
N LEU C 87 -0.44 -35.39 -23.25
CA LEU C 87 0.57 -35.45 -24.32
C LEU C 87 0.66 -34.13 -25.11
N GLU C 88 1.85 -33.74 -25.57
CA GLU C 88 2.10 -32.40 -26.15
C GLU C 88 1.27 -32.06 -27.39
N GLY C 89 0.90 -33.05 -28.21
CA GLY C 89 0.12 -32.81 -29.42
C GLY C 89 -1.39 -32.61 -29.20
N THR C 90 -1.94 -33.11 -28.09
CA THR C 90 -3.38 -33.45 -28.01
C THR C 90 -4.24 -32.33 -27.41
N PRO C 91 -5.58 -32.35 -27.59
CA PRO C 91 -6.44 -31.21 -27.27
C PRO C 91 -6.36 -30.73 -25.81
N ALA C 92 -6.21 -31.63 -24.84
CA ALA C 92 -6.11 -31.25 -23.43
C ALA C 92 -4.87 -30.41 -23.09
N TYR C 93 -3.76 -30.60 -23.80
CA TYR C 93 -2.54 -29.83 -23.62
C TYR C 93 -2.74 -28.38 -24.08
N LYS C 94 -3.36 -28.21 -25.26
CA LYS C 94 -3.76 -26.91 -25.83
C LYS C 94 -4.81 -26.20 -24.97
N ALA C 95 -5.75 -26.95 -24.40
CA ALA C 95 -6.82 -26.43 -23.56
C ALA C 95 -6.34 -25.89 -22.20
N GLY C 96 -5.15 -26.27 -21.72
CA GLY C 96 -4.57 -25.80 -20.46
C GLY C 96 -4.76 -26.72 -19.25
N VAL C 97 -4.99 -28.02 -19.48
CA VAL C 97 -4.95 -29.06 -18.42
C VAL C 97 -3.49 -29.30 -18.00
N LYS C 98 -3.20 -29.58 -16.73
CA LYS C 98 -1.82 -29.75 -16.21
C LYS C 98 -1.67 -30.93 -15.25
N SER C 99 -0.44 -31.40 -15.04
CA SER C 99 -0.13 -32.44 -14.05
C SER C 99 -0.56 -32.03 -12.64
N GLY C 100 -1.08 -32.97 -11.86
CA GLY C 100 -1.52 -32.70 -10.48
C GLY C 100 -2.87 -32.00 -10.34
N ASP C 101 -3.57 -31.70 -11.45
CA ASP C 101 -4.99 -31.32 -11.43
C ASP C 101 -5.85 -32.49 -10.92
N ASN C 102 -6.86 -32.21 -10.10
CA ASN C 102 -7.83 -33.20 -9.61
C ASN C 102 -9.12 -33.10 -10.43
N ILE C 103 -9.64 -34.21 -10.93
CA ILE C 103 -10.80 -34.22 -11.82
C ILE C 103 -12.09 -34.34 -10.99
N LEU C 104 -12.91 -33.30 -10.96
CA LEU C 104 -14.09 -33.19 -10.08
C LEU C 104 -15.39 -33.70 -10.71
N LYS C 105 -15.62 -33.39 -12.00
CA LYS C 105 -16.79 -33.83 -12.78
C LYS C 105 -16.41 -34.07 -14.24
N ILE C 106 -17.06 -35.01 -14.90
CA ILE C 106 -17.01 -35.21 -16.37
C ILE C 106 -18.45 -35.16 -16.91
N ASN C 107 -18.79 -34.26 -17.85
CA ASN C 107 -20.17 -34.08 -18.36
C ASN C 107 -21.23 -34.09 -17.21
N ASN C 108 -20.96 -33.36 -16.14
CA ASN C 108 -21.71 -33.27 -14.88
C ASN C 108 -21.89 -34.56 -14.03
N GLU C 109 -21.34 -35.71 -14.42
CA GLU C 109 -21.20 -36.85 -13.51
C GLU C 109 -20.10 -36.60 -12.47
N SER C 110 -20.40 -36.76 -11.18
CA SER C 110 -19.42 -36.60 -10.09
C SER C 110 -18.42 -37.74 -10.04
N THR C 111 -17.12 -37.46 -9.92
CA THR C 111 -16.06 -38.47 -9.79
C THR C 111 -15.92 -39.06 -8.37
N LEU C 112 -16.82 -38.72 -7.44
CA LEU C 112 -16.70 -39.04 -6.02
C LEU C 112 -16.51 -40.54 -5.70
N SER C 113 -17.11 -41.43 -6.50
CA SER C 113 -17.04 -42.89 -6.33
C SER C 113 -16.98 -43.61 -7.68
N MET C 114 -15.88 -43.48 -8.42
CA MET C 114 -15.64 -44.20 -9.68
C MET C 114 -14.17 -44.60 -9.83
N SER C 115 -13.90 -45.62 -10.63
CA SER C 115 -12.56 -46.17 -10.89
C SER C 115 -11.85 -45.46 -12.04
N ILE C 116 -10.55 -45.68 -12.18
CA ILE C 116 -9.75 -45.23 -13.33
C ILE C 116 -10.34 -45.76 -14.65
N ASP C 117 -10.83 -47.00 -14.66
CA ASP C 117 -11.45 -47.61 -15.84
C ASP C 117 -12.81 -46.95 -16.20
N ASP C 118 -13.59 -46.51 -15.22
CA ASP C 118 -14.82 -45.75 -15.50
C ASP C 118 -14.53 -44.39 -16.13
N ALA C 119 -13.60 -43.62 -15.57
CA ALA C 119 -13.23 -42.31 -16.11
C ALA C 119 -12.65 -42.41 -17.52
N ILE C 120 -11.82 -43.40 -17.83
CA ILE C 120 -11.31 -43.60 -19.20
C ILE C 120 -12.45 -43.88 -20.18
N ASN C 121 -13.42 -44.72 -19.80
CA ASN C 121 -14.56 -45.02 -20.66
C ASN C 121 -15.53 -43.85 -20.83
N LEU C 122 -15.62 -42.90 -19.89
CA LEU C 122 -16.35 -41.64 -20.10
C LEU C 122 -15.62 -40.71 -21.08
N MET C 123 -14.28 -40.67 -21.07
CA MET C 123 -13.50 -39.78 -21.95
C MET C 123 -13.38 -40.27 -23.40
N ARG C 124 -13.03 -41.55 -23.62
CA ARG C 124 -12.79 -42.12 -24.96
C ARG C 124 -14.05 -42.03 -25.83
N GLY C 125 -13.91 -41.65 -27.10
CA GLY C 125 -15.06 -41.56 -28.01
C GLY C 125 -14.73 -41.16 -29.45
N LYS C 126 -15.75 -41.21 -30.31
CA LYS C 126 -15.70 -40.87 -31.74
C LYS C 126 -15.22 -39.43 -31.96
N PRO C 127 -14.32 -39.16 -32.94
CA PRO C 127 -13.76 -37.82 -33.16
C PRO C 127 -14.82 -36.75 -33.48
N LYS C 128 -14.46 -35.49 -33.19
CA LYS C 128 -15.30 -34.27 -33.23
C LYS C 128 -16.45 -34.20 -32.22
N THR C 129 -16.62 -35.20 -31.36
CA THR C 129 -17.63 -35.16 -30.28
C THR C 129 -17.14 -34.25 -29.13
N PRO C 130 -17.90 -33.25 -28.66
CA PRO C 130 -17.50 -32.39 -27.55
C PRO C 130 -17.49 -33.12 -26.20
N ILE C 131 -16.78 -32.58 -25.21
CA ILE C 131 -16.80 -33.00 -23.80
C ILE C 131 -16.50 -31.81 -22.88
N GLN C 132 -17.01 -31.84 -21.65
CA GLN C 132 -16.78 -30.83 -20.63
C GLN C 132 -16.22 -31.46 -19.35
N ILE C 133 -15.21 -30.84 -18.76
CA ILE C 133 -14.50 -31.35 -17.58
C ILE C 133 -14.36 -30.23 -16.55
N THR C 134 -14.58 -30.52 -15.27
CA THR C 134 -14.37 -29.57 -14.18
C THR C 134 -13.21 -30.04 -13.30
N ILE C 135 -12.25 -29.16 -13.02
CA ILE C 135 -10.96 -29.46 -12.41
C ILE C 135 -10.72 -28.58 -11.19
N VAL C 136 -10.04 -29.11 -10.18
CA VAL C 136 -9.51 -28.34 -9.05
C VAL C 136 -7.98 -28.29 -9.14
N ARG C 137 -7.40 -27.11 -8.98
CA ARG C 137 -5.96 -26.82 -9.11
C ARG C 137 -5.46 -26.03 -7.90
N LYS C 138 -4.29 -26.38 -7.36
CA LYS C 138 -3.88 -26.05 -5.98
C LYS C 138 -3.84 -24.55 -5.63
N ASN C 139 -3.44 -23.71 -6.58
CA ASN C 139 -3.31 -22.26 -6.41
C ASN C 139 -4.63 -21.47 -6.55
N GLU C 140 -5.69 -22.08 -7.09
CA GLU C 140 -6.90 -21.38 -7.54
C GLU C 140 -7.94 -21.18 -6.40
N PRO C 141 -8.78 -20.13 -6.47
CA PRO C 141 -9.84 -19.87 -5.50
C PRO C 141 -11.12 -20.71 -5.72
N LYS C 142 -11.28 -21.32 -6.91
CA LYS C 142 -12.49 -22.00 -7.39
C LYS C 142 -12.15 -23.15 -8.35
N PRO C 143 -13.06 -24.10 -8.60
CA PRO C 143 -12.96 -25.03 -9.72
C PRO C 143 -12.88 -24.32 -11.09
N LEU C 144 -12.14 -24.91 -12.03
CA LEU C 144 -11.99 -24.46 -13.41
C LEU C 144 -12.81 -25.37 -14.33
N VAL C 145 -13.54 -24.80 -15.28
CA VAL C 145 -14.31 -25.56 -16.26
C VAL C 145 -13.64 -25.47 -17.63
N PHE C 146 -13.37 -26.62 -18.24
CA PHE C 146 -12.79 -26.73 -19.58
C PHE C 146 -13.79 -27.38 -20.53
N ASN C 147 -13.91 -26.83 -21.73
CA ASN C 147 -14.70 -27.40 -22.83
C ASN C 147 -13.76 -27.76 -23.98
N ILE C 148 -13.74 -29.02 -24.41
CA ILE C 148 -12.75 -29.55 -25.36
C ILE C 148 -13.46 -30.41 -26.42
N ILE C 149 -12.94 -30.45 -27.65
CA ILE C 149 -13.48 -31.28 -28.74
C ILE C 149 -12.52 -32.43 -29.03
N ARG C 150 -13.02 -33.66 -28.97
CA ARG C 150 -12.22 -34.89 -29.13
C ARG C 150 -11.73 -35.06 -30.57
N ASP C 151 -10.59 -35.70 -30.75
CA ASP C 151 -9.94 -35.84 -32.06
C ASP C 151 -9.11 -37.13 -32.14
N ILE C 152 -8.55 -37.42 -33.30
CA ILE C 152 -7.59 -38.52 -33.55
C ILE C 152 -6.33 -37.98 -34.24
N ILE C 153 -5.67 -37.04 -33.54
CA ILE C 153 -4.40 -36.40 -33.94
C ILE C 153 -3.23 -37.40 -33.83
N LYS C 154 -2.23 -37.25 -34.69
CA LYS C 154 -0.96 -38.01 -34.66
C LYS C 154 0.22 -37.07 -34.91
N LEU C 155 1.32 -37.30 -34.19
CA LEU C 155 2.56 -36.52 -34.18
C LEU C 155 3.73 -37.47 -33.83
N PRO C 156 4.96 -37.28 -34.33
CA PRO C 156 6.09 -38.12 -33.93
C PRO C 156 6.42 -37.97 -32.44
N SER C 157 6.67 -39.08 -31.75
CA SER C 157 7.06 -39.07 -30.33
C SER C 157 8.48 -38.58 -30.10
N VAL C 158 9.36 -38.74 -31.09
CA VAL C 158 10.82 -38.57 -30.96
C VAL C 158 11.36 -37.58 -31.98
N TYR C 159 12.31 -36.73 -31.56
CA TYR C 159 13.15 -35.95 -32.46
C TYR C 159 14.53 -35.71 -31.84
N VAL C 160 15.54 -35.50 -32.69
CA VAL C 160 16.93 -35.23 -32.31
C VAL C 160 17.37 -33.89 -32.88
N LYS C 161 17.86 -32.97 -32.04
CA LYS C 161 18.33 -31.64 -32.46
C LYS C 161 19.72 -31.36 -31.90
N LYS C 162 20.58 -30.75 -32.71
CA LYS C 162 21.94 -30.36 -32.33
C LYS C 162 21.93 -29.08 -31.49
N ILE C 163 22.80 -28.95 -30.50
CA ILE C 163 22.81 -27.79 -29.59
C ILE C 163 23.87 -26.78 -30.08
N LYS C 164 23.45 -25.54 -30.35
CA LYS C 164 24.28 -24.52 -31.01
C LYS C 164 25.52 -24.16 -30.19
N GLU C 165 26.67 -24.09 -30.86
CA GLU C 165 28.00 -23.84 -30.27
C GLU C 165 28.51 -24.92 -29.30
N THR C 166 28.05 -26.18 -29.40
CA THR C 166 28.53 -27.29 -28.54
C THR C 166 28.61 -28.63 -29.29
N PRO C 167 29.38 -29.63 -28.79
CA PRO C 167 29.39 -31.01 -29.30
C PRO C 167 28.15 -31.89 -28.97
N TYR C 168 27.08 -31.36 -28.38
CA TYR C 168 26.04 -32.16 -27.70
C TYR C 168 24.71 -32.19 -28.46
N LEU C 169 23.95 -33.27 -28.25
CA LEU C 169 22.63 -33.49 -28.86
C LEU C 169 21.52 -33.41 -27.82
N TYR C 170 20.36 -32.88 -28.20
CA TYR C 170 19.13 -32.96 -27.42
C TYR C 170 18.20 -34.00 -28.04
N VAL C 171 17.79 -35.00 -27.26
CA VAL C 171 16.89 -36.08 -27.68
C VAL C 171 15.62 -36.02 -26.86
N ARG C 172 14.47 -35.82 -27.50
CA ARG C 172 13.16 -35.78 -26.84
C ARG C 172 12.43 -37.10 -27.09
N VAL C 173 11.87 -37.71 -26.04
CA VAL C 173 11.03 -38.92 -26.14
C VAL C 173 9.73 -38.66 -25.40
N SER C 174 8.63 -38.43 -26.13
CA SER C 174 7.36 -37.92 -25.57
C SER C 174 6.41 -39.01 -25.04
N GLY C 175 6.53 -40.24 -25.54
CA GLY C 175 5.83 -41.44 -25.04
C GLY C 175 6.41 -42.71 -25.65
N PHE C 176 6.43 -43.82 -24.92
CA PHE C 176 7.01 -45.10 -25.37
C PHE C 176 6.04 -45.88 -26.27
N ASP C 177 5.63 -45.27 -27.37
CA ASP C 177 4.93 -45.94 -28.47
C ASP C 177 5.91 -46.82 -29.28
N LYS C 178 5.39 -47.61 -30.23
CA LYS C 178 6.23 -48.42 -31.13
C LYS C 178 7.24 -47.59 -31.93
N ASN C 179 8.33 -48.24 -32.36
CA ASN C 179 9.46 -47.72 -33.16
C ASN C 179 10.41 -46.70 -32.50
N VAL C 180 10.26 -46.39 -31.20
CA VAL C 180 11.18 -45.47 -30.48
C VAL C 180 12.65 -45.88 -30.57
N THR C 181 12.99 -47.17 -30.52
CA THR C 181 14.39 -47.61 -30.62
C THR C 181 15.02 -47.23 -31.96
N LYS C 182 14.36 -47.52 -33.09
CA LYS C 182 14.85 -47.13 -34.43
C LYS C 182 14.90 -45.61 -34.59
N SER C 183 13.88 -44.90 -34.11
CA SER C 183 13.83 -43.45 -34.21
C SER C 183 14.98 -42.75 -33.45
N VAL C 184 15.36 -43.25 -32.27
CA VAL C 184 16.54 -42.76 -31.52
C VAL C 184 17.84 -43.24 -32.16
N LEU C 185 17.97 -44.52 -32.51
CA LEU C 185 19.21 -45.07 -33.06
C LEU C 185 19.63 -44.41 -34.38
N GLU C 186 18.71 -44.20 -35.32
CA GLU C 186 19.04 -43.53 -36.58
C GLU C 186 19.41 -42.05 -36.38
N GLY C 187 18.80 -41.37 -35.40
CA GLY C 187 19.18 -40.02 -35.03
C GLY C 187 20.63 -39.93 -34.50
N LEU C 188 21.10 -40.92 -33.75
CA LEU C 188 22.51 -41.01 -33.35
C LEU C 188 23.40 -41.40 -34.53
N LYS C 189 23.01 -42.38 -35.34
CA LYS C 189 23.79 -42.86 -36.49
C LYS C 189 23.99 -41.77 -37.56
N ALA C 190 23.06 -40.83 -37.68
CA ALA C 190 23.15 -39.64 -38.53
C ALA C 190 24.03 -38.50 -37.96
N ASN C 191 24.53 -38.60 -36.72
CA ASN C 191 25.33 -37.57 -36.05
C ASN C 191 26.64 -38.15 -35.46
N PRO C 192 27.51 -38.80 -36.26
CA PRO C 192 28.65 -39.56 -35.78
C PRO C 192 29.75 -38.75 -35.09
N LYS C 193 29.73 -37.41 -35.15
CA LYS C 193 30.67 -36.51 -34.47
C LYS C 193 30.26 -36.11 -33.03
N ALA C 194 29.05 -36.43 -32.57
CA ALA C 194 28.55 -36.01 -31.27
C ALA C 194 29.37 -36.57 -30.08
N LYS C 195 29.36 -35.84 -28.95
CA LYS C 195 30.07 -36.21 -27.71
C LYS C 195 29.20 -36.29 -26.44
N GLY C 196 27.89 -36.32 -26.56
CA GLY C 196 27.00 -36.50 -25.41
C GLY C 196 25.53 -36.21 -25.68
N ILE C 197 24.66 -36.86 -24.92
CA ILE C 197 23.20 -36.80 -25.07
C ILE C 197 22.58 -36.10 -23.87
N VAL C 198 21.64 -35.20 -24.10
CA VAL C 198 20.60 -34.85 -23.11
C VAL C 198 19.33 -35.61 -23.49
N LEU C 199 18.78 -36.43 -22.60
CA LEU C 199 17.62 -37.27 -22.87
C LEU C 199 16.43 -36.78 -22.04
N ASP C 200 15.42 -36.19 -22.67
CA ASP C 200 14.37 -35.45 -21.96
C ASP C 200 13.09 -36.28 -21.79
N LEU C 201 12.90 -36.85 -20.60
CA LEU C 201 11.74 -37.65 -20.22
C LEU C 201 10.72 -36.87 -19.37
N ARG C 202 10.81 -35.54 -19.28
CA ARG C 202 9.82 -34.72 -18.55
C ARG C 202 8.43 -34.89 -19.16
N GLY C 203 7.40 -34.99 -18.35
CA GLY C 203 6.00 -35.13 -18.78
C GLY C 203 5.64 -36.35 -19.64
N ASN C 204 6.50 -37.37 -19.75
CA ASN C 204 6.25 -38.62 -20.48
C ASN C 204 5.47 -39.62 -19.61
N PRO C 205 4.19 -39.93 -19.91
CA PRO C 205 3.32 -40.66 -18.99
C PRO C 205 3.49 -42.19 -19.01
N GLY C 206 4.12 -42.80 -20.02
CA GLY C 206 4.27 -44.25 -20.11
C GLY C 206 4.35 -44.82 -21.53
N GLY C 207 4.09 -46.12 -21.67
CA GLY C 207 4.05 -46.85 -22.95
C GLY C 207 4.49 -48.32 -22.83
N LEU C 208 4.98 -48.91 -23.93
CA LEU C 208 5.29 -50.34 -24.07
C LEU C 208 6.57 -50.78 -23.34
N LEU C 209 6.49 -51.80 -22.48
CA LEU C 209 7.67 -52.33 -21.78
C LEU C 209 8.74 -52.85 -22.73
N ASN C 210 8.37 -53.60 -23.77
CA ASN C 210 9.35 -54.16 -24.70
C ASN C 210 10.10 -53.08 -25.50
N GLN C 211 9.54 -51.86 -25.61
CA GLN C 211 10.23 -50.72 -26.20
C GLN C 211 11.09 -49.97 -25.17
N ALA C 212 10.70 -49.93 -23.90
CA ALA C 212 11.50 -49.32 -22.83
C ALA C 212 12.82 -50.07 -22.59
N VAL C 213 12.81 -51.39 -22.40
CA VAL C 213 14.04 -52.20 -22.39
C VAL C 213 14.72 -52.21 -23.77
N GLY C 214 13.97 -51.95 -24.84
CA GLY C 214 14.51 -51.75 -26.18
C GLY C 214 15.29 -50.44 -26.37
N LEU C 215 15.14 -49.46 -25.49
CA LEU C 215 15.94 -48.22 -25.50
C LEU C 215 17.21 -48.39 -24.67
N SER C 216 17.09 -48.83 -23.41
CA SER C 216 18.26 -48.95 -22.52
C SER C 216 19.26 -50.02 -22.97
N ASN C 217 18.86 -51.01 -23.75
CA ASN C 217 19.78 -51.95 -24.38
C ASN C 217 20.72 -51.32 -25.44
N LEU C 218 20.54 -50.05 -25.85
CA LEU C 218 21.56 -49.34 -26.65
C LEU C 218 22.79 -48.94 -25.83
N PHE C 219 22.63 -48.69 -24.52
CA PHE C 219 23.61 -47.97 -23.69
C PHE C 219 24.27 -48.84 -22.60
N ILE C 220 23.67 -49.96 -22.22
CA ILE C 220 24.16 -50.90 -21.20
C ILE C 220 24.55 -52.24 -21.86
N LYS C 221 25.77 -52.74 -21.65
CA LYS C 221 26.23 -54.01 -22.26
C LYS C 221 25.77 -55.27 -21.53
N GLU C 222 25.75 -55.27 -20.19
CA GLU C 222 25.53 -56.48 -19.37
C GLU C 222 24.69 -56.23 -18.10
N GLY C 223 24.14 -57.31 -17.53
CA GLY C 223 23.37 -57.31 -16.28
C GLY C 223 21.86 -57.22 -16.45
N VAL C 224 21.14 -57.25 -15.33
CA VAL C 224 19.68 -57.10 -15.26
C VAL C 224 19.25 -55.66 -15.54
N LEU C 225 18.25 -55.45 -16.39
CA LEU C 225 17.65 -54.14 -16.66
C LEU C 225 16.50 -53.84 -15.70
N VAL C 226 15.56 -54.77 -15.54
CA VAL C 226 14.41 -54.69 -14.63
C VAL C 226 13.89 -56.11 -14.34
N SER C 227 13.13 -56.29 -13.27
CA SER C 227 12.47 -57.57 -12.96
C SER C 227 11.04 -57.39 -12.47
N GLN C 228 10.21 -58.39 -12.73
CA GLN C 228 8.75 -58.41 -12.54
C GLN C 228 8.39 -59.54 -11.56
N LYS C 229 7.74 -59.24 -10.42
CA LYS C 229 7.47 -60.22 -9.37
C LYS C 229 6.04 -60.15 -8.82
N GLY C 230 5.45 -61.31 -8.57
CA GLY C 230 4.27 -61.51 -7.72
C GLY C 230 4.58 -62.51 -6.60
N LYS C 231 3.57 -62.96 -5.85
CA LYS C 231 3.76 -63.93 -4.76
C LYS C 231 4.15 -65.35 -5.21
N ASN C 232 3.77 -65.75 -6.42
CA ASN C 232 4.14 -67.05 -7.00
C ASN C 232 5.58 -67.03 -7.57
N LYS C 233 6.29 -68.17 -7.51
CA LYS C 233 7.64 -68.32 -8.08
C LYS C 233 7.64 -68.34 -9.61
N GLU C 234 6.81 -69.16 -10.23
CA GLU C 234 6.63 -69.19 -11.68
C GLU C 234 6.07 -67.86 -12.21
N GLU C 235 6.45 -67.47 -13.42
CA GLU C 235 6.17 -66.15 -14.04
C GLU C 235 6.87 -64.94 -13.36
N SER C 236 7.89 -65.17 -12.54
CA SER C 236 8.79 -64.12 -12.04
C SER C 236 9.82 -63.70 -13.10
N LEU C 237 9.39 -63.03 -14.16
CA LEU C 237 10.24 -62.64 -15.28
C LEU C 237 11.37 -61.69 -14.86
N GLU C 238 12.52 -61.82 -15.52
CA GLU C 238 13.70 -61.00 -15.35
C GLU C 238 14.29 -60.64 -16.71
N TYR C 239 14.56 -59.36 -16.96
CA TYR C 239 14.98 -58.87 -18.27
C TYR C 239 16.45 -58.47 -18.20
N LYS C 240 17.28 -58.97 -19.12
CA LYS C 240 18.74 -58.79 -19.13
C LYS C 240 19.23 -58.23 -20.46
N ALA C 241 20.27 -57.41 -20.42
CA ALA C 241 20.85 -56.82 -21.62
C ALA C 241 21.57 -57.87 -22.50
N ASN C 242 21.80 -57.54 -23.76
CA ASN C 242 22.62 -58.35 -24.67
C ASN C 242 23.82 -57.54 -25.20
N GLY C 243 24.93 -58.22 -25.53
CA GLY C 243 26.22 -57.58 -25.77
C GLY C 243 26.34 -56.66 -26.99
N ARG C 244 25.27 -56.49 -27.79
CA ARG C 244 25.28 -55.68 -29.02
C ARG C 244 25.19 -54.16 -28.80
N ALA C 245 25.05 -53.69 -27.55
CA ALA C 245 24.89 -52.29 -27.17
C ALA C 245 25.96 -51.37 -27.83
N PRO C 246 25.60 -50.49 -28.79
CA PRO C 246 26.60 -49.76 -29.58
C PRO C 246 27.37 -48.68 -28.80
N TYR C 247 26.74 -48.04 -27.81
CA TYR C 247 27.20 -46.78 -27.22
C TYR C 247 27.50 -46.90 -25.72
N THR C 248 28.46 -47.76 -25.35
CA THR C 248 28.79 -48.01 -23.94
C THR C 248 29.56 -46.86 -23.25
N ASN C 249 30.37 -46.08 -23.98
CA ASN C 249 31.21 -45.01 -23.41
C ASN C 249 30.65 -43.57 -23.51
N LEU C 250 29.59 -43.34 -24.29
CA LEU C 250 29.01 -42.02 -24.53
C LEU C 250 28.39 -41.39 -23.26
N PRO C 251 28.69 -40.12 -22.90
CA PRO C 251 28.04 -39.40 -21.79
C PRO C 251 26.54 -39.18 -21.97
N ILE C 252 25.76 -39.27 -20.89
CA ILE C 252 24.30 -39.08 -20.88
C ILE C 252 23.88 -38.25 -19.66
N ALA C 253 22.97 -37.28 -19.85
CA ALA C 253 22.23 -36.64 -18.76
C ALA C 253 20.73 -36.82 -18.98
N VAL C 254 19.97 -37.29 -17.99
CA VAL C 254 18.53 -37.60 -18.12
C VAL C 254 17.71 -36.60 -17.32
N LEU C 255 16.67 -36.01 -17.91
CA LEU C 255 15.77 -35.07 -17.23
C LEU C 255 14.45 -35.75 -16.85
N VAL C 256 13.99 -35.63 -15.60
CA VAL C 256 12.76 -36.23 -15.07
C VAL C 256 12.00 -35.27 -14.16
N ASN C 257 10.67 -35.36 -14.11
CA ASN C 257 9.82 -34.55 -13.23
C ASN C 257 8.52 -35.28 -12.86
N GLY C 258 7.67 -34.66 -12.05
CA GLY C 258 6.46 -35.28 -11.48
C GLY C 258 5.38 -35.71 -12.48
N GLY C 259 5.50 -35.38 -13.76
CA GLY C 259 4.63 -35.88 -14.83
C GLY C 259 5.18 -37.13 -15.52
N SER C 260 6.29 -37.71 -15.06
CA SER C 260 6.90 -38.92 -15.64
C SER C 260 6.68 -40.13 -14.75
N ALA C 261 6.27 -41.25 -15.36
CA ALA C 261 5.80 -42.45 -14.69
C ALA C 261 6.06 -43.73 -15.51
N ALA C 262 5.95 -44.89 -14.85
CA ALA C 262 5.91 -46.23 -15.48
C ALA C 262 7.11 -46.54 -16.38
N ALA C 263 6.93 -46.74 -17.69
CA ALA C 263 8.05 -47.05 -18.60
C ALA C 263 9.17 -45.99 -18.58
N SER C 264 8.84 -44.71 -18.38
CA SER C 264 9.86 -43.66 -18.23
C SER C 264 10.66 -43.77 -16.92
N GLU C 265 10.12 -44.37 -15.87
CA GLU C 265 10.84 -44.64 -14.63
C GLU C 265 11.69 -45.92 -14.73
N ILE C 266 11.32 -46.89 -15.55
CA ILE C 266 12.13 -48.08 -15.79
C ILE C 266 13.43 -47.71 -16.50
N VAL C 267 13.38 -46.81 -17.49
CA VAL C 267 14.59 -46.31 -18.18
C VAL C 267 15.48 -45.51 -17.23
N ALA C 268 14.94 -44.53 -16.50
CA ALA C 268 15.72 -43.73 -15.57
C ALA C 268 16.34 -44.57 -14.44
N GLY C 269 15.59 -45.47 -13.82
CA GLY C 269 16.08 -46.31 -12.73
C GLY C 269 17.13 -47.33 -13.17
N ALA C 270 17.04 -47.89 -14.37
CA ALA C 270 18.05 -48.80 -14.88
C ALA C 270 19.38 -48.09 -15.18
N LEU C 271 19.35 -46.92 -15.82
CA LEU C 271 20.55 -46.12 -16.06
C LEU C 271 21.19 -45.64 -14.76
N GLN C 272 20.40 -45.20 -13.78
CA GLN C 272 20.91 -44.78 -12.47
C GLN C 272 21.57 -45.91 -11.69
N ASP C 273 20.95 -47.09 -11.58
CA ASP C 273 21.53 -48.22 -10.82
C ASP C 273 22.80 -48.79 -11.47
N HIS C 274 22.93 -48.79 -12.80
CA HIS C 274 24.17 -49.17 -13.49
C HIS C 274 25.22 -48.06 -13.60
N LYS C 275 25.00 -46.89 -12.97
CA LYS C 275 25.89 -45.71 -13.02
C LYS C 275 26.15 -45.18 -14.43
N ARG C 276 25.27 -45.42 -15.42
CA ARG C 276 25.45 -44.99 -16.81
C ARG C 276 25.06 -43.55 -17.10
N ALA C 277 24.37 -42.84 -16.22
CA ALA C 277 23.92 -41.48 -16.47
C ALA C 277 23.72 -40.69 -15.17
N VAL C 278 23.58 -39.38 -15.28
CA VAL C 278 23.21 -38.49 -14.17
C VAL C 278 21.74 -38.11 -14.32
N ILE C 279 20.92 -38.25 -13.28
CA ILE C 279 19.48 -37.98 -13.32
C ILE C 279 19.21 -36.61 -12.69
N ILE C 280 18.48 -35.73 -13.37
CA ILE C 280 18.36 -34.30 -13.02
C ILE C 280 16.89 -33.90 -13.03
N GLY C 281 16.46 -33.04 -12.10
CA GLY C 281 15.13 -32.45 -12.13
C GLY C 281 14.39 -32.55 -10.80
N GLU C 282 13.28 -33.29 -10.76
CA GLU C 282 12.37 -33.41 -9.61
C GLU C 282 11.87 -34.86 -9.46
N LYS C 283 11.35 -35.27 -8.30
CA LYS C 283 10.89 -36.65 -8.06
C LYS C 283 9.74 -37.07 -9.00
N THR C 284 9.80 -38.28 -9.55
CA THR C 284 8.79 -38.83 -10.48
C THR C 284 7.48 -39.25 -9.80
N PHE C 285 6.44 -39.60 -10.57
CA PHE C 285 5.15 -40.12 -10.06
C PHE C 285 5.17 -41.64 -10.03
N GLY C 286 5.35 -42.25 -8.85
CA GLY C 286 5.61 -43.68 -8.75
C GLY C 286 4.45 -44.56 -9.25
N ALA C 287 4.67 -45.34 -10.31
CA ALA C 287 3.64 -46.16 -10.96
C ALA C 287 4.15 -47.57 -11.31
N GLY C 288 4.46 -48.36 -10.27
CA GLY C 288 5.23 -49.61 -10.38
C GLY C 288 4.48 -50.93 -10.48
N SER C 289 3.23 -50.96 -10.96
CA SER C 289 2.34 -52.14 -10.96
C SER C 289 1.91 -52.56 -12.36
N VAL C 290 1.65 -53.86 -12.59
CA VAL C 290 1.09 -54.38 -13.85
C VAL C 290 -0.12 -55.30 -13.64
N ALA C 291 -1.12 -55.20 -14.51
CA ALA C 291 -2.40 -55.88 -14.42
C ALA C 291 -2.69 -56.80 -15.61
N MET C 292 -3.47 -57.86 -15.38
CA MET C 292 -3.80 -58.90 -16.37
C MET C 292 -5.30 -59.18 -16.40
N LEU C 293 -5.80 -59.66 -17.54
CA LEU C 293 -7.22 -59.93 -17.80
C LEU C 293 -7.48 -61.44 -17.87
N LEU C 294 -8.43 -61.93 -17.07
CA LEU C 294 -8.68 -63.35 -16.82
C LEU C 294 -10.15 -63.71 -17.06
N PRO C 295 -10.49 -64.73 -17.88
CA PRO C 295 -11.85 -65.24 -17.97
C PRO C 295 -12.20 -66.10 -16.75
N VAL C 296 -13.39 -65.90 -16.15
CA VAL C 296 -13.76 -66.49 -14.85
C VAL C 296 -15.04 -67.32 -14.87
N ASN C 297 -16.01 -66.95 -15.71
CA ASN C 297 -17.25 -67.70 -15.93
C ASN C 297 -17.34 -68.12 -17.42
N LYS C 298 -18.50 -68.61 -17.87
CA LYS C 298 -18.70 -69.06 -19.26
C LYS C 298 -18.42 -67.98 -20.30
N ASP C 299 -18.68 -66.72 -19.97
CA ASP C 299 -18.62 -65.59 -20.89
C ASP C 299 -18.31 -64.26 -20.18
N GLU C 300 -17.46 -64.27 -19.14
CA GLU C 300 -17.16 -63.10 -18.30
C GLU C 300 -15.69 -63.09 -17.86
N ALA C 301 -15.14 -61.91 -17.59
CA ALA C 301 -13.74 -61.74 -17.20
C ALA C 301 -13.53 -60.71 -16.09
N ILE C 302 -12.42 -60.81 -15.38
CA ILE C 302 -11.94 -59.81 -14.42
C ILE C 302 -10.56 -59.29 -14.84
N LYS C 303 -10.27 -58.03 -14.56
CA LYS C 303 -8.94 -57.44 -14.64
C LYS C 303 -8.44 -57.21 -13.22
N ILE C 304 -7.24 -57.65 -12.87
CA ILE C 304 -6.65 -57.46 -11.52
C ILE C 304 -5.15 -57.20 -11.59
N THR C 305 -4.59 -56.46 -10.62
CA THR C 305 -3.14 -56.27 -10.52
C THR C 305 -2.49 -57.62 -10.22
N THR C 306 -1.40 -57.98 -10.89
CA THR C 306 -0.79 -59.32 -10.80
C THR C 306 0.69 -59.31 -10.39
N ALA C 307 1.45 -58.25 -10.68
CA ALA C 307 2.87 -58.15 -10.35
C ALA C 307 3.33 -56.70 -10.16
N ARG C 308 4.51 -56.51 -9.56
CA ARG C 308 5.18 -55.21 -9.36
C ARG C 308 6.59 -55.23 -9.97
N TYR C 309 7.10 -54.07 -10.38
CA TYR C 309 8.45 -53.92 -10.95
C TYR C 309 9.51 -53.62 -9.88
N TYR C 310 10.68 -54.22 -10.04
CA TYR C 310 11.84 -54.12 -9.16
C TYR C 310 13.09 -53.76 -9.96
N LEU C 311 13.84 -52.76 -9.49
CA LEU C 311 15.05 -52.20 -10.11
C LEU C 311 16.27 -53.10 -9.85
N PRO C 312 17.40 -52.93 -10.56
CA PRO C 312 18.60 -53.75 -10.36
C PRO C 312 19.14 -53.77 -8.91
N SER C 313 19.00 -52.67 -8.17
CA SER C 313 19.34 -52.56 -6.74
C SER C 313 18.38 -53.29 -5.80
N GLY C 314 17.28 -53.86 -6.29
CA GLY C 314 16.25 -54.52 -5.47
C GLY C 314 15.22 -53.56 -4.86
N ARG C 315 15.33 -52.25 -5.10
CA ARG C 315 14.29 -51.25 -4.80
C ARG C 315 13.06 -51.48 -5.68
N THR C 316 11.87 -51.08 -5.24
CA THR C 316 10.64 -51.08 -6.05
C THR C 316 10.09 -49.67 -6.25
N ILE C 317 9.46 -49.43 -7.40
CA ILE C 317 8.96 -48.12 -7.82
C ILE C 317 7.71 -47.69 -7.02
N GLN C 318 6.86 -48.62 -6.58
CA GLN C 318 5.67 -48.35 -5.76
C GLN C 318 6.01 -47.89 -4.33
N ALA C 319 5.55 -46.75 -3.83
CA ALA C 319 5.04 -45.55 -4.50
C ALA C 319 6.04 -44.39 -4.36
N LYS C 320 7.34 -44.73 -4.26
CA LYS C 320 8.45 -43.80 -4.05
C LYS C 320 8.95 -43.13 -5.34
N GLY C 321 8.82 -43.80 -6.48
CA GLY C 321 9.37 -43.33 -7.75
C GLY C 321 10.90 -43.30 -7.75
N ILE C 322 11.48 -42.48 -8.61
CA ILE C 322 12.91 -42.22 -8.77
C ILE C 322 13.23 -40.83 -8.22
N THR C 323 14.25 -40.69 -7.37
CA THR C 323 14.78 -39.38 -6.95
C THR C 323 16.02 -39.00 -7.77
N PRO C 324 16.12 -37.76 -8.29
CA PRO C 324 17.24 -37.34 -9.10
C PRO C 324 18.52 -37.19 -8.27
N ASP C 325 19.68 -37.24 -8.93
CA ASP C 325 20.98 -37.01 -8.30
C ASP C 325 21.22 -35.51 -8.04
N ILE C 326 20.67 -34.63 -8.87
CA ILE C 326 20.74 -33.17 -8.76
C ILE C 326 19.31 -32.62 -8.80
N VAL C 327 18.84 -31.92 -7.76
CA VAL C 327 17.46 -31.40 -7.68
C VAL C 327 17.43 -29.93 -8.11
N ILE C 328 16.52 -29.57 -9.01
CA ILE C 328 16.31 -28.17 -9.43
C ILE C 328 14.91 -27.94 -10.02
N TYR C 329 14.16 -27.01 -9.44
CA TYR C 329 12.80 -26.64 -9.86
C TYR C 329 12.78 -25.69 -11.07
N PRO C 330 11.66 -25.55 -11.79
CA PRO C 330 11.58 -24.70 -13.00
C PRO C 330 11.81 -23.22 -12.75
N GLY C 331 12.34 -22.52 -13.75
CA GLY C 331 12.58 -21.08 -13.71
C GLY C 331 13.56 -20.60 -14.79
N LYS C 332 13.68 -19.28 -14.96
CA LYS C 332 14.63 -18.63 -15.89
C LYS C 332 15.99 -18.39 -15.22
N VAL C 333 17.07 -18.41 -16.02
CA VAL C 333 18.45 -18.20 -15.52
C VAL C 333 18.68 -16.77 -15.00
N PRO C 334 19.62 -16.54 -14.06
CA PRO C 334 20.02 -15.19 -13.63
C PRO C 334 20.73 -14.41 -14.74
N GLU C 335 20.89 -13.09 -14.56
CA GLU C 335 21.42 -12.18 -15.60
C GLU C 335 22.39 -11.13 -14.99
N ASN C 336 23.32 -10.64 -15.80
CA ASN C 336 24.39 -9.73 -15.39
C ASN C 336 23.95 -8.26 -15.34
N GLU C 337 23.86 -7.67 -14.14
CA GLU C 337 23.59 -6.23 -13.97
C GLU C 337 24.86 -5.35 -13.89
N ASN C 338 25.97 -5.87 -13.35
CA ASN C 338 27.19 -5.13 -13.02
C ASN C 338 28.09 -4.85 -14.24
N LYS C 339 27.50 -4.46 -15.38
CA LYS C 339 28.15 -4.39 -16.70
C LYS C 339 29.22 -3.29 -16.84
N PHE C 340 29.19 -2.25 -16.00
CA PHE C 340 30.12 -1.11 -16.02
C PHE C 340 31.37 -1.30 -15.15
N SER C 341 31.56 -2.46 -14.52
CA SER C 341 32.70 -2.75 -13.63
C SER C 341 34.06 -2.71 -14.34
N LEU C 342 35.12 -2.41 -13.58
CA LEU C 342 36.47 -2.11 -14.07
C LEU C 342 37.31 -3.36 -14.40
N LYS C 343 38.18 -3.27 -15.42
CA LYS C 343 39.05 -4.36 -15.94
C LYS C 343 40.42 -3.81 -16.30
N GLU C 344 41.44 -4.66 -16.46
CA GLU C 344 42.79 -4.26 -16.88
C GLU C 344 42.78 -3.46 -18.19
N ALA C 345 41.93 -3.83 -19.14
CA ALA C 345 41.84 -3.15 -20.43
C ALA C 345 41.35 -1.70 -20.35
N ASP C 346 40.73 -1.27 -19.24
CA ASP C 346 40.21 0.09 -19.04
C ASP C 346 41.22 1.03 -18.36
N LEU C 347 42.27 0.52 -17.74
CA LEU C 347 43.31 1.32 -17.07
C LEU C 347 44.21 2.02 -18.10
N LYS C 348 44.70 3.23 -17.80
CA LYS C 348 45.72 3.91 -18.63
C LYS C 348 47.12 3.31 -18.42
N HIS C 349 47.93 3.24 -19.47
CA HIS C 349 49.24 2.58 -19.48
C HIS C 349 49.24 1.08 -19.13
N HIS C 350 48.18 0.33 -19.44
CA HIS C 350 48.26 -1.13 -19.36
C HIS C 350 49.25 -1.68 -20.41
N LEU C 351 49.96 -2.77 -20.11
CA LEU C 351 50.74 -3.47 -21.14
C LEU C 351 49.77 -4.10 -22.16
N GLU C 352 50.09 -4.05 -23.45
CA GLU C 352 49.21 -4.60 -24.50
C GLU C 352 49.39 -6.11 -24.74
N GLN C 353 48.43 -6.70 -25.44
CA GLN C 353 48.33 -8.13 -25.73
C GLN C 353 49.43 -8.62 -26.67
N GLU C 354 50.35 -9.45 -26.19
CA GLU C 354 51.47 -10.00 -26.98
C GLU C 354 52.00 -11.33 -26.42
N GLU C 377 14.64 -23.35 -36.40
CA GLU C 377 15.98 -23.23 -36.97
C GLU C 377 16.77 -24.56 -36.99
N LYS C 378 16.11 -25.69 -36.64
CA LYS C 378 16.65 -27.06 -36.55
C LYS C 378 17.90 -27.25 -35.67
N GLU C 379 18.14 -26.33 -34.74
CA GLU C 379 19.15 -26.40 -33.69
C GLU C 379 18.64 -25.73 -32.40
N VAL C 380 19.11 -26.17 -31.24
CA VAL C 380 18.75 -25.54 -29.96
C VAL C 380 19.59 -24.27 -29.75
N THR C 381 18.95 -23.11 -29.74
CA THR C 381 19.60 -21.79 -29.64
C THR C 381 19.82 -21.34 -28.19
N PRO C 382 20.77 -20.43 -27.92
CA PRO C 382 21.00 -19.89 -26.57
C PRO C 382 19.75 -19.26 -25.94
N LYS C 383 18.90 -18.61 -26.73
CA LYS C 383 17.67 -17.98 -26.24
C LYS C 383 16.69 -18.98 -25.64
N MET C 384 16.60 -20.20 -26.17
CA MET C 384 15.81 -21.27 -25.56
C MET C 384 16.44 -21.79 -24.26
N ILE C 385 17.75 -22.03 -24.24
CA ILE C 385 18.46 -22.52 -23.06
C ILE C 385 18.34 -21.56 -21.86
N ASN C 386 18.28 -20.25 -22.09
CA ASN C 386 18.08 -19.26 -21.03
C ASN C 386 16.68 -19.31 -20.40
N ASP C 387 15.66 -19.85 -21.09
CA ASP C 387 14.27 -19.86 -20.60
C ASP C 387 13.93 -21.00 -19.62
N ASP C 388 14.69 -22.09 -19.53
CA ASP C 388 14.56 -23.05 -18.41
C ASP C 388 15.90 -23.57 -17.88
N ILE C 389 16.15 -23.31 -16.59
CA ILE C 389 17.40 -23.65 -15.92
C ILE C 389 17.61 -25.17 -15.75
N GLN C 390 16.55 -25.99 -15.83
CA GLN C 390 16.68 -27.45 -15.87
C GLN C 390 17.48 -27.93 -17.10
N LEU C 391 17.26 -27.37 -18.29
CA LEU C 391 18.02 -27.76 -19.48
C LEU C 391 19.46 -27.25 -19.43
N LYS C 392 19.69 -26.05 -18.90
CA LYS C 392 21.05 -25.54 -18.65
C LYS C 392 21.85 -26.49 -17.76
N THR C 393 21.26 -26.95 -16.66
CA THR C 393 21.92 -27.85 -15.69
C THR C 393 22.30 -29.19 -16.27
N ALA C 394 21.55 -29.71 -17.24
CA ALA C 394 21.91 -30.94 -17.93
C ALA C 394 23.17 -30.76 -18.79
N ILE C 395 23.33 -29.63 -19.47
CA ILE C 395 24.50 -29.35 -20.31
C ILE C 395 25.75 -29.13 -19.45
N ASP C 396 25.63 -28.43 -18.33
CA ASP C 396 26.74 -28.22 -17.38
C ASP C 396 27.30 -29.54 -16.79
N SER C 397 26.45 -30.55 -16.65
CA SER C 397 26.89 -31.88 -16.23
C SER C 397 27.68 -32.60 -17.32
N LEU C 398 27.28 -32.49 -18.59
CA LEU C 398 28.05 -33.04 -19.71
C LEU C 398 29.41 -32.36 -19.89
N LYS C 399 29.52 -31.06 -19.62
CA LYS C 399 30.82 -30.35 -19.59
C LYS C 399 31.74 -30.88 -18.49
N THR C 400 31.24 -31.11 -17.28
CA THR C 400 32.05 -31.76 -16.22
C THR C 400 32.52 -33.16 -16.65
N TRP C 401 31.64 -33.99 -17.21
CA TRP C 401 31.99 -35.36 -17.65
C TRP C 401 33.09 -35.33 -18.71
N SER C 402 32.98 -34.44 -19.69
CA SER C 402 33.97 -34.30 -20.76
C SER C 402 35.38 -33.98 -20.23
N ILE C 403 35.50 -33.19 -19.16
CA ILE C 403 36.78 -32.84 -18.54
C ILE C 403 37.38 -34.04 -17.80
N VAL C 404 36.57 -34.81 -17.05
CA VAL C 404 37.06 -36.01 -16.36
C VAL C 404 37.57 -37.06 -17.34
N ASP C 405 36.90 -37.26 -18.49
CA ASP C 405 37.45 -38.11 -19.56
C ASP C 405 38.81 -37.61 -20.06
N GLU C 406 38.96 -36.31 -20.36
CA GLU C 406 40.20 -35.76 -20.87
C GLU C 406 41.35 -35.81 -19.86
N LYS C 407 41.06 -35.66 -18.56
CA LYS C 407 42.03 -35.92 -17.49
C LYS C 407 42.50 -37.37 -17.50
N MET C 408 41.57 -38.33 -17.51
CA MET C 408 41.91 -39.75 -17.39
C MET C 408 42.60 -40.31 -18.65
N ASP C 409 42.26 -39.82 -19.83
CA ASP C 409 43.09 -39.98 -21.04
C ASP C 409 44.28 -39.00 -20.98
N HIS D 7 74.87 17.64 -18.76
CA HIS D 7 74.11 16.53 -18.13
C HIS D 7 72.86 16.19 -18.94
N MET D 8 72.40 14.93 -18.90
CA MET D 8 71.21 14.49 -19.66
C MET D 8 69.87 15.00 -19.09
N PHE D 9 69.84 15.37 -17.80
CA PHE D 9 68.63 15.81 -17.08
C PHE D 9 68.26 17.29 -17.28
N SER D 10 68.93 18.02 -18.18
CA SER D 10 68.74 19.46 -18.39
C SER D 10 67.29 19.85 -18.68
N ARG D 11 66.58 19.12 -19.55
CA ARG D 11 65.17 19.41 -19.88
C ARG D 11 64.24 19.36 -18.67
N PHE D 12 64.45 18.41 -17.76
CA PHE D 12 63.71 18.35 -16.49
C PHE D 12 64.15 19.47 -15.54
N SER D 13 65.45 19.71 -15.40
CA SER D 13 65.98 20.78 -14.53
C SER D 13 65.47 22.18 -14.92
N ASN D 14 65.31 22.46 -16.21
CA ASN D 14 64.69 23.71 -16.68
C ASN D 14 63.21 23.83 -16.32
N VAL D 15 62.41 22.77 -16.44
CA VAL D 15 61.02 22.79 -15.99
C VAL D 15 60.93 23.02 -14.48
N VAL D 16 61.78 22.36 -13.68
CA VAL D 16 61.86 22.59 -12.23
C VAL D 16 62.29 24.01 -11.89
N SER D 17 63.17 24.62 -12.69
CA SER D 17 63.58 26.02 -12.53
C SER D 17 62.44 27.00 -12.81
N GLU D 18 61.74 26.85 -13.94
CA GLU D 18 60.65 27.76 -14.34
C GLU D 18 59.46 27.71 -13.37
N ILE D 19 59.03 26.51 -12.98
CA ILE D 19 57.85 26.33 -12.14
C ILE D 19 58.03 26.90 -10.73
N GLU D 20 59.24 26.85 -10.19
CA GLU D 20 59.55 27.33 -8.85
C GLU D 20 59.29 28.84 -8.69
N LYS D 21 59.66 29.66 -9.69
CA LYS D 21 59.41 31.11 -9.64
C LYS D 21 57.98 31.51 -10.02
N LYS D 22 57.36 30.92 -11.04
CA LYS D 22 56.07 31.38 -11.60
C LYS D 22 54.81 30.71 -11.08
N TYR D 23 54.85 29.52 -10.48
CA TYR D 23 53.67 28.90 -9.87
C TYR D 23 53.12 29.75 -8.70
N VAL D 24 51.80 29.72 -8.44
CA VAL D 24 51.12 30.56 -7.42
C VAL D 24 51.65 30.44 -6.00
N ASP D 25 51.88 29.22 -5.52
CA ASP D 25 52.28 28.99 -4.13
C ASP D 25 53.81 28.87 -3.98
N LYS D 26 54.30 28.94 -2.74
CA LYS D 26 55.71 28.74 -2.37
C LYS D 26 55.94 27.26 -2.02
N ILE D 27 56.88 26.61 -2.70
CA ILE D 27 57.26 25.20 -2.50
C ILE D 27 58.77 25.01 -2.61
N SER D 28 59.32 24.09 -1.82
CA SER D 28 60.75 23.75 -1.81
C SER D 28 61.13 22.75 -2.91
N ILE D 29 62.43 22.62 -3.20
CA ILE D 29 62.91 21.60 -4.14
C ILE D 29 62.69 20.18 -3.58
N SER D 30 62.70 20.00 -2.26
CA SER D 30 62.32 18.71 -1.63
C SER D 30 60.88 18.29 -1.97
N GLU D 31 59.94 19.23 -1.97
CA GLU D 31 58.56 18.98 -2.38
C GLU D 31 58.46 18.71 -3.89
N ILE D 32 59.10 19.51 -4.74
CA ILE D 32 59.09 19.30 -6.20
C ILE D 32 59.66 17.92 -6.58
N MET D 33 60.82 17.55 -6.05
CA MET D 33 61.44 16.25 -6.34
C MET D 33 60.58 15.08 -5.85
N THR D 34 59.93 15.21 -4.69
CA THR D 34 59.01 14.17 -4.20
C THR D 34 57.80 14.00 -5.13
N LYS D 35 57.20 15.08 -5.62
CA LYS D 35 56.12 15.02 -6.62
C LYS D 35 56.59 14.43 -7.95
N ALA D 36 57.82 14.73 -8.39
CA ALA D 36 58.38 14.18 -9.62
C ALA D 36 58.62 12.66 -9.52
N ILE D 37 59.16 12.17 -8.41
CA ILE D 37 59.42 10.74 -8.20
C ILE D 37 58.12 9.94 -8.16
N GLU D 38 57.12 10.34 -7.36
CA GLU D 38 55.83 9.65 -7.32
C GLU D 38 55.06 9.76 -8.64
N GLY D 39 55.24 10.85 -9.38
CA GLY D 39 54.68 11.02 -10.72
C GLY D 39 55.34 10.13 -11.78
N LEU D 40 56.66 9.98 -11.76
CA LEU D 40 57.39 9.15 -12.72
C LEU D 40 56.98 7.69 -12.62
N LEU D 41 57.03 7.10 -11.43
CA LEU D 41 56.70 5.68 -11.26
C LEU D 41 55.24 5.39 -11.60
N SER D 42 54.33 6.31 -11.32
CA SER D 42 52.92 6.20 -11.72
C SER D 42 52.68 6.31 -13.24
N ASN D 43 53.68 6.73 -14.04
CA ASN D 43 53.60 6.85 -15.50
C ASN D 43 54.30 5.72 -16.28
N LEU D 44 54.97 4.76 -15.63
CA LEU D 44 55.63 3.67 -16.34
C LEU D 44 54.65 2.63 -16.90
N ASP D 45 53.70 2.18 -16.10
CA ASP D 45 52.64 1.25 -16.49
C ASP D 45 51.50 1.31 -15.47
N ALA D 46 50.44 0.50 -15.63
CA ALA D 46 49.30 0.51 -14.74
C ALA D 46 49.58 0.10 -13.28
N HIS D 47 50.69 -0.60 -12.97
CA HIS D 47 50.91 -1.27 -11.67
C HIS D 47 52.19 -0.88 -10.92
N SER D 48 53.17 -0.23 -11.53
CA SER D 48 54.35 0.33 -10.83
C SER D 48 53.96 1.44 -9.85
N ALA D 49 54.71 1.63 -8.76
CA ALA D 49 54.39 2.63 -7.72
C ALA D 49 55.59 2.96 -6.81
N TYR D 50 55.48 4.07 -6.07
CA TYR D 50 56.42 4.46 -5.01
C TYR D 50 55.80 4.28 -3.63
N LEU D 51 56.50 3.63 -2.70
CA LEU D 51 56.04 3.30 -1.36
C LEU D 51 56.86 4.08 -0.32
N ASN D 52 56.31 5.20 0.15
CA ASN D 52 56.86 5.96 1.27
C ASN D 52 56.58 5.26 2.62
N GLU D 53 57.06 5.82 3.72
CA GLU D 53 56.96 5.24 5.07
C GLU D 53 55.53 4.83 5.48
N LYS D 54 54.51 5.62 5.15
CA LYS D 54 53.11 5.30 5.48
C LYS D 54 52.44 4.30 4.54
N LYS D 55 53.14 3.85 3.48
CA LYS D 55 52.71 2.73 2.62
C LYS D 55 53.51 1.46 2.89
N PHE D 56 54.84 1.55 2.96
CA PHE D 56 55.69 0.35 3.00
C PHE D 56 55.46 -0.49 4.25
N LYS D 57 55.23 0.14 5.41
CA LYS D 57 54.86 -0.57 6.65
C LYS D 57 53.55 -1.34 6.51
N GLU D 58 52.55 -0.78 5.84
CA GLU D 58 51.27 -1.44 5.59
C GLU D 58 51.41 -2.63 4.64
N PHE D 59 52.21 -2.49 3.57
CA PHE D 59 52.52 -3.60 2.67
C PHE D 59 53.21 -4.76 3.41
N GLN D 60 54.22 -4.46 4.24
CA GLN D 60 54.87 -5.48 5.07
C GLN D 60 53.87 -6.16 6.00
N ALA D 61 53.02 -5.39 6.68
CA ALA D 61 52.00 -5.93 7.57
C ALA D 61 51.04 -6.88 6.83
N GLN D 62 50.44 -6.44 5.73
CA GLN D 62 49.47 -7.25 4.97
C GLN D 62 50.10 -8.56 4.47
N THR D 63 51.28 -8.51 3.87
CA THR D 63 51.94 -9.72 3.35
C THR D 63 52.48 -10.65 4.44
N GLU D 64 52.68 -10.17 5.67
CA GLU D 64 53.11 -10.97 6.80
C GLU D 64 51.94 -11.55 7.63
N GLY D 65 50.75 -10.94 7.52
CA GLY D 65 49.51 -11.36 8.21
C GLY D 65 49.27 -10.72 9.59
N GLU D 66 50.22 -9.92 10.08
CA GLU D 66 50.17 -9.25 11.40
C GLU D 66 49.48 -7.87 11.35
N PHE D 67 48.92 -7.41 12.47
CA PHE D 67 48.24 -6.11 12.55
C PHE D 67 48.33 -5.55 13.98
N GLY D 68 49.10 -4.48 14.21
CA GLY D 68 49.20 -3.85 15.53
C GLY D 68 48.03 -2.88 15.78
N GLY D 69 47.12 -3.21 16.70
CA GLY D 69 45.93 -2.37 16.94
C GLY D 69 44.92 -2.94 17.94
N LEU D 70 43.69 -2.41 17.88
CA LEU D 70 42.59 -2.76 18.81
C LEU D 70 41.60 -3.82 18.30
N GLY D 71 41.31 -3.84 16.99
CA GLY D 71 40.45 -4.86 16.34
C GLY D 71 38.99 -4.49 16.13
N ILE D 72 38.60 -3.22 16.26
CA ILE D 72 37.25 -2.75 15.89
C ILE D 72 37.09 -2.65 14.36
N THR D 73 36.03 -3.23 13.79
CA THR D 73 35.68 -3.09 12.36
C THR D 73 34.78 -1.87 12.18
N VAL D 74 35.35 -0.71 11.85
CA VAL D 74 34.56 0.51 11.55
C VAL D 74 34.00 0.44 10.12
N GLY D 75 32.69 0.67 9.95
CA GLY D 75 31.99 0.50 8.66
C GLY D 75 31.30 1.75 8.09
N MET D 76 31.57 2.93 8.65
CA MET D 76 30.99 4.24 8.25
C MET D 76 29.45 4.34 8.30
N ARG D 77 28.77 3.51 9.10
CA ARG D 77 27.30 3.55 9.25
C ARG D 77 26.86 4.89 9.85
N ASP D 78 25.73 5.41 9.37
CA ASP D 78 25.26 6.79 9.62
C ASP D 78 26.20 7.90 9.11
N GLY D 79 27.16 7.58 8.24
CA GLY D 79 28.18 8.52 7.73
C GLY D 79 29.29 8.85 8.73
N VAL D 80 29.36 8.11 9.85
CA VAL D 80 30.24 8.36 11.01
C VAL D 80 30.87 7.07 11.50
N LEU D 81 31.88 7.18 12.39
CA LEU D 81 32.77 6.11 12.82
C LEU D 81 32.07 5.06 13.73
N THR D 82 31.18 4.27 13.13
CA THR D 82 30.32 3.26 13.76
C THR D 82 30.86 1.85 13.51
N VAL D 83 30.96 1.03 14.54
CA VAL D 83 31.53 -0.32 14.53
C VAL D 83 30.49 -1.36 14.08
N ILE D 84 30.84 -2.17 13.07
CA ILE D 84 30.04 -3.32 12.62
C ILE D 84 30.15 -4.47 13.62
N ALA D 85 31.38 -4.88 13.94
CA ALA D 85 31.72 -5.81 15.01
C ALA D 85 33.21 -5.66 15.41
N PRO D 86 33.58 -5.84 16.68
CA PRO D 86 34.94 -6.22 17.04
C PRO D 86 35.13 -7.74 16.80
N LEU D 87 36.30 -8.15 16.33
CA LEU D 87 36.62 -9.58 16.16
C LEU D 87 36.88 -10.27 17.51
N GLU D 88 36.42 -11.52 17.67
CA GLU D 88 36.44 -12.19 18.98
C GLU D 88 37.86 -12.41 19.51
N GLY D 89 38.04 -12.20 20.82
CA GLY D 89 39.35 -12.29 21.49
C GLY D 89 40.26 -11.07 21.32
N THR D 90 39.92 -10.11 20.47
CA THR D 90 40.69 -8.86 20.32
C THR D 90 40.55 -7.97 21.57
N PRO D 91 41.52 -7.09 21.90
CA PRO D 91 41.44 -6.26 23.09
C PRO D 91 40.16 -5.42 23.21
N ALA D 92 39.64 -4.85 22.11
CA ALA D 92 38.37 -4.12 22.15
C ALA D 92 37.15 -5.00 22.47
N TYR D 93 37.10 -6.25 21.99
CA TYR D 93 36.08 -7.22 22.39
C TYR D 93 36.21 -7.58 23.86
N LYS D 94 37.44 -7.82 24.32
CA LYS D 94 37.75 -8.14 25.73
C LYS D 94 37.40 -6.98 26.67
N ALA D 95 37.53 -5.73 26.21
CA ALA D 95 37.11 -4.52 26.91
C ALA D 95 35.58 -4.29 26.90
N GLY D 96 34.81 -4.97 26.06
CA GLY D 96 33.35 -4.88 26.03
C GLY D 96 32.75 -3.90 25.01
N VAL D 97 33.51 -3.53 23.97
CA VAL D 97 32.95 -2.90 22.76
C VAL D 97 32.02 -3.91 22.02
N LYS D 98 30.97 -3.44 21.35
CA LYS D 98 29.90 -4.23 20.71
C LYS D 98 29.46 -3.64 19.36
N SER D 99 28.74 -4.43 18.55
CA SER D 99 28.09 -3.95 17.32
C SER D 99 27.22 -2.71 17.57
N GLY D 100 27.28 -1.73 16.66
CA GLY D 100 26.52 -0.48 16.77
C GLY D 100 27.15 0.59 17.66
N ASP D 101 28.25 0.30 18.36
CA ASP D 101 29.04 1.32 19.06
C ASP D 101 29.66 2.33 18.08
N ASN D 102 29.79 3.60 18.47
CA ASN D 102 30.41 4.66 17.66
C ASN D 102 31.44 5.42 18.49
N ILE D 103 32.65 5.62 17.95
CA ILE D 103 33.76 6.29 18.63
C ILE D 103 33.61 7.82 18.54
N LEU D 104 33.15 8.43 19.64
CA LEU D 104 32.99 9.88 19.76
C LEU D 104 34.34 10.61 19.81
N LYS D 105 35.27 10.14 20.67
CA LYS D 105 36.62 10.71 20.80
C LYS D 105 37.65 9.68 21.29
N ILE D 106 38.93 9.96 21.01
CA ILE D 106 40.09 9.10 21.31
C ILE D 106 41.20 10.01 21.86
N ASN D 107 41.80 10.81 20.99
CA ASN D 107 42.45 12.07 21.39
C ASN D 107 41.39 13.10 21.80
N ASN D 108 41.80 14.20 22.41
CA ASN D 108 40.89 15.23 22.94
C ASN D 108 40.19 16.08 21.86
N GLU D 109 40.63 16.05 20.61
CA GLU D 109 40.20 16.97 19.54
C GLU D 109 40.20 16.37 18.13
N SER D 110 39.44 16.97 17.21
CA SER D 110 39.38 16.65 15.77
C SER D 110 38.92 15.21 15.44
N THR D 111 38.03 14.65 16.27
CA THR D 111 37.59 13.24 16.19
C THR D 111 36.28 13.01 15.43
N LEU D 112 35.69 14.06 14.84
CA LEU D 112 34.38 14.03 14.17
C LEU D 112 34.39 14.74 12.80
N SER D 113 33.43 14.42 11.94
CA SER D 113 33.34 14.88 10.54
C SER D 113 34.62 14.60 9.74
N MET D 114 35.09 13.35 9.81
CA MET D 114 36.40 12.90 9.33
C MET D 114 36.35 11.51 8.68
N SER D 115 37.20 11.27 7.68
CA SER D 115 37.35 9.98 7.01
C SER D 115 38.12 8.96 7.85
N ILE D 116 37.94 7.66 7.58
CA ILE D 116 38.67 6.58 8.24
C ILE D 116 40.18 6.62 7.92
N ASP D 117 40.55 7.19 6.77
CA ASP D 117 41.87 7.06 6.12
C ASP D 117 43.09 7.29 7.03
N ASP D 118 43.04 8.30 7.91
CA ASP D 118 44.06 8.54 8.94
C ASP D 118 43.50 8.40 10.37
N ALA D 119 42.18 8.45 10.58
CA ALA D 119 41.56 8.18 11.88
C ALA D 119 41.91 6.77 12.38
N ILE D 120 41.94 5.77 11.48
CA ILE D 120 42.34 4.40 11.78
C ILE D 120 43.76 4.29 12.38
N ASN D 121 44.65 5.27 12.11
CA ASN D 121 45.99 5.32 12.68
C ASN D 121 45.97 5.59 14.21
N LEU D 122 44.91 6.19 14.75
CA LEU D 122 44.72 6.34 16.20
C LEU D 122 44.52 4.97 16.88
N MET D 123 43.73 4.10 16.25
CA MET D 123 43.50 2.73 16.72
C MET D 123 44.73 1.83 16.52
N ARG D 124 45.50 2.02 15.44
CA ARG D 124 46.62 1.17 15.03
C ARG D 124 47.99 1.64 15.58
N GLY D 125 48.04 1.97 16.86
CA GLY D 125 49.30 2.24 17.57
C GLY D 125 50.15 0.98 17.82
N LYS D 126 51.47 1.15 17.94
CA LYS D 126 52.45 0.06 18.11
C LYS D 126 52.14 -0.77 19.38
N PRO D 127 52.32 -2.11 19.41
CA PRO D 127 51.71 -2.99 20.42
C PRO D 127 52.01 -2.75 21.92
N LYS D 128 52.97 -1.88 22.27
CA LYS D 128 53.36 -1.61 23.67
C LYS D 128 52.45 -0.63 24.43
N THR D 129 51.89 0.40 23.78
CA THR D 129 51.31 1.56 24.49
C THR D 129 49.77 1.64 24.35
N PRO D 130 49.00 1.59 25.47
CA PRO D 130 47.53 1.59 25.46
C PRO D 130 46.91 2.96 25.12
N ILE D 131 45.58 2.99 25.00
CA ILE D 131 44.80 4.18 24.62
C ILE D 131 43.42 4.22 25.32
N GLN D 132 42.87 5.42 25.49
CA GLN D 132 41.51 5.65 26.02
C GLN D 132 40.54 5.99 24.89
N ILE D 133 39.37 5.36 24.89
CA ILE D 133 38.37 5.38 23.81
C ILE D 133 37.00 5.77 24.39
N THR D 134 36.27 6.69 23.75
CA THR D 134 34.92 7.12 24.21
C THR D 134 33.84 6.72 23.20
N ILE D 135 32.80 6.04 23.66
CA ILE D 135 31.73 5.43 22.86
C ILE D 135 30.38 6.10 23.14
N VAL D 136 29.65 6.50 22.10
CA VAL D 136 28.22 6.88 22.19
C VAL D 136 27.31 5.71 21.81
N ARG D 137 27.13 4.76 22.76
CA ARG D 137 26.32 3.56 22.58
C ARG D 137 24.83 3.92 22.47
N LYS D 138 24.16 3.46 21.41
CA LYS D 138 22.83 3.96 20.97
C LYS D 138 21.70 3.89 22.01
N ASN D 139 21.76 2.97 22.96
CA ASN D 139 20.77 2.81 24.03
C ASN D 139 20.97 3.79 25.22
N GLU D 140 22.14 4.42 25.35
CA GLU D 140 22.58 5.07 26.58
C GLU D 140 22.46 6.62 26.50
N PRO D 141 21.91 7.30 27.53
CA PRO D 141 21.73 8.76 27.52
C PRO D 141 23.03 9.57 27.74
N LYS D 142 24.18 8.91 27.95
CA LYS D 142 25.51 9.53 28.18
C LYS D 142 26.64 8.63 27.62
N PRO D 143 27.79 9.18 27.17
CA PRO D 143 28.90 8.37 26.64
C PRO D 143 29.51 7.38 27.65
N LEU D 144 30.14 6.34 27.12
CA LEU D 144 30.85 5.29 27.85
C LEU D 144 32.36 5.38 27.55
N VAL D 145 33.23 5.23 28.55
CA VAL D 145 34.70 5.35 28.37
C VAL D 145 35.42 4.02 28.66
N PHE D 146 36.34 3.66 27.78
CA PHE D 146 37.10 2.42 27.80
C PHE D 146 38.60 2.73 27.78
N ASN D 147 39.40 2.05 28.60
CA ASN D 147 40.85 2.03 28.46
C ASN D 147 41.28 0.66 27.92
N ILE D 148 41.99 0.65 26.79
CA ILE D 148 42.20 -0.55 25.97
C ILE D 148 43.69 -0.69 25.64
N ILE D 149 44.22 -1.90 25.83
CA ILE D 149 45.56 -2.29 25.40
C ILE D 149 45.60 -2.57 23.89
N ARG D 150 46.76 -2.35 23.25
CA ARG D 150 47.01 -2.85 21.89
C ARG D 150 47.27 -4.35 21.93
N ASP D 151 47.21 -5.00 20.78
CA ASP D 151 47.83 -6.31 20.57
C ASP D 151 48.33 -6.47 19.13
N ILE D 152 49.25 -7.41 18.91
CA ILE D 152 49.61 -7.88 17.57
C ILE D 152 48.55 -8.89 17.10
N ILE D 153 47.46 -8.36 16.55
CA ILE D 153 46.32 -9.10 16.03
C ILE D 153 46.77 -9.95 14.82
N LYS D 154 46.27 -11.18 14.74
CA LYS D 154 46.43 -12.09 13.59
C LYS D 154 45.10 -12.26 12.89
N LEU D 155 45.07 -12.02 11.58
CA LEU D 155 43.89 -12.22 10.73
C LEU D 155 44.11 -13.43 9.82
N PRO D 156 43.20 -14.42 9.79
CA PRO D 156 43.32 -15.57 8.91
C PRO D 156 42.95 -15.20 7.47
N SER D 157 43.83 -15.47 6.51
CA SER D 157 43.56 -15.32 5.07
C SER D 157 42.80 -16.49 4.45
N VAL D 158 42.79 -17.65 5.12
CA VAL D 158 42.12 -18.88 4.66
C VAL D 158 41.41 -19.61 5.80
N TYR D 159 40.25 -20.18 5.52
CA TYR D 159 39.51 -21.05 6.42
C TYR D 159 38.83 -22.21 5.69
N VAL D 160 38.54 -23.29 6.42
CA VAL D 160 37.95 -24.54 5.90
C VAL D 160 36.65 -24.85 6.65
N LYS D 161 35.61 -25.26 5.94
CA LYS D 161 34.32 -25.72 6.48
C LYS D 161 33.88 -27.02 5.83
N LYS D 162 33.11 -27.84 6.53
CA LYS D 162 32.35 -28.95 5.93
C LYS D 162 30.99 -28.45 5.42
N ILE D 163 30.40 -29.12 4.43
CA ILE D 163 29.07 -28.76 3.92
C ILE D 163 28.04 -29.74 4.49
N LYS D 164 27.03 -29.23 5.21
CA LYS D 164 26.33 -29.93 6.30
C LYS D 164 25.81 -31.34 5.95
N GLU D 165 25.15 -31.51 4.82
CA GLU D 165 24.48 -32.79 4.45
C GLU D 165 25.34 -33.75 3.62
N THR D 166 26.60 -33.42 3.32
CA THR D 166 27.39 -34.03 2.22
C THR D 166 28.85 -34.28 2.65
N PRO D 167 29.65 -35.10 1.94
CA PRO D 167 31.06 -35.28 2.27
C PRO D 167 31.95 -34.04 2.02
N TYR D 168 31.60 -33.20 1.05
CA TYR D 168 32.48 -32.17 0.48
C TYR D 168 32.89 -31.03 1.45
N LEU D 169 34.09 -30.49 1.25
CA LEU D 169 34.63 -29.33 1.95
C LEU D 169 34.44 -28.04 1.13
N TYR D 170 34.31 -26.91 1.82
CA TYR D 170 34.42 -25.55 1.28
C TYR D 170 35.69 -24.92 1.84
N VAL D 171 36.61 -24.43 1.00
CA VAL D 171 37.82 -23.72 1.43
C VAL D 171 37.89 -22.36 0.75
N ARG D 172 38.14 -21.30 1.51
CA ARG D 172 38.12 -19.91 1.03
C ARG D 172 39.51 -19.32 1.16
N VAL D 173 40.10 -18.78 0.09
CA VAL D 173 41.37 -18.04 0.17
C VAL D 173 41.12 -16.57 -0.17
N SER D 174 41.39 -15.65 0.74
CA SER D 174 41.06 -14.22 0.60
C SER D 174 42.20 -13.36 0.03
N GLY D 175 43.46 -13.80 0.19
CA GLY D 175 44.64 -13.17 -0.40
C GLY D 175 45.89 -14.01 -0.17
N PHE D 176 46.88 -13.93 -1.05
CA PHE D 176 48.08 -14.78 -1.02
C PHE D 176 49.20 -14.15 -0.16
N ASP D 177 49.00 -14.06 1.15
CA ASP D 177 50.06 -13.69 2.11
C ASP D 177 50.92 -14.91 2.51
N LYS D 178 51.88 -14.76 3.43
CA LYS D 178 52.52 -15.94 4.04
C LYS D 178 51.47 -16.76 4.83
N ASN D 179 51.80 -18.01 5.18
CA ASN D 179 50.91 -19.00 5.83
C ASN D 179 49.84 -19.70 4.96
N VAL D 180 49.56 -19.31 3.72
CA VAL D 180 48.49 -19.92 2.91
C VAL D 180 48.71 -21.41 2.63
N THR D 181 49.85 -21.79 2.05
CA THR D 181 50.09 -23.20 1.67
C THR D 181 50.01 -24.15 2.88
N LYS D 182 50.62 -23.77 4.01
CA LYS D 182 50.53 -24.53 5.27
C LYS D 182 49.12 -24.60 5.84
N SER D 183 48.35 -23.52 5.77
CA SER D 183 46.98 -23.48 6.28
C SER D 183 46.02 -24.35 5.45
N VAL D 184 46.23 -24.48 4.13
CA VAL D 184 45.46 -25.43 3.31
C VAL D 184 45.86 -26.87 3.65
N LEU D 185 47.16 -27.19 3.67
CA LEU D 185 47.63 -28.55 3.90
C LEU D 185 47.18 -29.12 5.25
N GLU D 186 47.28 -28.36 6.35
CA GLU D 186 46.75 -28.85 7.63
C GLU D 186 45.22 -28.96 7.63
N GLY D 187 44.51 -28.11 6.90
CA GLY D 187 43.05 -28.13 6.78
C GLY D 187 42.52 -29.37 6.05
N LEU D 188 43.25 -29.89 5.07
CA LEU D 188 42.92 -31.17 4.43
C LEU D 188 43.35 -32.36 5.29
N LYS D 189 44.51 -32.31 5.95
CA LYS D 189 44.96 -33.36 6.90
C LYS D 189 43.98 -33.55 8.07
N ALA D 190 43.36 -32.48 8.56
CA ALA D 190 42.35 -32.53 9.60
C ALA D 190 40.99 -33.14 9.16
N ASN D 191 40.79 -33.39 7.86
CA ASN D 191 39.56 -33.94 7.27
C ASN D 191 39.89 -35.12 6.34
N PRO D 192 40.30 -36.29 6.87
CA PRO D 192 40.88 -37.39 6.11
C PRO D 192 39.91 -38.15 5.18
N LYS D 193 38.61 -37.82 5.22
CA LYS D 193 37.54 -38.42 4.39
C LYS D 193 36.75 -37.34 3.64
N ALA D 194 37.45 -36.46 2.92
CA ALA D 194 36.88 -35.29 2.27
C ALA D 194 36.08 -35.60 0.99
N LYS D 195 36.63 -36.42 0.09
CA LYS D 195 36.03 -36.80 -1.21
C LYS D 195 35.68 -35.64 -2.18
N GLY D 196 36.12 -34.42 -1.93
CA GLY D 196 36.08 -33.30 -2.90
C GLY D 196 36.16 -31.92 -2.26
N ILE D 197 36.70 -30.94 -2.99
CA ILE D 197 36.94 -29.55 -2.57
C ILE D 197 36.15 -28.57 -3.43
N VAL D 198 35.45 -27.60 -2.85
CA VAL D 198 35.11 -26.32 -3.51
C VAL D 198 36.13 -25.28 -3.09
N LEU D 199 36.87 -24.69 -4.02
CA LEU D 199 37.95 -23.73 -3.74
C LEU D 199 37.52 -22.34 -4.20
N ASP D 200 37.38 -21.40 -3.28
CA ASP D 200 36.77 -20.10 -3.57
C ASP D 200 37.81 -18.97 -3.60
N LEU D 201 38.05 -18.43 -4.79
CA LEU D 201 39.01 -17.37 -5.09
C LEU D 201 38.32 -16.07 -5.56
N ARG D 202 37.03 -15.91 -5.29
CA ARG D 202 36.27 -14.72 -5.70
C ARG D 202 36.78 -13.47 -4.97
N GLY D 203 36.98 -12.37 -5.69
CA GLY D 203 37.42 -11.09 -5.13
C GLY D 203 38.87 -11.05 -4.61
N ASN D 204 39.68 -12.07 -4.86
CA ASN D 204 41.06 -12.18 -4.41
C ASN D 204 42.03 -11.34 -5.29
N PRO D 205 42.70 -10.28 -4.79
CA PRO D 205 43.52 -9.38 -5.61
C PRO D 205 44.90 -9.92 -6.01
N GLY D 206 45.36 -11.03 -5.44
CA GLY D 206 46.71 -11.55 -5.63
C GLY D 206 47.57 -11.53 -4.36
N GLY D 207 48.89 -11.52 -4.51
CA GLY D 207 49.83 -11.54 -3.38
C GLY D 207 51.22 -12.06 -3.79
N LEU D 208 51.87 -12.82 -2.91
CA LEU D 208 53.22 -13.35 -3.13
C LEU D 208 53.25 -14.44 -4.21
N LEU D 209 54.14 -14.35 -5.20
CA LEU D 209 54.20 -15.30 -6.31
C LEU D 209 54.52 -16.73 -5.85
N ASN D 210 55.43 -16.91 -4.87
CA ASN D 210 55.80 -18.25 -4.40
C ASN D 210 54.66 -18.99 -3.69
N GLN D 211 53.57 -18.33 -3.30
CA GLN D 211 52.35 -19.00 -2.81
C GLN D 211 51.42 -19.47 -3.93
N ALA D 212 51.39 -18.82 -5.10
CA ALA D 212 50.67 -19.35 -6.25
C ALA D 212 51.30 -20.66 -6.73
N VAL D 213 52.63 -20.72 -6.81
CA VAL D 213 53.36 -21.95 -7.11
C VAL D 213 53.24 -22.95 -5.97
N GLY D 214 53.35 -22.51 -4.72
CA GLY D 214 53.23 -23.38 -3.54
C GLY D 214 51.87 -24.07 -3.44
N LEU D 215 50.75 -23.34 -3.59
CA LEU D 215 49.40 -23.91 -3.51
C LEU D 215 49.11 -24.87 -4.65
N SER D 216 49.36 -24.46 -5.91
CA SER D 216 49.06 -25.31 -7.07
C SER D 216 49.96 -26.56 -7.14
N ASN D 217 51.13 -26.58 -6.51
CA ASN D 217 51.94 -27.78 -6.34
C ASN D 217 51.34 -28.80 -5.35
N LEU D 218 50.33 -28.47 -4.53
CA LEU D 218 49.65 -29.47 -3.69
C LEU D 218 48.82 -30.49 -4.50
N PHE D 219 48.53 -30.21 -5.78
CA PHE D 219 47.55 -30.96 -6.57
C PHE D 219 48.07 -31.49 -7.91
N ILE D 220 49.29 -31.14 -8.33
CA ILE D 220 49.86 -31.42 -9.66
C ILE D 220 51.22 -32.12 -9.50
N LYS D 221 51.56 -33.07 -10.39
CA LYS D 221 52.73 -33.94 -10.22
C LYS D 221 53.78 -33.91 -11.36
N GLU D 222 53.54 -33.19 -12.45
CA GLU D 222 54.46 -33.10 -13.60
C GLU D 222 54.28 -31.76 -14.37
N GLY D 223 55.32 -31.31 -15.08
CA GLY D 223 55.27 -30.19 -16.01
C GLY D 223 55.46 -28.80 -15.38
N VAL D 224 55.46 -27.78 -16.24
CA VAL D 224 55.54 -26.36 -15.86
C VAL D 224 54.24 -25.89 -15.21
N LEU D 225 54.34 -25.09 -14.16
CA LEU D 225 53.22 -24.40 -13.53
C LEU D 225 53.07 -22.98 -14.10
N VAL D 226 54.17 -22.24 -14.23
CA VAL D 226 54.22 -20.89 -14.82
C VAL D 226 55.63 -20.60 -15.32
N SER D 227 55.78 -19.68 -16.26
CA SER D 227 57.07 -19.21 -16.78
C SER D 227 57.08 -17.70 -17.01
N GLN D 228 58.25 -17.07 -16.96
CA GLN D 228 58.44 -15.62 -17.01
C GLN D 228 59.30 -15.18 -18.18
N LYS D 229 59.02 -14.01 -18.74
CA LYS D 229 59.82 -13.38 -19.78
C LYS D 229 60.04 -11.89 -19.50
N GLY D 230 61.23 -11.39 -19.78
CA GLY D 230 61.61 -9.99 -19.58
C GLY D 230 62.90 -9.62 -20.32
N LYS D 231 63.34 -8.37 -20.15
CA LYS D 231 64.54 -7.79 -20.78
C LYS D 231 65.84 -8.49 -20.38
N ASN D 232 65.92 -9.00 -19.16
CA ASN D 232 67.12 -9.56 -18.53
C ASN D 232 66.82 -10.87 -17.75
N LYS D 233 67.87 -11.65 -17.44
CA LYS D 233 67.79 -12.90 -16.65
C LYS D 233 67.78 -12.58 -15.15
N SER D 236 63.07 -16.01 -19.25
CA SER D 236 64.14 -15.89 -18.24
C SER D 236 64.08 -16.98 -17.15
N LEU D 237 62.90 -17.52 -16.82
CA LEU D 237 62.71 -18.47 -15.72
C LEU D 237 61.47 -19.37 -15.91
N GLU D 238 61.50 -20.58 -15.36
CA GLU D 238 60.37 -21.52 -15.30
C GLU D 238 60.22 -22.16 -13.92
N TYR D 239 58.99 -22.39 -13.49
CA TYR D 239 58.65 -23.15 -12.29
C TYR D 239 57.99 -24.47 -12.67
N LYS D 240 58.48 -25.59 -12.13
CA LYS D 240 58.04 -26.95 -12.46
C LYS D 240 57.65 -27.72 -11.20
N ALA D 241 56.67 -28.62 -11.30
CA ALA D 241 56.18 -29.38 -10.16
C ALA D 241 57.31 -30.22 -9.53
N ASN D 242 57.40 -30.23 -8.20
CA ASN D 242 58.52 -30.90 -7.49
C ASN D 242 58.41 -32.44 -7.44
N GLY D 243 57.31 -33.01 -7.92
CA GLY D 243 57.09 -34.47 -7.96
C GLY D 243 56.66 -35.11 -6.64
N ARG D 244 56.43 -34.32 -5.58
CA ARG D 244 56.14 -34.79 -4.21
C ARG D 244 54.75 -34.41 -3.70
N ALA D 245 53.79 -34.21 -4.60
CA ALA D 245 52.45 -33.74 -4.29
C ALA D 245 51.60 -34.79 -3.52
N PRO D 246 50.92 -34.41 -2.42
CA PRO D 246 49.75 -35.11 -1.89
C PRO D 246 48.56 -35.03 -2.87
N TYR D 247 47.38 -35.51 -2.47
CA TYR D 247 46.07 -35.16 -3.06
C TYR D 247 45.96 -35.14 -4.60
N THR D 248 46.65 -36.06 -5.28
CA THR D 248 46.75 -36.06 -6.75
C THR D 248 45.47 -36.48 -7.48
N ASN D 249 44.61 -37.30 -6.86
CA ASN D 249 43.36 -37.82 -7.45
C ASN D 249 42.06 -37.09 -7.04
N LEU D 250 42.09 -36.24 -6.01
CA LEU D 250 40.91 -35.62 -5.39
C LEU D 250 40.15 -34.63 -6.33
N PRO D 251 38.81 -34.66 -6.46
CA PRO D 251 38.03 -33.69 -7.25
C PRO D 251 38.10 -32.25 -6.73
N ILE D 252 38.19 -31.26 -7.63
CA ILE D 252 38.27 -29.83 -7.29
C ILE D 252 37.34 -29.02 -8.21
N ALA D 253 36.52 -28.12 -7.67
CA ALA D 253 35.78 -27.11 -8.43
C ALA D 253 36.19 -25.71 -7.97
N VAL D 254 36.58 -24.83 -8.88
CA VAL D 254 37.17 -23.51 -8.56
C VAL D 254 36.21 -22.39 -8.90
N LEU D 255 35.96 -21.46 -7.98
CA LEU D 255 35.11 -20.29 -8.22
C LEU D 255 35.95 -19.04 -8.48
N VAL D 256 35.68 -18.32 -9.57
CA VAL D 256 36.38 -17.10 -10.00
C VAL D 256 35.40 -16.04 -10.45
N ASN D 257 35.80 -14.77 -10.42
CA ASN D 257 34.91 -13.62 -10.56
C ASN D 257 35.67 -12.44 -11.16
N GLY D 258 34.98 -11.38 -11.59
CA GLY D 258 35.60 -10.19 -12.20
C GLY D 258 36.65 -9.51 -11.31
N GLY D 259 36.53 -9.62 -10.00
CA GLY D 259 37.52 -9.11 -9.04
C GLY D 259 38.75 -9.99 -8.83
N SER D 260 38.75 -11.25 -9.28
CA SER D 260 39.91 -12.15 -9.16
C SER D 260 41.02 -11.70 -10.10
N ALA D 261 42.23 -11.50 -9.58
CA ALA D 261 43.32 -10.96 -10.37
C ALA D 261 44.69 -11.57 -10.03
N ALA D 262 45.63 -11.44 -10.96
CA ALA D 262 47.07 -11.64 -10.77
C ALA D 262 47.41 -13.02 -10.18
N ALA D 263 48.01 -13.16 -9.00
CA ALA D 263 48.38 -14.49 -8.48
C ALA D 263 47.21 -15.47 -8.38
N SER D 264 45.97 -15.01 -8.17
CA SER D 264 44.80 -15.90 -8.20
C SER D 264 44.47 -16.43 -9.60
N GLU D 265 44.82 -15.69 -10.66
CA GLU D 265 44.73 -16.14 -12.04
C GLU D 265 45.88 -17.07 -12.44
N ILE D 266 47.01 -17.08 -11.74
CA ILE D 266 48.07 -18.07 -11.96
C ILE D 266 47.62 -19.46 -11.50
N VAL D 267 47.01 -19.61 -10.31
CA VAL D 267 46.57 -20.93 -9.83
C VAL D 267 45.36 -21.46 -10.60
N ALA D 268 44.39 -20.61 -10.94
CA ALA D 268 43.28 -21.00 -11.81
C ALA D 268 43.77 -21.41 -13.21
N GLY D 269 44.69 -20.67 -13.82
CA GLY D 269 45.26 -21.03 -15.13
C GLY D 269 46.07 -22.31 -15.11
N ALA D 270 46.88 -22.55 -14.09
CA ALA D 270 47.66 -23.79 -13.97
C ALA D 270 46.77 -25.03 -13.84
N LEU D 271 45.68 -24.97 -13.07
CA LEU D 271 44.72 -26.07 -12.95
C LEU D 271 43.93 -26.31 -14.24
N GLN D 272 43.53 -25.25 -14.96
CA GLN D 272 42.80 -25.40 -16.23
C GLN D 272 43.65 -26.05 -17.33
N ASP D 273 44.88 -25.59 -17.56
CA ASP D 273 45.72 -26.11 -18.65
C ASP D 273 46.15 -27.57 -18.42
N HIS D 274 46.25 -28.05 -17.18
CA HIS D 274 46.53 -29.46 -16.85
C HIS D 274 45.27 -30.33 -16.69
N LYS D 275 44.08 -29.83 -17.00
CA LYS D 275 42.78 -30.52 -16.84
C LYS D 275 42.55 -31.03 -15.42
N ARG D 276 43.06 -30.34 -14.40
CA ARG D 276 43.05 -30.80 -13.01
C ARG D 276 41.81 -30.39 -12.20
N ALA D 277 41.03 -29.44 -12.69
CA ALA D 277 39.85 -28.90 -12.01
C ALA D 277 38.84 -28.32 -13.01
N VAL D 278 37.62 -28.05 -12.57
CA VAL D 278 36.58 -27.36 -13.37
C VAL D 278 36.44 -25.93 -12.85
N ILE D 279 36.41 -24.93 -13.75
CA ILE D 279 36.42 -23.50 -13.37
C ILE D 279 35.07 -22.88 -13.64
N ILE D 280 34.52 -22.17 -12.66
CA ILE D 280 33.11 -21.76 -12.60
C ILE D 280 33.01 -20.28 -12.22
N GLY D 281 32.08 -19.52 -12.81
CA GLY D 281 31.76 -18.16 -12.38
C GLY D 281 31.67 -17.16 -13.54
N GLU D 282 32.53 -16.15 -13.53
CA GLU D 282 32.58 -15.07 -14.52
C GLU D 282 34.01 -14.81 -15.01
N LYS D 283 34.19 -14.08 -16.11
CA LYS D 283 35.51 -13.79 -16.68
C LYS D 283 36.35 -12.91 -15.75
N THR D 284 37.61 -13.26 -15.49
CA THR D 284 38.47 -12.60 -14.49
C THR D 284 39.05 -11.25 -14.93
N PHE D 285 39.89 -10.61 -14.12
CA PHE D 285 40.40 -9.25 -14.35
C PHE D 285 41.45 -9.13 -15.47
N GLY D 286 42.33 -10.12 -15.65
CA GLY D 286 43.30 -10.16 -16.75
C GLY D 286 44.63 -9.47 -16.50
N ALA D 287 45.23 -9.62 -15.32
CA ALA D 287 46.55 -9.06 -15.02
C ALA D 287 47.68 -10.07 -15.29
N GLY D 288 48.57 -9.77 -16.23
CA GLY D 288 49.53 -10.72 -16.81
C GLY D 288 51.00 -10.48 -16.52
N SER D 289 51.36 -9.80 -15.43
CA SER D 289 52.74 -9.40 -15.14
C SER D 289 53.17 -9.55 -13.68
N VAL D 290 54.47 -9.62 -13.44
CA VAL D 290 55.14 -9.78 -12.14
C VAL D 290 55.90 -8.50 -11.79
N ALA D 291 55.75 -8.00 -10.57
CA ALA D 291 56.41 -6.82 -10.05
C ALA D 291 57.45 -7.16 -8.98
N MET D 292 58.59 -6.48 -8.99
CA MET D 292 59.67 -6.67 -8.04
C MET D 292 59.78 -5.46 -7.11
N LEU D 293 59.93 -5.67 -5.81
CA LEU D 293 59.92 -4.60 -4.81
C LEU D 293 61.31 -4.38 -4.21
N LEU D 294 61.82 -3.15 -4.29
CA LEU D 294 63.19 -2.77 -3.92
C LEU D 294 63.20 -1.67 -2.86
N PRO D 295 63.89 -1.82 -1.72
CA PRO D 295 64.18 -0.70 -0.83
C PRO D 295 65.14 0.31 -1.48
N VAL D 296 64.83 1.61 -1.36
CA VAL D 296 65.72 2.73 -1.77
C VAL D 296 66.18 3.56 -0.57
N ASN D 297 65.46 3.45 0.56
CA ASN D 297 65.84 3.95 1.89
C ASN D 297 65.26 2.96 2.93
N LYS D 298 65.76 2.95 4.18
CA LYS D 298 65.18 2.09 5.24
C LYS D 298 63.68 2.33 5.48
N ASP D 299 63.18 3.52 5.15
CA ASP D 299 61.77 3.90 5.22
C ASP D 299 61.00 3.78 3.89
N GLU D 300 61.68 3.66 2.74
CA GLU D 300 61.06 3.87 1.42
C GLU D 300 61.48 2.81 0.40
N ALA D 301 60.53 2.35 -0.42
CA ALA D 301 60.74 1.32 -1.41
C ALA D 301 59.99 1.63 -2.71
N ILE D 302 60.41 1.02 -3.82
CA ILE D 302 59.77 1.15 -5.13
C ILE D 302 59.26 -0.21 -5.59
N LYS D 303 58.11 -0.23 -6.26
CA LYS D 303 57.52 -1.42 -6.89
C LYS D 303 57.55 -1.22 -8.39
N ILE D 304 58.20 -2.11 -9.14
CA ILE D 304 58.40 -1.93 -10.59
C ILE D 304 58.13 -3.20 -11.39
N THR D 305 57.34 -3.11 -12.47
CA THR D 305 56.94 -4.26 -13.29
C THR D 305 58.14 -4.81 -14.04
N THR D 306 58.50 -6.07 -13.78
CA THR D 306 59.79 -6.66 -14.17
C THR D 306 59.67 -7.78 -15.20
N ALA D 307 58.54 -8.49 -15.29
CA ALA D 307 58.32 -9.56 -16.26
C ALA D 307 56.85 -9.73 -16.67
N ARG D 308 56.58 -10.29 -17.85
CA ARG D 308 55.29 -10.89 -18.23
C ARG D 308 55.30 -12.39 -17.92
N TYR D 309 54.14 -13.00 -17.66
CA TYR D 309 54.05 -14.44 -17.36
C TYR D 309 53.13 -15.20 -18.34
N TYR D 310 53.44 -16.49 -18.54
CA TYR D 310 52.75 -17.37 -19.48
C TYR D 310 52.26 -18.66 -18.81
N LEU D 311 51.05 -19.09 -19.13
CA LEU D 311 50.42 -20.31 -18.60
C LEU D 311 51.00 -21.58 -19.27
N PRO D 312 50.79 -22.81 -18.75
CA PRO D 312 51.50 -24.00 -19.22
C PRO D 312 51.39 -24.32 -20.72
N SER D 313 50.27 -24.02 -21.38
CA SER D 313 50.12 -24.20 -22.84
C SER D 313 50.76 -23.08 -23.69
N GLY D 314 51.40 -22.08 -23.07
CA GLY D 314 52.05 -20.95 -23.74
C GLY D 314 51.15 -19.73 -24.01
N ARG D 315 49.86 -19.82 -23.72
CA ARG D 315 48.90 -18.69 -23.71
C ARG D 315 49.21 -17.68 -22.59
N THR D 316 48.71 -16.46 -22.71
CA THR D 316 48.74 -15.44 -21.65
C THR D 316 47.48 -14.60 -21.63
N ILE D 317 47.20 -13.99 -20.48
CA ILE D 317 45.92 -13.36 -20.13
C ILE D 317 45.99 -11.83 -20.02
N GLN D 318 47.09 -11.20 -20.45
CA GLN D 318 47.27 -9.76 -20.31
C GLN D 318 46.17 -8.99 -21.05
N ALA D 319 45.36 -8.23 -20.31
CA ALA D 319 44.18 -7.52 -20.80
C ALA D 319 43.04 -8.38 -21.38
N LYS D 320 43.03 -9.70 -21.13
CA LYS D 320 41.90 -10.61 -21.42
C LYS D 320 41.85 -11.76 -20.41
N GLY D 321 40.84 -11.79 -19.55
CA GLY D 321 40.81 -12.70 -18.40
C GLY D 321 40.71 -14.19 -18.74
N ILE D 322 40.85 -15.05 -17.73
CA ILE D 322 40.48 -16.48 -17.81
C ILE D 322 38.99 -16.59 -18.10
N THR D 323 38.60 -17.46 -19.02
CA THR D 323 37.21 -17.75 -19.36
C THR D 323 36.77 -19.06 -18.68
N PRO D 324 35.68 -19.07 -17.91
CA PRO D 324 35.26 -20.28 -17.19
C PRO D 324 34.89 -21.43 -18.13
N ASP D 325 34.96 -22.66 -17.61
CA ASP D 325 34.33 -23.81 -18.26
C ASP D 325 32.81 -23.76 -18.13
N ILE D 326 32.29 -23.25 -17.01
CA ILE D 326 30.86 -23.08 -16.74
C ILE D 326 30.61 -21.64 -16.30
N VAL D 327 29.75 -20.89 -16.99
CA VAL D 327 29.48 -19.47 -16.72
C VAL D 327 28.17 -19.33 -15.96
N ILE D 328 28.15 -18.56 -14.87
CA ILE D 328 26.96 -18.40 -14.02
C ILE D 328 27.03 -17.08 -13.24
N TYR D 329 26.07 -16.18 -13.47
CA TYR D 329 25.96 -14.89 -12.77
C TYR D 329 25.20 -15.01 -11.43
N PRO D 330 25.45 -14.11 -10.47
CA PRO D 330 24.94 -14.27 -9.10
C PRO D 330 23.42 -14.08 -8.96
N GLY D 331 22.84 -14.74 -7.96
CA GLY D 331 21.41 -14.72 -7.66
C GLY D 331 20.99 -15.81 -6.68
N LYS D 332 19.74 -15.75 -6.21
CA LYS D 332 19.10 -16.77 -5.36
C LYS D 332 18.56 -17.92 -6.21
N VAL D 333 18.56 -19.14 -5.67
CA VAL D 333 18.07 -20.34 -6.38
C VAL D 333 16.56 -20.26 -6.67
N PRO D 334 16.04 -20.91 -7.73
CA PRO D 334 14.60 -21.08 -7.91
C PRO D 334 13.99 -21.88 -6.77
N GLU D 335 12.71 -21.67 -6.45
CA GLU D 335 12.04 -22.25 -5.28
C GLU D 335 10.77 -23.04 -5.66
N ASN D 336 10.47 -24.11 -4.91
CA ASN D 336 9.30 -24.96 -5.13
C ASN D 336 7.99 -24.19 -4.85
N GLU D 337 7.02 -24.29 -5.76
CA GLU D 337 5.70 -23.65 -5.61
C GLU D 337 4.81 -24.31 -4.55
N ASN D 338 5.07 -25.57 -4.18
CA ASN D 338 4.36 -26.32 -3.14
C ASN D 338 4.80 -25.87 -1.74
N LYS D 339 4.48 -24.62 -1.37
CA LYS D 339 4.88 -23.99 -0.11
C LYS D 339 4.40 -24.76 1.13
N PHE D 340 5.16 -24.64 2.22
CA PHE D 340 4.83 -25.20 3.54
C PHE D 340 4.00 -24.24 4.42
N SER D 341 3.35 -23.24 3.81
CA SER D 341 2.54 -22.21 4.49
C SER D 341 3.26 -21.49 5.64
N LEU D 342 4.59 -21.34 5.52
CA LEU D 342 5.46 -20.65 6.48
C LEU D 342 5.40 -21.20 7.92
N LYS D 343 5.25 -22.53 8.08
CA LYS D 343 5.34 -23.19 9.40
C LYS D 343 6.70 -22.95 10.07
N GLU D 344 6.70 -22.65 11.37
CA GLU D 344 7.91 -22.32 12.14
C GLU D 344 8.76 -23.57 12.38
N ALA D 345 9.84 -23.77 11.61
CA ALA D 345 10.84 -24.82 11.81
C ALA D 345 10.24 -26.25 11.98
N ASP D 346 9.19 -26.56 11.22
CA ASP D 346 8.37 -27.79 11.34
C ASP D 346 7.75 -27.96 12.75
N LEU D 347 7.11 -26.89 13.26
CA LEU D 347 6.70 -26.71 14.66
C LEU D 347 7.89 -26.78 15.65
N LYS D 348 9.05 -26.29 15.22
CA LYS D 348 10.32 -26.17 15.97
C LYS D 348 10.65 -27.45 16.74
N HIS D 349 10.71 -28.56 16.01
CA HIS D 349 10.74 -29.93 16.56
C HIS D 349 11.89 -30.20 17.53
N HIS D 350 11.55 -30.86 18.64
CA HIS D 350 12.48 -31.49 19.59
C HIS D 350 11.79 -32.67 20.28
N LEU D 351 12.57 -33.67 20.70
CA LEU D 351 12.06 -34.92 21.29
C LEU D 351 12.81 -35.42 22.54
N GLU D 352 13.81 -34.66 23.03
CA GLU D 352 14.56 -34.94 24.26
C GLU D 352 15.04 -36.40 24.38
N LYS D 373 24.29 -21.57 21.83
CA LYS D 373 25.15 -21.87 20.68
C LYS D 373 25.75 -23.28 20.77
N ASN D 374 25.97 -23.93 19.61
CA ASN D 374 26.50 -25.30 19.51
C ASN D 374 27.49 -25.45 18.34
N GLU D 375 28.34 -24.43 18.12
CA GLU D 375 29.39 -24.38 17.09
C GLU D 375 28.90 -24.58 15.64
N GLU D 376 27.69 -24.11 15.32
CA GLU D 376 27.06 -24.28 14.00
C GLU D 376 27.91 -23.70 12.85
N GLU D 377 28.65 -22.61 13.10
CA GLU D 377 29.54 -21.99 12.12
C GLU D 377 30.79 -22.82 11.77
N LYS D 378 30.94 -24.04 12.30
CA LYS D 378 31.88 -25.03 11.75
C LYS D 378 31.42 -25.65 10.42
N GLU D 379 30.16 -25.45 10.01
CA GLU D 379 29.60 -26.06 8.79
C GLU D 379 28.73 -25.12 7.96
N VAL D 380 28.75 -25.27 6.63
CA VAL D 380 27.91 -24.53 5.67
C VAL D 380 26.51 -25.15 5.63
N THR D 381 25.47 -24.37 5.92
CA THR D 381 24.07 -24.85 6.02
C THR D 381 23.35 -24.86 4.65
N PRO D 382 22.30 -25.67 4.46
CA PRO D 382 21.50 -25.61 3.24
C PRO D 382 20.80 -24.25 3.03
N LYS D 383 20.46 -23.51 4.09
CA LYS D 383 19.88 -22.16 3.97
C LYS D 383 20.86 -21.17 3.34
N MET D 384 22.14 -21.21 3.71
CA MET D 384 23.14 -20.30 3.13
C MET D 384 23.64 -20.73 1.74
N ILE D 385 23.45 -21.98 1.32
CA ILE D 385 23.63 -22.40 -0.08
C ILE D 385 22.52 -21.86 -0.99
N ASN D 386 21.26 -21.84 -0.54
CA ASN D 386 20.16 -21.31 -1.36
C ASN D 386 20.31 -19.82 -1.72
N ASP D 387 21.06 -19.05 -0.93
CA ASP D 387 21.36 -17.65 -1.19
C ASP D 387 22.50 -17.38 -2.19
N ASP D 388 23.19 -18.40 -2.72
CA ASP D 388 24.27 -18.23 -3.70
C ASP D 388 24.28 -19.32 -4.77
N ILE D 389 23.64 -19.07 -5.91
CA ILE D 389 23.55 -20.03 -7.02
C ILE D 389 24.91 -20.44 -7.59
N GLN D 390 25.97 -19.64 -7.43
CA GLN D 390 27.31 -20.03 -7.84
C GLN D 390 27.89 -21.11 -6.93
N LEU D 391 27.62 -21.07 -5.62
CA LEU D 391 28.05 -22.12 -4.69
C LEU D 391 27.28 -23.42 -4.94
N LYS D 392 25.96 -23.36 -5.15
CA LYS D 392 25.18 -24.54 -5.57
C LYS D 392 25.76 -25.17 -6.84
N THR D 393 26.03 -24.36 -7.86
CA THR D 393 26.59 -24.85 -9.13
C THR D 393 27.96 -25.51 -8.95
N ALA D 394 28.79 -25.04 -8.02
CA ALA D 394 30.07 -25.67 -7.74
C ALA D 394 29.94 -27.05 -7.09
N ILE D 395 28.91 -27.28 -6.27
CA ILE D 395 28.65 -28.59 -5.64
C ILE D 395 28.09 -29.60 -6.65
N ASP D 396 27.20 -29.19 -7.54
CA ASP D 396 26.66 -30.05 -8.60
C ASP D 396 27.72 -30.63 -9.55
N SER D 397 28.82 -29.90 -9.75
CA SER D 397 29.96 -30.41 -10.51
C SER D 397 30.68 -31.52 -9.75
N LEU D 398 30.85 -31.42 -8.44
CA LEU D 398 31.45 -32.49 -7.64
C LEU D 398 30.58 -33.74 -7.58
N LYS D 399 29.25 -33.59 -7.56
CA LYS D 399 28.31 -34.73 -7.68
C LYS D 399 28.47 -35.46 -9.01
N THR D 400 28.53 -34.75 -10.13
CA THR D 400 28.78 -35.36 -11.43
C THR D 400 30.12 -36.07 -11.49
N TRP D 401 31.21 -35.47 -11.00
CA TRP D 401 32.53 -36.10 -11.02
C TRP D 401 32.54 -37.39 -10.20
N SER D 402 31.91 -37.41 -9.03
CA SER D 402 31.83 -38.60 -8.17
C SER D 402 31.13 -39.78 -8.85
N ILE D 403 30.07 -39.56 -9.64
CA ILE D 403 29.40 -40.62 -10.41
C ILE D 403 30.34 -41.19 -11.48
N VAL D 404 30.96 -40.32 -12.29
CA VAL D 404 31.84 -40.71 -13.40
C VAL D 404 33.06 -41.47 -12.89
N ASP D 405 33.61 -41.06 -11.76
CA ASP D 405 34.76 -41.72 -11.15
C ASP D 405 34.38 -43.09 -10.56
N GLU D 406 33.16 -43.23 -10.02
CA GLU D 406 32.61 -44.49 -9.50
C GLU D 406 32.22 -45.49 -10.60
N LYS D 407 31.75 -45.03 -11.75
CA LYS D 407 31.55 -45.87 -12.94
C LYS D 407 32.86 -46.57 -13.36
N MET D 408 34.00 -45.92 -13.19
CA MET D 408 35.32 -46.44 -13.58
C MET D 408 35.97 -47.35 -12.51
N ASP D 409 35.29 -47.71 -11.43
CA ASP D 409 35.74 -48.76 -10.50
C ASP D 409 35.58 -50.16 -11.12
N GLU D 410 36.51 -50.53 -12.00
CA GLU D 410 36.57 -51.80 -12.71
C GLU D 410 38.01 -52.35 -12.75
N HIS E 7 -47.58 52.58 27.70
CA HIS E 7 -47.92 51.16 27.48
C HIS E 7 -46.76 50.43 26.78
N MET E 8 -46.99 49.25 26.19
CA MET E 8 -45.97 48.33 25.66
C MET E 8 -45.01 48.91 24.60
N PHE E 9 -45.38 50.00 23.93
CA PHE E 9 -44.55 50.67 22.92
C PHE E 9 -43.36 51.49 23.48
N SER E 10 -43.14 51.57 24.80
CA SER E 10 -42.06 52.39 25.38
C SER E 10 -40.66 52.03 24.87
N ARG E 11 -40.24 50.76 25.01
CA ARG E 11 -38.95 50.24 24.51
C ARG E 11 -38.78 50.51 23.03
N PHE E 12 -39.79 50.18 22.23
CA PHE E 12 -39.76 50.36 20.79
C PHE E 12 -39.63 51.84 20.41
N SER E 13 -40.35 52.74 21.07
CA SER E 13 -40.31 54.19 20.79
C SER E 13 -38.92 54.77 21.02
N ASN E 14 -38.23 54.35 22.09
CA ASN E 14 -36.84 54.76 22.34
C ASN E 14 -35.91 54.26 21.24
N VAL E 15 -35.93 52.96 20.90
CA VAL E 15 -35.06 52.42 19.85
C VAL E 15 -35.28 53.10 18.51
N VAL E 16 -36.52 53.36 18.10
CA VAL E 16 -36.82 54.11 16.88
C VAL E 16 -36.30 55.55 16.95
N SER E 17 -36.34 56.22 18.10
CA SER E 17 -35.82 57.59 18.22
C SER E 17 -34.30 57.67 18.04
N GLU E 18 -33.54 56.68 18.53
CA GLU E 18 -32.10 56.64 18.28
C GLU E 18 -31.79 56.42 16.79
N ILE E 19 -32.46 55.48 16.15
CA ILE E 19 -32.29 55.16 14.73
C ILE E 19 -32.63 56.38 13.84
N GLU E 20 -33.63 57.17 14.21
CA GLU E 20 -34.00 58.41 13.52
C GLU E 20 -32.91 59.49 13.63
N LYS E 21 -32.15 59.53 14.73
CA LYS E 21 -31.12 60.54 14.99
C LYS E 21 -29.71 60.15 14.50
N LYS E 22 -29.25 58.93 14.77
CA LYS E 22 -27.84 58.50 14.69
C LYS E 22 -27.64 57.32 13.74
N TYR E 23 -27.65 57.56 12.43
CA TYR E 23 -27.43 56.55 11.40
C TYR E 23 -26.77 57.16 10.15
N VAL E 24 -26.02 56.40 9.36
CA VAL E 24 -25.23 56.91 8.22
C VAL E 24 -26.03 57.64 7.14
N ASP E 25 -27.26 57.19 6.86
CA ASP E 25 -28.08 57.67 5.75
C ASP E 25 -29.41 58.25 6.25
N LYS E 26 -29.99 59.20 5.51
CA LYS E 26 -31.35 59.69 5.74
C LYS E 26 -32.38 58.61 5.38
N ILE E 27 -33.27 58.26 6.31
CA ILE E 27 -34.41 57.35 6.10
C ILE E 27 -35.68 57.92 6.74
N SER E 28 -36.84 57.66 6.15
CA SER E 28 -38.14 58.11 6.66
C SER E 28 -38.72 57.16 7.71
N ILE E 29 -39.65 57.65 8.54
CA ILE E 29 -40.35 56.82 9.53
C ILE E 29 -41.13 55.67 8.89
N SER E 30 -41.63 55.86 7.66
CA SER E 30 -42.27 54.82 6.85
C SER E 30 -41.33 53.64 6.60
N GLU E 31 -40.09 53.90 6.21
CA GLU E 31 -39.09 52.85 5.94
C GLU E 31 -38.66 52.11 7.21
N ILE E 32 -38.66 52.79 8.37
CA ILE E 32 -38.42 52.14 9.66
C ILE E 32 -39.55 51.17 10.00
N MET E 33 -40.82 51.55 9.80
CA MET E 33 -41.94 50.64 10.05
C MET E 33 -41.87 49.40 9.16
N THR E 34 -41.57 49.54 7.87
CA THR E 34 -41.41 48.39 6.97
C THR E 34 -40.30 47.44 7.43
N LYS E 35 -39.13 47.96 7.81
CA LYS E 35 -38.04 47.13 8.36
C LYS E 35 -38.42 46.44 9.67
N ALA E 36 -39.25 47.05 10.52
CA ALA E 36 -39.74 46.43 11.74
C ALA E 36 -40.71 45.27 11.47
N ILE E 37 -41.63 45.41 10.52
CA ILE E 37 -42.56 44.35 10.10
C ILE E 37 -41.78 43.14 9.56
N GLU E 38 -40.91 43.36 8.57
CA GLU E 38 -40.10 42.29 7.98
C GLU E 38 -39.15 41.65 9.00
N GLY E 39 -38.63 42.43 9.95
CA GLY E 39 -37.78 41.93 11.03
C GLY E 39 -38.53 41.02 11.99
N LEU E 40 -39.75 41.38 12.39
CA LEU E 40 -40.59 40.55 13.25
C LEU E 40 -40.90 39.21 12.59
N LEU E 41 -41.43 39.20 11.36
CA LEU E 41 -41.79 37.98 10.66
C LEU E 41 -40.58 37.09 10.38
N SER E 42 -39.45 37.64 9.94
CA SER E 42 -38.22 36.85 9.74
C SER E 42 -37.70 36.18 11.03
N ASN E 43 -37.99 36.75 12.19
CA ASN E 43 -37.60 36.22 13.50
C ASN E 43 -38.69 35.30 14.11
N LEU E 44 -39.88 35.21 13.52
CA LEU E 44 -41.03 34.47 14.04
C LEU E 44 -40.95 32.96 13.76
N ASP E 45 -40.93 32.58 12.48
CA ASP E 45 -40.86 31.20 11.97
C ASP E 45 -40.18 31.18 10.59
N ALA E 46 -39.83 30.01 10.06
CA ALA E 46 -39.16 29.92 8.76
C ALA E 46 -40.09 30.22 7.56
N HIS E 47 -41.40 29.99 7.70
CA HIS E 47 -42.36 29.96 6.60
C HIS E 47 -43.10 31.27 6.32
N SER E 48 -43.10 32.23 7.24
CA SER E 48 -43.82 33.50 7.07
C SER E 48 -43.16 34.48 6.08
N ALA E 49 -43.95 35.41 5.57
CA ALA E 49 -43.53 36.47 4.67
C ALA E 49 -44.47 37.69 4.73
N TYR E 50 -43.99 38.87 4.37
CA TYR E 50 -44.77 40.11 4.23
C TYR E 50 -44.89 40.51 2.75
N LEU E 51 -46.08 40.90 2.31
CA LEU E 51 -46.39 41.25 0.92
C LEU E 51 -46.97 42.67 0.86
N ASN E 52 -46.17 43.61 0.34
CA ASN E 52 -46.65 44.97 0.02
C ASN E 52 -47.67 44.94 -1.13
N GLU E 53 -48.31 46.07 -1.43
CA GLU E 53 -49.38 46.11 -2.43
C GLU E 53 -48.97 45.65 -3.83
N LYS E 54 -47.79 46.03 -4.32
CA LYS E 54 -47.28 45.58 -5.61
C LYS E 54 -47.11 44.06 -5.67
N LYS E 55 -46.49 43.46 -4.65
CA LYS E 55 -46.31 42.00 -4.58
C LYS E 55 -47.62 41.27 -4.30
N PHE E 56 -48.54 41.83 -3.50
CA PHE E 56 -49.82 41.20 -3.20
C PHE E 56 -50.72 41.17 -4.43
N LYS E 57 -50.81 42.28 -5.18
CA LYS E 57 -51.52 42.32 -6.45
C LYS E 57 -50.91 41.37 -7.48
N GLU E 58 -49.58 41.29 -7.57
CA GLU E 58 -48.90 40.31 -8.42
C GLU E 58 -49.26 38.86 -8.05
N PHE E 59 -49.23 38.52 -6.75
CA PHE E 59 -49.64 37.20 -6.27
C PHE E 59 -51.11 36.87 -6.58
N GLN E 60 -52.02 37.84 -6.47
CA GLN E 60 -53.42 37.66 -6.87
C GLN E 60 -53.60 37.52 -8.39
N ALA E 61 -52.79 38.22 -9.19
CA ALA E 61 -52.91 38.25 -10.65
C ALA E 61 -52.31 37.00 -11.35
N GLN E 62 -51.17 36.48 -10.88
CA GLN E 62 -50.50 35.36 -11.52
C GLN E 62 -51.29 34.04 -11.40
N THR E 63 -51.27 33.20 -12.43
CA THR E 63 -51.77 31.81 -12.37
C THR E 63 -50.69 30.84 -11.85
N GLU E 64 -49.44 30.97 -12.30
CA GLU E 64 -48.33 30.10 -11.91
C GLU E 64 -47.42 30.77 -10.87
N PHE E 67 -43.91 30.67 -14.12
CA PHE E 67 -44.34 29.68 -15.11
C PHE E 67 -43.26 28.61 -15.34
N GLY E 68 -42.02 29.04 -15.59
CA GLY E 68 -40.85 28.15 -15.72
C GLY E 68 -40.16 27.92 -14.38
N GLY E 69 -39.71 26.69 -14.15
CA GLY E 69 -39.10 26.27 -12.89
C GLY E 69 -37.80 25.49 -13.07
N LEU E 70 -37.06 25.38 -11.97
CA LEU E 70 -35.81 24.63 -11.87
C LEU E 70 -36.05 23.15 -11.50
N GLY E 71 -36.96 22.89 -10.56
CA GLY E 71 -37.43 21.55 -10.17
C GLY E 71 -37.14 21.10 -8.73
N ILE E 72 -36.33 21.84 -7.96
CA ILE E 72 -36.05 21.51 -6.55
C ILE E 72 -37.14 22.01 -5.60
N THR E 73 -37.25 21.38 -4.44
CA THR E 73 -38.07 21.82 -3.30
C THR E 73 -37.14 21.99 -2.10
N VAL E 74 -37.24 23.10 -1.37
CA VAL E 74 -36.30 23.47 -0.28
C VAL E 74 -37.00 23.72 1.05
N GLY E 75 -36.30 23.46 2.15
CA GLY E 75 -36.77 23.66 3.51
C GLY E 75 -35.64 23.76 4.53
N MET E 76 -35.93 24.42 5.64
CA MET E 76 -34.94 24.72 6.69
C MET E 76 -34.68 23.52 7.60
N ARG E 77 -33.42 23.16 7.82
CA ARG E 77 -32.99 22.27 8.91
C ARG E 77 -31.77 22.91 9.57
N ASP E 78 -31.73 22.88 10.90
CA ASP E 78 -30.66 23.45 11.75
C ASP E 78 -30.10 24.83 11.28
N GLY E 79 -30.99 25.75 10.87
CA GLY E 79 -30.64 27.10 10.44
C GLY E 79 -30.09 27.26 9.02
N VAL E 80 -30.16 26.24 8.16
CA VAL E 80 -29.64 26.24 6.78
C VAL E 80 -30.71 25.76 5.79
N LEU E 81 -30.74 26.32 4.57
CA LEU E 81 -31.60 25.83 3.48
C LEU E 81 -31.08 24.50 2.91
N THR E 82 -31.94 23.50 2.86
CA THR E 82 -31.62 22.15 2.36
C THR E 82 -32.60 21.73 1.29
N VAL E 83 -32.16 20.89 0.35
CA VAL E 83 -33.04 20.25 -0.64
C VAL E 83 -33.83 19.12 0.01
N ILE E 84 -35.16 19.13 -0.12
CA ILE E 84 -36.02 18.01 0.28
C ILE E 84 -35.91 16.90 -0.78
N ALA E 85 -36.33 17.16 -2.02
CA ALA E 85 -36.11 16.30 -3.17
C ALA E 85 -36.34 17.04 -4.51
N PRO E 86 -35.57 16.77 -5.57
CA PRO E 86 -35.90 17.15 -6.95
C PRO E 86 -36.93 16.22 -7.58
N LEU E 87 -37.94 16.74 -8.28
CA LEU E 87 -38.96 15.94 -8.96
C LEU E 87 -38.39 15.27 -10.23
N GLU E 88 -38.66 13.98 -10.46
CA GLU E 88 -37.93 13.10 -11.40
C GLU E 88 -37.76 13.60 -12.85
N GLY E 89 -38.74 14.31 -13.40
CA GLY E 89 -38.68 14.77 -14.79
C GLY E 89 -37.83 16.02 -15.02
N THR E 90 -37.51 16.75 -13.96
CA THR E 90 -37.08 18.16 -14.01
C THR E 90 -35.61 18.35 -14.39
N PRO E 91 -35.23 19.56 -14.85
CA PRO E 91 -33.84 19.89 -15.13
C PRO E 91 -32.90 19.65 -13.94
N ALA E 92 -33.31 20.01 -12.72
CA ALA E 92 -32.49 19.80 -11.52
C ALA E 92 -32.25 18.32 -11.18
N TYR E 93 -33.21 17.44 -11.48
CA TYR E 93 -33.03 16.00 -11.30
C TYR E 93 -31.96 15.46 -12.26
N LYS E 94 -32.04 15.81 -13.54
CA LYS E 94 -31.07 15.43 -14.59
C LYS E 94 -29.68 16.01 -14.34
N ALA E 95 -29.60 17.23 -13.82
CA ALA E 95 -28.35 17.92 -13.52
C ALA E 95 -27.53 17.29 -12.37
N GLY E 96 -28.15 16.49 -11.50
CA GLY E 96 -27.46 15.77 -10.42
C GLY E 96 -27.57 16.37 -9.01
N VAL E 97 -28.60 17.20 -8.74
CA VAL E 97 -28.94 17.66 -7.38
C VAL E 97 -29.57 16.51 -6.57
N LYS E 98 -29.39 16.45 -5.25
CA LYS E 98 -29.86 15.34 -4.39
C LYS E 98 -30.49 15.81 -3.08
N SER E 99 -31.28 14.96 -2.44
CA SER E 99 -31.83 15.21 -1.10
C SER E 99 -30.73 15.42 -0.07
N GLY E 100 -30.90 16.37 0.84
CA GLY E 100 -29.93 16.68 1.89
C GLY E 100 -28.73 17.51 1.44
N ASP E 101 -28.64 17.93 0.18
CA ASP E 101 -27.74 18.99 -0.26
C ASP E 101 -28.11 20.33 0.41
N ASN E 102 -27.12 21.11 0.84
CA ASN E 102 -27.32 22.45 1.40
C ASN E 102 -27.08 23.52 0.32
N ILE E 103 -27.96 24.50 0.18
CA ILE E 103 -27.80 25.58 -0.79
C ILE E 103 -26.86 26.66 -0.21
N LEU E 104 -25.68 26.86 -0.81
CA LEU E 104 -24.67 27.82 -0.33
C LEU E 104 -24.79 29.20 -0.99
N LYS E 105 -24.99 29.23 -2.31
CA LYS E 105 -25.20 30.44 -3.12
C LYS E 105 -26.22 30.17 -4.21
N ILE E 106 -27.12 31.10 -4.50
CA ILE E 106 -27.99 31.06 -5.69
C ILE E 106 -27.58 32.21 -6.60
N ASN E 107 -27.12 31.93 -7.82
CA ASN E 107 -26.82 32.94 -8.84
C ASN E 107 -25.96 34.12 -8.31
N ASN E 108 -24.93 33.79 -7.51
CA ASN E 108 -24.05 34.70 -6.78
C ASN E 108 -24.69 35.56 -5.65
N GLU E 109 -25.80 35.13 -5.06
CA GLU E 109 -26.34 35.66 -3.78
C GLU E 109 -26.10 34.64 -2.65
N SER E 110 -25.50 35.06 -1.53
CA SER E 110 -25.24 34.19 -0.37
C SER E 110 -26.53 33.85 0.40
N THR E 111 -26.71 32.60 0.83
CA THR E 111 -27.93 32.14 1.53
C THR E 111 -28.00 32.44 3.02
N LEU E 112 -26.98 33.05 3.64
CA LEU E 112 -27.11 33.54 5.02
C LEU E 112 -28.27 34.53 5.16
N SER E 113 -29.03 34.43 6.24
CA SER E 113 -30.16 35.34 6.57
C SER E 113 -31.27 35.43 5.50
N MET E 114 -31.45 34.40 4.68
CA MET E 114 -32.40 34.35 3.57
C MET E 114 -33.58 33.40 3.87
N SER E 115 -34.82 33.79 3.58
CA SER E 115 -36.01 32.96 3.87
C SER E 115 -36.28 31.92 2.78
N ILE E 116 -37.12 30.94 3.07
CA ILE E 116 -37.60 29.96 2.07
C ILE E 116 -38.33 30.68 0.92
N ASP E 117 -39.10 31.72 1.21
CA ASP E 117 -39.81 32.49 0.18
C ASP E 117 -38.85 33.26 -0.73
N ASP E 118 -37.77 33.84 -0.19
CA ASP E 118 -36.73 34.50 -0.99
C ASP E 118 -36.04 33.52 -1.95
N ALA E 119 -35.69 32.32 -1.48
CA ALA E 119 -35.08 31.30 -2.33
C ALA E 119 -36.01 30.88 -3.48
N ILE E 120 -37.30 30.65 -3.22
CA ILE E 120 -38.27 30.32 -4.26
C ILE E 120 -38.43 31.48 -5.24
N ASN E 121 -38.52 32.72 -4.75
CA ASN E 121 -38.62 33.91 -5.60
C ASN E 121 -37.40 34.10 -6.53
N LEU E 122 -36.19 33.71 -6.11
CA LEU E 122 -35.00 33.72 -6.98
C LEU E 122 -35.06 32.61 -8.05
N MET E 123 -35.58 31.42 -7.74
CA MET E 123 -35.54 30.28 -8.67
C MET E 123 -36.57 30.34 -9.81
N ARG E 124 -37.83 30.72 -9.56
CA ARG E 124 -38.87 30.71 -10.62
C ARG E 124 -38.62 31.77 -11.70
N GLY E 125 -39.21 31.58 -12.88
CA GLY E 125 -39.13 32.53 -13.99
C GLY E 125 -39.93 32.09 -15.23
N LYS E 126 -39.27 32.07 -16.39
CA LYS E 126 -39.85 31.64 -17.69
C LYS E 126 -38.85 30.79 -18.49
N PRO E 127 -39.31 29.97 -19.45
CA PRO E 127 -38.50 28.93 -20.10
C PRO E 127 -37.20 29.42 -20.76
N LYS E 128 -36.24 28.50 -20.91
CA LYS E 128 -34.90 28.71 -21.50
C LYS E 128 -33.97 29.68 -20.75
N THR E 129 -34.42 30.32 -19.67
CA THR E 129 -33.60 31.24 -18.86
C THR E 129 -32.61 30.44 -17.99
N PRO E 130 -31.30 30.70 -18.04
CA PRO E 130 -30.32 29.97 -17.24
C PRO E 130 -30.34 30.35 -15.74
N ILE E 131 -29.76 29.50 -14.89
CA ILE E 131 -29.46 29.75 -13.48
C ILE E 131 -28.23 28.94 -13.03
N GLN E 132 -27.53 29.40 -11.99
CA GLN E 132 -26.39 28.70 -11.38
C GLN E 132 -26.62 28.53 -9.87
N ILE E 133 -26.23 27.38 -9.31
CA ILE E 133 -26.33 27.10 -7.86
C ILE E 133 -25.01 26.52 -7.35
N THR E 134 -24.58 26.94 -6.16
CA THR E 134 -23.45 26.32 -5.44
C THR E 134 -23.98 25.55 -4.24
N ILE E 135 -23.56 24.30 -4.08
CA ILE E 135 -24.12 23.31 -3.14
C ILE E 135 -23.02 22.69 -2.28
N VAL E 136 -23.33 22.40 -1.02
CA VAL E 136 -22.48 21.59 -0.15
C VAL E 136 -23.13 20.22 0.07
N ARG E 137 -22.37 19.14 -0.14
CA ARG E 137 -22.81 17.74 -0.10
C ARG E 137 -21.98 16.92 0.91
N LYS E 138 -22.61 15.97 1.58
CA LYS E 138 -22.15 15.36 2.85
C LYS E 138 -20.70 14.87 2.87
N ASN E 139 -20.29 14.11 1.85
CA ASN E 139 -18.96 13.47 1.78
C ASN E 139 -17.94 14.22 0.87
N GLU E 140 -18.33 15.31 0.21
CA GLU E 140 -17.46 16.02 -0.74
C GLU E 140 -16.41 16.91 -0.03
N PRO E 141 -15.22 17.14 -0.64
CA PRO E 141 -14.14 17.92 -0.03
C PRO E 141 -14.31 19.44 -0.16
N LYS E 142 -15.05 19.89 -1.19
CA LYS E 142 -15.26 21.30 -1.56
C LYS E 142 -16.69 21.51 -2.10
N PRO E 143 -17.22 22.75 -2.12
CA PRO E 143 -18.50 23.05 -2.75
C PRO E 143 -18.60 22.63 -4.23
N LEU E 144 -19.75 22.10 -4.63
CA LEU E 144 -20.10 21.77 -6.01
C LEU E 144 -20.77 22.98 -6.67
N VAL E 145 -20.67 23.11 -8.00
CA VAL E 145 -21.35 24.15 -8.78
C VAL E 145 -22.12 23.53 -9.93
N PHE E 146 -23.37 23.92 -10.11
CA PHE E 146 -24.27 23.44 -11.17
C PHE E 146 -24.79 24.61 -12.01
N ASN E 147 -24.88 24.44 -13.32
CA ASN E 147 -25.54 25.37 -14.24
C ASN E 147 -26.71 24.67 -14.93
N ILE E 148 -27.90 25.26 -14.89
CA ILE E 148 -29.16 24.61 -15.33
C ILE E 148 -30.00 25.59 -16.16
N ILE E 149 -30.77 25.08 -17.12
CA ILE E 149 -31.66 25.87 -17.99
C ILE E 149 -33.12 25.56 -17.63
N ARG E 150 -33.88 26.60 -17.23
CA ARG E 150 -35.24 26.47 -16.69
C ARG E 150 -36.27 26.10 -17.75
N ASP E 151 -37.34 25.42 -17.35
CA ASP E 151 -38.29 24.74 -18.25
C ASP E 151 -39.70 24.67 -17.63
N ILE E 152 -40.71 24.21 -18.36
CA ILE E 152 -42.13 24.18 -17.93
C ILE E 152 -42.51 23.10 -16.87
N ILE E 153 -41.56 22.24 -16.45
CA ILE E 153 -41.69 21.27 -15.34
C ILE E 153 -42.97 20.39 -15.33
N LYS E 154 -43.36 19.85 -16.50
CA LYS E 154 -44.54 18.98 -16.67
C LYS E 154 -44.15 17.51 -16.87
N LEU E 155 -44.79 16.60 -16.13
CA LEU E 155 -44.55 15.14 -16.14
C LEU E 155 -45.83 14.36 -15.75
N PRO E 156 -46.04 13.11 -16.23
CA PRO E 156 -47.06 12.21 -15.69
C PRO E 156 -46.82 11.92 -14.19
N SER E 157 -47.86 12.07 -13.37
CA SER E 157 -47.78 11.99 -11.90
C SER E 157 -47.79 10.56 -11.35
N VAL E 158 -48.37 9.60 -12.07
CA VAL E 158 -48.66 8.23 -11.60
C VAL E 158 -48.49 7.20 -12.72
N TYR E 159 -48.05 5.98 -12.40
CA TYR E 159 -48.18 4.82 -13.31
C TYR E 159 -48.27 3.49 -12.54
N VAL E 160 -48.87 2.48 -13.17
CA VAL E 160 -49.07 1.12 -12.62
C VAL E 160 -48.45 0.08 -13.54
N LYS E 161 -47.60 -0.80 -13.01
CA LYS E 161 -46.88 -1.85 -13.75
C LYS E 161 -47.09 -3.22 -13.09
N LYS E 162 -47.22 -4.29 -13.87
CA LYS E 162 -47.21 -5.67 -13.34
C LYS E 162 -45.78 -6.11 -13.03
N ILE E 163 -45.60 -7.03 -12.09
CA ILE E 163 -44.31 -7.64 -11.75
C ILE E 163 -44.26 -9.05 -12.35
N LYS E 164 -43.16 -9.46 -12.98
CA LYS E 164 -43.04 -10.81 -13.56
C LYS E 164 -43.14 -11.91 -12.51
N GLU E 165 -43.58 -13.09 -12.93
CA GLU E 165 -43.68 -14.33 -12.13
C GLU E 165 -44.58 -14.27 -10.86
N THR E 166 -45.34 -13.20 -10.64
CA THR E 166 -46.07 -12.94 -9.37
C THR E 166 -47.41 -12.22 -9.60
N PRO E 167 -48.39 -12.36 -8.69
CA PRO E 167 -49.71 -11.70 -8.79
C PRO E 167 -49.79 -10.29 -8.20
N TYR E 168 -48.67 -9.55 -8.11
CA TYR E 168 -48.57 -8.26 -7.39
C TYR E 168 -48.28 -7.09 -8.35
N LEU E 169 -48.82 -5.91 -8.04
CA LEU E 169 -48.66 -4.68 -8.83
C LEU E 169 -47.66 -3.72 -8.19
N TYR E 170 -46.90 -3.00 -9.00
CA TYR E 170 -46.09 -1.86 -8.56
C TYR E 170 -46.78 -0.56 -8.95
N VAL E 171 -47.04 0.32 -7.99
CA VAL E 171 -47.70 1.62 -8.18
C VAL E 171 -46.76 2.74 -7.76
N ARG E 172 -46.43 3.66 -8.67
CA ARG E 172 -45.57 4.83 -8.39
C ARG E 172 -46.41 6.09 -8.36
N VAL E 173 -46.31 6.86 -7.28
CA VAL E 173 -46.93 8.19 -7.16
C VAL E 173 -45.81 9.20 -6.94
N SER E 174 -45.50 10.02 -7.93
CA SER E 174 -44.31 10.87 -7.96
C SER E 174 -44.51 12.24 -7.29
N GLY E 175 -45.74 12.75 -7.28
CA GLY E 175 -46.17 13.93 -6.53
C GLY E 175 -47.69 13.99 -6.43
N PHE E 176 -48.24 14.53 -5.34
CA PHE E 176 -49.70 14.63 -5.14
C PHE E 176 -50.26 15.85 -5.89
N ASP E 177 -50.28 15.77 -7.22
CA ASP E 177 -51.00 16.69 -8.10
C ASP E 177 -52.44 16.24 -8.34
N LYS E 178 -53.24 17.04 -9.06
CA LYS E 178 -54.62 16.67 -9.43
C LYS E 178 -54.72 15.35 -10.19
N ASN E 179 -55.88 14.70 -10.08
CA ASN E 179 -56.23 13.41 -10.68
C ASN E 179 -55.43 12.17 -10.20
N VAL E 180 -54.59 12.24 -9.16
CA VAL E 180 -53.94 11.06 -8.56
C VAL E 180 -54.95 9.99 -8.15
N THR E 181 -56.06 10.35 -7.51
CA THR E 181 -57.08 9.37 -7.08
C THR E 181 -57.69 8.61 -8.26
N LYS E 182 -58.05 9.29 -9.34
CA LYS E 182 -58.56 8.65 -10.57
C LYS E 182 -57.50 7.78 -11.24
N SER E 183 -56.28 8.30 -11.39
CA SER E 183 -55.20 7.57 -12.07
C SER E 183 -54.82 6.25 -11.37
N VAL E 184 -54.84 6.21 -10.04
CA VAL E 184 -54.66 4.96 -9.29
C VAL E 184 -55.88 4.05 -9.45
N LEU E 185 -57.11 4.54 -9.31
CA LEU E 185 -58.31 3.69 -9.38
C LEU E 185 -58.53 3.06 -10.76
N GLU E 186 -58.30 3.78 -11.86
CA GLU E 186 -58.35 3.21 -13.20
C GLU E 186 -57.26 2.15 -13.42
N GLY E 187 -56.08 2.32 -12.83
CA GLY E 187 -55.03 1.30 -12.84
C GLY E 187 -55.41 0.02 -12.09
N LEU E 188 -56.20 0.09 -11.03
CA LEU E 188 -56.68 -1.09 -10.32
C LEU E 188 -57.84 -1.77 -11.06
N LYS E 189 -58.79 -1.00 -11.63
CA LYS E 189 -59.84 -1.58 -12.49
C LYS E 189 -59.30 -2.25 -13.76
N ALA E 190 -58.18 -1.76 -14.29
CA ALA E 190 -57.48 -2.39 -15.42
C ALA E 190 -56.80 -3.73 -15.07
N ASN E 191 -56.73 -4.15 -13.81
CA ASN E 191 -56.03 -5.36 -13.35
C ASN E 191 -56.85 -6.19 -12.33
N PRO E 192 -58.04 -6.75 -12.68
CA PRO E 192 -58.96 -7.33 -11.70
C PRO E 192 -58.48 -8.59 -10.97
N LYS E 193 -57.40 -9.24 -11.46
CA LYS E 193 -56.81 -10.46 -10.88
C LYS E 193 -55.71 -10.21 -9.83
N ALA E 194 -55.31 -8.96 -9.59
CA ALA E 194 -54.21 -8.63 -8.68
C ALA E 194 -54.49 -9.05 -7.22
N LYS E 195 -53.41 -9.41 -6.50
CA LYS E 195 -53.45 -9.88 -5.10
C LYS E 195 -52.60 -9.05 -4.13
N GLY E 196 -52.14 -7.86 -4.51
CA GLY E 196 -51.42 -6.96 -3.61
C GLY E 196 -50.69 -5.82 -4.31
N ILE E 197 -50.46 -4.72 -3.59
CA ILE E 197 -49.90 -3.48 -4.11
C ILE E 197 -48.58 -3.15 -3.41
N VAL E 198 -47.59 -2.68 -4.15
CA VAL E 198 -46.49 -1.88 -3.59
C VAL E 198 -46.72 -0.41 -3.94
N LEU E 199 -46.85 0.48 -2.94
CA LEU E 199 -46.92 1.94 -3.15
C LEU E 199 -45.55 2.56 -2.93
N ASP E 200 -44.96 3.15 -3.96
CA ASP E 200 -43.64 3.76 -3.86
C ASP E 200 -43.72 5.27 -3.67
N LEU E 201 -43.65 5.72 -2.41
CA LEU E 201 -43.67 7.13 -2.01
C LEU E 201 -42.25 7.68 -1.72
N ARG E 202 -41.19 7.02 -2.18
CA ARG E 202 -39.80 7.51 -2.05
C ARG E 202 -39.61 8.79 -2.87
N GLY E 203 -38.88 9.75 -2.34
CA GLY E 203 -38.57 11.01 -3.04
C GLY E 203 -39.76 11.91 -3.43
N ASN E 204 -40.97 11.63 -2.97
CA ASN E 204 -42.18 12.41 -3.23
C ASN E 204 -42.27 13.60 -2.24
N PRO E 205 -42.07 14.86 -2.67
CA PRO E 205 -41.85 15.97 -1.75
C PRO E 205 -43.14 16.58 -1.18
N GLY E 206 -44.31 16.27 -1.73
CA GLY E 206 -45.59 16.84 -1.27
C GLY E 206 -46.66 16.96 -2.35
N GLY E 207 -47.62 17.84 -2.12
CA GLY E 207 -48.75 18.16 -3.01
C GLY E 207 -49.99 18.57 -2.22
N LEU E 208 -51.17 18.55 -2.84
CA LEU E 208 -52.40 19.10 -2.24
C LEU E 208 -53.21 18.08 -1.43
N LEU E 209 -53.61 18.45 -0.21
CA LEU E 209 -54.24 17.57 0.79
C LEU E 209 -55.51 16.89 0.27
N ASN E 210 -56.28 17.55 -0.59
CA ASN E 210 -57.48 17.02 -1.21
C ASN E 210 -57.26 15.67 -1.94
N GLN E 211 -56.06 15.41 -2.47
CA GLN E 211 -55.71 14.12 -3.06
C GLN E 211 -55.12 13.12 -2.03
N ALA E 212 -54.46 13.58 -0.96
CA ALA E 212 -53.95 12.68 0.08
C ALA E 212 -55.09 11.99 0.86
N VAL E 213 -56.15 12.72 1.22
CA VAL E 213 -57.35 12.10 1.79
C VAL E 213 -58.14 11.33 0.73
N GLY E 214 -58.11 11.75 -0.53
CA GLY E 214 -58.75 11.05 -1.65
C GLY E 214 -58.17 9.66 -1.93
N LEU E 215 -56.85 9.52 -1.92
CA LEU E 215 -56.16 8.23 -2.06
C LEU E 215 -56.41 7.34 -0.85
N SER E 216 -56.27 7.86 0.37
CA SER E 216 -56.49 7.08 1.60
C SER E 216 -57.91 6.52 1.69
N ASN E 217 -58.91 7.24 1.19
CA ASN E 217 -60.30 6.79 1.17
C ASN E 217 -60.56 5.60 0.20
N LEU E 218 -59.63 5.19 -0.66
CA LEU E 218 -59.80 3.94 -1.43
C LEU E 218 -59.63 2.68 -0.55
N PHE E 219 -58.87 2.77 0.54
CA PHE E 219 -58.37 1.61 1.28
C PHE E 219 -58.86 1.49 2.71
N ILE E 220 -59.29 2.58 3.35
CA ILE E 220 -59.80 2.62 4.74
C ILE E 220 -61.32 2.88 4.71
N LYS E 221 -62.14 2.03 5.33
CA LYS E 221 -63.61 2.18 5.32
C LYS E 221 -64.13 3.25 6.29
N GLU E 222 -63.62 3.30 7.52
CA GLU E 222 -64.18 4.13 8.60
C GLU E 222 -63.11 4.77 9.50
N GLY E 223 -63.50 5.79 10.27
CA GLY E 223 -62.65 6.47 11.26
C GLY E 223 -61.95 7.74 10.75
N VAL E 224 -61.18 8.39 11.63
CA VAL E 224 -60.42 9.61 11.33
C VAL E 224 -59.18 9.31 10.48
N LEU E 225 -58.92 10.14 9.47
CA LEU E 225 -57.72 10.08 8.62
C LEU E 225 -56.62 11.01 9.13
N VAL E 226 -56.94 12.29 9.36
CA VAL E 226 -56.01 13.34 9.82
C VAL E 226 -56.82 14.52 10.39
N SER E 227 -56.20 15.41 11.18
CA SER E 227 -56.83 16.63 11.67
C SER E 227 -55.86 17.82 11.74
N GLN E 228 -56.40 19.04 11.70
CA GLN E 228 -55.67 20.30 11.90
C GLN E 228 -55.95 20.87 13.28
N LYS E 229 -54.92 21.28 14.02
CA LYS E 229 -55.05 21.98 15.30
C LYS E 229 -54.26 23.30 15.30
N GLY E 230 -54.81 24.31 15.95
CA GLY E 230 -54.14 25.52 16.41
C GLY E 230 -54.55 25.84 17.85
N LYS E 231 -54.11 26.98 18.41
CA LYS E 231 -54.49 27.38 19.78
C LYS E 231 -55.98 27.71 19.93
N ASN E 232 -56.62 28.21 18.88
CA ASN E 232 -58.06 28.48 18.86
C ASN E 232 -58.86 27.18 18.74
N LYS E 233 -59.98 27.06 19.48
CA LYS E 233 -60.85 25.88 19.45
C LYS E 233 -61.61 25.74 18.12
N GLU E 234 -62.18 26.83 17.63
CA GLU E 234 -62.88 26.86 16.35
C GLU E 234 -61.92 26.75 15.14
N GLU E 235 -62.41 26.22 14.02
CA GLU E 235 -61.61 25.85 12.82
C GLU E 235 -60.63 24.68 13.03
N SER E 236 -60.83 23.85 14.07
CA SER E 236 -60.09 22.58 14.27
C SER E 236 -60.58 21.47 13.34
N LEU E 237 -60.44 21.64 12.03
CA LEU E 237 -60.96 20.70 11.02
C LEU E 237 -60.42 19.28 11.19
N GLU E 238 -61.29 18.30 10.94
CA GLU E 238 -61.02 16.87 11.09
C GLU E 238 -61.60 16.09 9.90
N TYR E 239 -60.83 15.17 9.35
CA TYR E 239 -61.19 14.42 8.14
C TYR E 239 -61.47 12.96 8.47
N LYS E 240 -62.59 12.43 7.99
CA LYS E 240 -63.07 11.05 8.25
C LYS E 240 -63.41 10.34 6.94
N ALA E 241 -63.17 9.04 6.87
CA ALA E 241 -63.49 8.25 5.68
C ALA E 241 -65.02 8.16 5.46
N ASN E 242 -65.46 8.04 4.20
CA ASN E 242 -66.88 8.16 3.83
C ASN E 242 -67.62 6.82 3.64
N GLY E 243 -67.00 5.69 3.99
CA GLY E 243 -67.61 4.35 3.91
C GLY E 243 -67.62 3.70 2.52
N ARG E 244 -67.26 4.40 1.44
CA ARG E 244 -67.32 3.88 0.07
C ARG E 244 -66.05 3.17 -0.43
N ALA E 245 -65.06 2.95 0.45
CA ALA E 245 -63.75 2.38 0.11
C ALA E 245 -63.86 1.03 -0.62
N PRO E 246 -63.45 0.91 -1.90
CA PRO E 246 -63.65 -0.33 -2.66
C PRO E 246 -62.78 -1.50 -2.21
N TYR E 247 -61.55 -1.24 -1.77
CA TYR E 247 -60.50 -2.25 -1.58
C TYR E 247 -60.13 -2.44 -0.10
N THR E 248 -61.07 -2.90 0.73
CA THR E 248 -60.85 -3.01 2.17
C THR E 248 -60.05 -4.25 2.64
N ASN E 249 -59.80 -5.25 1.78
CA ASN E 249 -59.08 -6.49 2.13
C ASN E 249 -57.74 -6.72 1.37
N LEU E 250 -57.43 -5.93 0.36
CA LEU E 250 -56.22 -6.08 -0.47
C LEU E 250 -54.91 -5.83 0.32
N PRO E 251 -53.89 -6.69 0.27
CA PRO E 251 -52.56 -6.45 0.87
C PRO E 251 -51.84 -5.23 0.31
N ILE E 252 -51.15 -4.46 1.15
CA ILE E 252 -50.38 -3.25 0.76
C ILE E 252 -49.02 -3.23 1.47
N ALA E 253 -47.95 -2.88 0.76
CA ALA E 253 -46.67 -2.47 1.34
C ALA E 253 -46.32 -1.06 0.85
N VAL E 254 -45.74 -0.20 1.69
CA VAL E 254 -45.47 1.22 1.36
C VAL E 254 -43.99 1.53 1.56
N LEU E 255 -43.34 2.17 0.60
CA LEU E 255 -41.93 2.55 0.67
C LEU E 255 -41.75 4.04 0.93
N VAL E 256 -40.92 4.43 1.91
CA VAL E 256 -40.61 5.82 2.29
C VAL E 256 -39.12 5.99 2.59
N ASN E 257 -38.50 7.15 2.31
CA ASN E 257 -37.03 7.26 2.39
C ASN E 257 -36.40 8.61 2.77
N GLY E 258 -37.10 9.52 3.42
CA GLY E 258 -36.47 10.76 3.92
C GLY E 258 -36.42 11.94 2.93
N GLY E 259 -36.65 11.68 1.64
CA GLY E 259 -37.17 12.69 0.70
C GLY E 259 -38.70 12.81 0.74
N SER E 260 -39.40 11.88 1.38
CA SER E 260 -40.86 11.92 1.57
C SER E 260 -41.24 12.96 2.62
N ALA E 261 -42.17 13.85 2.29
CA ALA E 261 -42.64 14.90 3.20
C ALA E 261 -44.13 15.24 3.02
N ALA E 262 -44.73 15.91 4.00
CA ALA E 262 -46.05 16.55 3.94
C ALA E 262 -47.19 15.61 3.55
N ALA E 263 -47.84 15.79 2.39
CA ALA E 263 -48.93 14.92 1.94
C ALA E 263 -48.56 13.43 1.90
N SER E 264 -47.32 13.07 1.54
CA SER E 264 -46.87 11.67 1.57
C SER E 264 -46.71 11.11 2.99
N GLU E 265 -46.47 11.94 4.00
CA GLU E 265 -46.45 11.51 5.40
C GLU E 265 -47.86 11.36 5.97
N ILE E 266 -48.85 12.09 5.46
CA ILE E 266 -50.25 11.92 5.85
C ILE E 266 -50.78 10.57 5.38
N VAL E 267 -50.52 10.17 4.12
CA VAL E 267 -50.93 8.84 3.60
C VAL E 267 -50.25 7.72 4.36
N ALA E 268 -48.92 7.74 4.52
CA ALA E 268 -48.21 6.70 5.27
C ALA E 268 -48.66 6.62 6.74
N GLY E 269 -48.80 7.75 7.43
CA GLY E 269 -49.23 7.78 8.82
C GLY E 269 -50.65 7.29 9.06
N ALA E 270 -51.59 7.57 8.15
CA ALA E 270 -52.96 7.09 8.27
C ALA E 270 -53.07 5.58 8.06
N LEU E 271 -52.41 5.03 7.02
CA LEU E 271 -52.38 3.58 6.80
C LEU E 271 -51.68 2.85 7.96
N GLN E 272 -50.59 3.37 8.51
CA GLN E 272 -49.90 2.77 9.65
C GLN E 272 -50.74 2.77 10.93
N ASP E 273 -51.39 3.88 11.30
CA ASP E 273 -52.21 3.95 12.52
C ASP E 273 -53.47 3.08 12.45
N HIS E 274 -54.06 2.87 11.29
CA HIS E 274 -55.19 1.94 11.10
C HIS E 274 -54.77 0.47 10.91
N LYS E 275 -53.49 0.13 11.07
CA LYS E 275 -52.91 -1.22 10.86
C LYS E 275 -53.21 -1.78 9.47
N ARG E 276 -53.34 -0.91 8.46
CA ARG E 276 -53.85 -1.24 7.12
C ARG E 276 -52.76 -1.58 6.11
N ALA E 277 -51.49 -1.27 6.38
CA ALA E 277 -50.35 -1.55 5.51
C ALA E 277 -49.06 -1.67 6.32
N VAL E 278 -47.99 -2.16 5.70
CA VAL E 278 -46.65 -2.24 6.31
C VAL E 278 -45.77 -1.15 5.72
N ILE E 279 -45.08 -0.36 6.54
CA ILE E 279 -44.25 0.76 6.08
C ILE E 279 -42.79 0.35 6.10
N ILE E 280 -42.04 0.52 5.01
CA ILE E 280 -40.70 -0.04 4.80
C ILE E 280 -39.74 1.05 4.31
N GLY E 281 -38.49 1.04 4.74
CA GLY E 281 -37.45 1.91 4.19
C GLY E 281 -36.65 2.63 5.26
N GLU E 282 -36.72 3.96 5.31
CA GLU E 282 -36.01 4.77 6.32
C GLU E 282 -36.78 6.07 6.63
N LYS E 283 -36.50 6.71 7.77
CA LYS E 283 -37.36 7.76 8.36
C LYS E 283 -37.63 8.96 7.43
N THR E 284 -38.87 9.44 7.40
CA THR E 284 -39.31 10.57 6.55
C THR E 284 -38.76 11.93 7.00
N PHE E 285 -39.01 12.99 6.22
CA PHE E 285 -38.46 14.33 6.48
C PHE E 285 -39.08 15.06 7.68
N GLY E 286 -40.38 14.88 7.94
CA GLY E 286 -41.10 15.55 9.02
C GLY E 286 -41.44 17.01 8.71
N ALA E 287 -42.49 17.22 7.92
CA ALA E 287 -43.00 18.55 7.58
C ALA E 287 -44.52 18.64 7.80
N GLY E 288 -44.91 19.06 9.01
CA GLY E 288 -46.27 18.90 9.54
C GLY E 288 -47.10 20.17 9.74
N SER E 289 -46.82 21.25 9.01
CA SER E 289 -47.36 22.60 9.27
C SER E 289 -48.13 23.18 8.09
N VAL E 290 -49.13 24.02 8.34
CA VAL E 290 -49.88 24.73 7.29
C VAL E 290 -49.94 26.25 7.52
N ALA E 291 -49.79 27.02 6.46
CA ALA E 291 -49.71 28.48 6.47
C ALA E 291 -50.71 29.13 5.49
N MET E 292 -51.21 30.31 5.81
CA MET E 292 -52.24 31.00 5.02
C MET E 292 -52.06 32.52 5.06
N LEU E 293 -52.66 33.21 4.09
CA LEU E 293 -52.40 34.62 3.78
C LEU E 293 -53.52 35.53 4.28
N LEU E 294 -53.18 36.60 5.01
CA LEU E 294 -54.08 37.46 5.76
C LEU E 294 -53.88 38.94 5.35
N PRO E 295 -54.92 39.68 4.91
CA PRO E 295 -54.81 41.13 4.69
C PRO E 295 -54.75 41.90 6.02
N VAL E 296 -53.85 42.89 6.13
CA VAL E 296 -53.57 43.58 7.42
C VAL E 296 -53.90 45.06 7.42
N ASN E 297 -53.60 45.78 6.33
CA ASN E 297 -53.89 47.20 6.15
C ASN E 297 -54.63 47.42 4.82
N LYS E 298 -54.67 48.65 4.31
CA LYS E 298 -55.06 48.93 2.92
C LYS E 298 -54.17 48.15 1.94
N ASP E 299 -54.76 47.19 1.23
CA ASP E 299 -54.17 46.44 0.11
C ASP E 299 -52.78 45.83 0.34
N GLU E 300 -52.48 45.30 1.54
CA GLU E 300 -51.25 44.56 1.84
C GLU E 300 -51.48 43.46 2.89
N ALA E 301 -50.61 42.44 2.92
CA ALA E 301 -50.88 41.18 3.60
C ALA E 301 -49.66 40.53 4.24
N ILE E 302 -49.90 39.60 5.17
CA ILE E 302 -48.88 38.72 5.77
C ILE E 302 -49.24 37.25 5.53
N LYS E 303 -48.25 36.40 5.38
CA LYS E 303 -48.37 34.94 5.40
C LYS E 303 -47.77 34.43 6.70
N ILE E 304 -48.48 33.59 7.46
CA ILE E 304 -48.00 33.02 8.72
C ILE E 304 -48.45 31.57 8.92
N THR E 305 -47.68 30.77 9.65
CA THR E 305 -48.10 29.42 10.03
C THR E 305 -49.32 29.52 10.95
N THR E 306 -50.37 28.74 10.69
CA THR E 306 -51.66 28.86 11.41
C THR E 306 -52.09 27.58 12.13
N ALA E 307 -51.67 26.39 11.66
CA ALA E 307 -52.03 25.11 12.27
C ALA E 307 -50.99 24.01 12.01
N ARG E 308 -51.05 22.92 12.76
CA ARG E 308 -50.23 21.71 12.62
C ARG E 308 -51.10 20.46 12.40
N TYR E 309 -50.58 19.46 11.70
CA TYR E 309 -51.28 18.20 11.44
C TYR E 309 -51.08 17.14 12.53
N TYR E 310 -52.16 16.47 12.89
CA TYR E 310 -52.22 15.42 13.90
C TYR E 310 -52.79 14.12 13.30
N LEU E 311 -52.10 13.01 13.59
CA LEU E 311 -52.43 11.65 13.12
C LEU E 311 -53.54 11.01 13.95
N PRO E 312 -54.17 9.90 13.50
CA PRO E 312 -55.23 9.21 14.25
C PRO E 312 -54.85 8.80 15.67
N SER E 313 -53.61 8.39 15.91
CA SER E 313 -53.07 8.07 17.25
C SER E 313 -52.85 9.29 18.14
N GLY E 314 -53.05 10.51 17.66
CA GLY E 314 -52.77 11.76 18.40
C GLY E 314 -51.31 12.20 18.38
N ARG E 315 -50.42 11.47 17.69
CA ARG E 315 -49.06 11.95 17.36
C ARG E 315 -49.12 13.12 16.38
N THR E 316 -48.07 13.93 16.29
CA THR E 316 -47.92 14.99 15.28
C THR E 316 -46.67 14.80 14.43
N ILE E 317 -46.73 15.16 13.15
CA ILE E 317 -45.67 14.91 12.16
C ILE E 317 -44.46 15.83 12.39
N GLN E 318 -44.66 17.10 12.73
CA GLN E 318 -43.58 18.09 12.92
C GLN E 318 -42.81 17.83 14.24
N ALA E 319 -41.49 17.66 14.28
CA ALA E 319 -40.52 17.41 13.22
C ALA E 319 -39.94 15.99 13.32
N LYS E 320 -40.75 15.03 13.77
CA LYS E 320 -40.41 13.62 14.00
C LYS E 320 -40.53 12.77 12.74
N GLY E 321 -41.51 13.04 11.88
CA GLY E 321 -41.83 12.22 10.73
C GLY E 321 -42.42 10.85 11.11
N ILE E 322 -42.41 9.94 10.16
CA ILE E 322 -42.89 8.56 10.25
C ILE E 322 -41.67 7.63 10.32
N THR E 323 -41.62 6.70 11.27
CA THR E 323 -40.62 5.61 11.30
C THR E 323 -41.20 4.33 10.69
N PRO E 324 -40.48 3.65 9.78
CA PRO E 324 -40.97 2.43 9.15
C PRO E 324 -41.06 1.27 10.15
N ASP E 325 -41.90 0.28 9.84
CA ASP E 325 -42.00 -0.97 10.60
C ASP E 325 -40.82 -1.91 10.35
N ILE E 326 -40.20 -1.82 9.17
CA ILE E 326 -38.99 -2.56 8.76
C ILE E 326 -37.97 -1.56 8.20
N VAL E 327 -36.79 -1.43 8.80
CA VAL E 327 -35.74 -0.50 8.35
C VAL E 327 -34.79 -1.19 7.38
N ILE E 328 -34.45 -0.57 6.25
CA ILE E 328 -33.45 -1.07 5.30
C ILE E 328 -32.92 0.02 4.36
N TYR E 329 -31.60 0.19 4.34
CA TYR E 329 -30.89 1.18 3.52
C TYR E 329 -30.67 0.73 2.06
N PRO E 330 -30.33 1.63 1.12
CA PRO E 330 -30.10 1.26 -0.27
C PRO E 330 -28.92 0.32 -0.51
N GLY E 331 -29.01 -0.49 -1.57
CA GLY E 331 -27.94 -1.39 -2.02
C GLY E 331 -28.43 -2.53 -2.92
N LYS E 332 -27.51 -3.25 -3.56
CA LYS E 332 -27.80 -4.42 -4.41
C LYS E 332 -27.93 -5.70 -3.58
N VAL E 333 -28.73 -6.67 -4.04
CA VAL E 333 -28.95 -7.94 -3.31
C VAL E 333 -27.68 -8.83 -3.29
N PRO E 334 -27.50 -9.71 -2.27
CA PRO E 334 -26.41 -10.70 -2.26
C PRO E 334 -26.56 -11.77 -3.35
N GLU E 335 -25.47 -12.46 -3.68
CA GLU E 335 -25.37 -13.35 -4.85
C GLU E 335 -24.80 -14.74 -4.52
N ASN E 336 -25.21 -15.75 -5.28
CA ASN E 336 -24.83 -17.16 -5.11
C ASN E 336 -23.41 -17.46 -5.65
N GLU E 337 -22.39 -17.30 -4.79
CA GLU E 337 -20.98 -17.56 -5.14
C GLU E 337 -20.61 -19.06 -5.10
N ASN E 338 -21.16 -19.82 -4.14
CA ASN E 338 -20.87 -21.24 -3.94
C ASN E 338 -21.68 -22.14 -4.89
N LYS E 339 -21.44 -22.02 -6.21
CA LYS E 339 -22.23 -22.69 -7.26
C LYS E 339 -22.02 -24.21 -7.31
N PHE E 340 -20.79 -24.67 -7.08
CA PHE E 340 -20.43 -26.09 -7.02
C PHE E 340 -20.59 -26.63 -5.60
N SER E 341 -21.61 -27.45 -5.36
CA SER E 341 -21.82 -28.16 -4.09
C SER E 341 -22.68 -29.41 -4.31
N LEU E 342 -22.54 -30.39 -3.41
CA LEU E 342 -23.11 -31.73 -3.56
C LEU E 342 -24.61 -31.78 -3.25
N LYS E 343 -25.36 -32.57 -4.01
CA LYS E 343 -26.82 -32.79 -3.94
C LYS E 343 -27.12 -34.27 -4.16
N GLU E 344 -28.31 -34.72 -3.82
CA GLU E 344 -28.74 -36.12 -4.06
C GLU E 344 -28.60 -36.52 -5.54
N ALA E 345 -28.90 -35.62 -6.47
CA ALA E 345 -28.80 -35.89 -7.90
C ALA E 345 -27.36 -36.12 -8.41
N ASP E 346 -26.32 -35.77 -7.64
CA ASP E 346 -24.92 -35.98 -8.00
C ASP E 346 -24.37 -37.33 -7.53
N LEU E 347 -25.03 -38.03 -6.59
CA LEU E 347 -24.53 -39.27 -6.01
C LEU E 347 -24.64 -40.46 -6.99
N LYS E 348 -23.82 -41.51 -6.79
CA LYS E 348 -23.63 -42.59 -7.77
C LYS E 348 -24.88 -43.44 -8.02
N HIS E 349 -25.52 -43.91 -6.96
CA HIS E 349 -26.67 -44.84 -7.01
C HIS E 349 -27.91 -44.25 -6.33
N HIS E 350 -28.25 -42.99 -6.59
CA HIS E 350 -29.46 -42.38 -6.02
C HIS E 350 -30.72 -43.07 -6.56
N LEU E 351 -31.80 -43.13 -5.78
CA LEU E 351 -33.11 -43.51 -6.31
C LEU E 351 -33.59 -42.42 -7.28
N GLU E 352 -34.27 -42.80 -8.36
CA GLU E 352 -34.69 -41.89 -9.43
C GLU E 352 -35.89 -41.00 -9.05
N GLN E 353 -36.09 -39.91 -9.80
CA GLN E 353 -37.31 -39.10 -9.72
C GLN E 353 -38.55 -39.89 -10.14
N GLU E 354 -39.73 -39.44 -9.69
CA GLU E 354 -41.04 -39.98 -10.13
C GLU E 354 -42.12 -38.89 -10.18
N GLU E 377 -39.91 -4.75 -20.69
CA GLU E 377 -40.22 -3.51 -21.41
C GLU E 377 -41.40 -2.74 -20.79
N LYS E 378 -42.41 -3.47 -20.30
CA LYS E 378 -43.66 -2.94 -19.72
C LYS E 378 -44.10 -3.68 -18.45
N GLU E 379 -43.16 -4.36 -17.80
CA GLU E 379 -43.31 -5.10 -16.55
C GLU E 379 -42.02 -4.95 -15.73
N VAL E 380 -42.11 -5.02 -14.40
CA VAL E 380 -40.91 -5.06 -13.54
C VAL E 380 -40.26 -6.44 -13.65
N THR E 381 -39.00 -6.48 -14.11
CA THR E 381 -38.26 -7.71 -14.37
C THR E 381 -37.36 -8.12 -13.20
N PRO E 382 -36.92 -9.39 -13.11
CA PRO E 382 -36.01 -9.81 -12.05
C PRO E 382 -34.70 -9.02 -12.02
N LYS E 383 -34.19 -8.56 -13.17
CA LYS E 383 -32.99 -7.73 -13.24
C LYS E 383 -33.16 -6.37 -12.55
N MET E 384 -34.35 -5.78 -12.60
CA MET E 384 -34.67 -4.56 -11.85
C MET E 384 -34.69 -4.83 -10.34
N ILE E 385 -35.40 -5.86 -9.89
CA ILE E 385 -35.55 -6.21 -8.46
C ILE E 385 -34.20 -6.52 -7.80
N ASN E 386 -33.23 -7.09 -8.52
CA ASN E 386 -31.88 -7.34 -7.98
C ASN E 386 -31.08 -6.04 -7.71
N ASP E 387 -31.40 -4.92 -8.36
CA ASP E 387 -30.64 -3.67 -8.24
C ASP E 387 -30.98 -2.79 -7.03
N ASP E 388 -32.13 -2.93 -6.38
CA ASP E 388 -32.37 -2.32 -5.06
C ASP E 388 -33.10 -3.25 -4.08
N ILE E 389 -32.47 -3.51 -2.94
CA ILE E 389 -32.97 -4.43 -1.92
C ILE E 389 -34.23 -3.93 -1.19
N GLN E 390 -34.53 -2.63 -1.24
CA GLN E 390 -35.78 -2.07 -0.70
C GLN E 390 -37.01 -2.58 -1.44
N LEU E 391 -36.99 -2.66 -2.78
CA LEU E 391 -38.11 -3.21 -3.54
C LEU E 391 -38.28 -4.71 -3.35
N LYS E 392 -37.17 -5.46 -3.21
CA LYS E 392 -37.22 -6.89 -2.85
C LYS E 392 -37.94 -7.10 -1.51
N THR E 393 -37.61 -6.30 -0.51
CA THR E 393 -38.19 -6.38 0.85
C THR E 393 -39.69 -6.08 0.88
N ALA E 394 -40.19 -5.22 0.00
CA ALA E 394 -41.62 -4.98 -0.12
C ALA E 394 -42.35 -6.22 -0.63
N ILE E 395 -41.82 -6.88 -1.66
CA ILE E 395 -42.44 -8.09 -2.24
C ILE E 395 -42.38 -9.27 -1.26
N ASP E 396 -41.28 -9.47 -0.53
CA ASP E 396 -41.17 -10.48 0.52
C ASP E 396 -42.19 -10.30 1.65
N SER E 397 -42.60 -9.07 1.95
CA SER E 397 -43.66 -8.81 2.93
C SER E 397 -45.04 -9.19 2.40
N LEU E 398 -45.33 -8.93 1.12
CA LEU E 398 -46.56 -9.38 0.48
C LEU E 398 -46.67 -10.91 0.42
N LYS E 399 -45.57 -11.62 0.16
CA LYS E 399 -45.54 -13.09 0.20
C LYS E 399 -45.85 -13.66 1.59
N THR E 400 -45.41 -13.01 2.67
CA THR E 400 -45.83 -13.39 4.02
C THR E 400 -47.33 -13.16 4.25
N TRP E 401 -47.89 -12.04 3.80
CA TRP E 401 -49.31 -11.72 3.99
C TRP E 401 -50.21 -12.72 3.26
N SER E 402 -49.90 -13.09 2.01
CA SER E 402 -50.67 -14.09 1.27
C SER E 402 -50.73 -15.45 1.98
N ILE E 403 -49.65 -15.91 2.63
CA ILE E 403 -49.65 -17.17 3.39
C ILE E 403 -50.55 -17.09 4.61
N VAL E 404 -50.54 -16.00 5.36
CA VAL E 404 -51.38 -15.83 6.56
C VAL E 404 -52.86 -15.83 6.19
N ASP E 405 -53.27 -15.18 5.10
CA ASP E 405 -54.64 -15.30 4.57
C ASP E 405 -55.00 -16.76 4.23
N GLU E 406 -54.11 -17.50 3.55
CA GLU E 406 -54.35 -18.89 3.17
C GLU E 406 -54.46 -19.83 4.39
N LYS E 407 -53.72 -19.55 5.47
CA LYS E 407 -53.88 -20.24 6.76
C LYS E 407 -55.26 -19.97 7.36
N MET E 408 -55.65 -18.70 7.49
CA MET E 408 -56.88 -18.31 8.19
C MET E 408 -58.16 -18.73 7.44
N ASP E 409 -58.15 -18.72 6.11
CA ASP E 409 -59.14 -19.41 5.28
C ASP E 409 -58.94 -20.93 5.37
N HIS F 7 -29.40 -71.68 -3.70
CA HIS F 7 -27.96 -71.51 -3.94
C HIS F 7 -27.65 -71.28 -5.42
N MET F 8 -27.22 -70.06 -5.78
CA MET F 8 -26.68 -69.72 -7.11
C MET F 8 -25.37 -68.90 -7.01
N PHE F 9 -24.61 -69.08 -5.93
CA PHE F 9 -23.40 -68.31 -5.65
C PHE F 9 -22.18 -68.72 -6.51
N SER F 10 -22.32 -69.64 -7.45
CA SER F 10 -21.21 -70.12 -8.30
C SER F 10 -20.49 -68.99 -9.04
N ARG F 11 -21.22 -68.05 -9.68
CA ARG F 11 -20.62 -66.88 -10.37
C ARG F 11 -19.73 -66.05 -9.45
N PHE F 12 -20.08 -65.92 -8.17
CA PHE F 12 -19.25 -65.24 -7.18
C PHE F 12 -18.11 -66.14 -6.66
N SER F 13 -18.38 -67.40 -6.36
CA SER F 13 -17.39 -68.36 -5.85
C SER F 13 -16.21 -68.57 -6.81
N ASN F 14 -16.46 -68.60 -8.12
CA ASN F 14 -15.40 -68.61 -9.13
C ASN F 14 -14.50 -67.37 -9.02
N VAL F 15 -15.06 -66.19 -8.80
CA VAL F 15 -14.30 -64.95 -8.67
C VAL F 15 -13.44 -64.95 -7.41
N VAL F 16 -13.96 -65.29 -6.22
CA VAL F 16 -13.10 -65.38 -5.02
C VAL F 16 -12.03 -66.46 -5.14
N SER F 17 -12.30 -67.57 -5.81
CA SER F 17 -11.30 -68.60 -6.11
C SER F 17 -10.17 -68.11 -7.02
N GLU F 18 -10.49 -67.38 -8.10
CA GLU F 18 -9.47 -66.82 -8.99
C GLU F 18 -8.64 -65.70 -8.32
N ILE F 19 -9.26 -64.83 -7.53
CA ILE F 19 -8.58 -63.74 -6.82
C ILE F 19 -7.53 -64.29 -5.86
N GLU F 20 -7.86 -65.22 -4.96
CA GLU F 20 -6.88 -65.68 -3.96
C GLU F 20 -5.68 -66.40 -4.60
N LYS F 21 -5.85 -66.97 -5.79
CA LYS F 21 -4.79 -67.65 -6.56
C LYS F 21 -3.85 -66.69 -7.32
N LYS F 22 -4.41 -65.71 -8.03
CA LYS F 22 -3.65 -64.86 -8.99
C LYS F 22 -3.39 -63.40 -8.55
N TYR F 23 -4.07 -62.86 -7.54
CA TYR F 23 -3.81 -61.50 -7.06
C TYR F 23 -2.37 -61.33 -6.52
N VAL F 24 -1.85 -60.11 -6.48
CA VAL F 24 -0.44 -59.81 -6.12
C VAL F 24 -0.06 -60.32 -4.72
N ASP F 25 -0.89 -60.03 -3.72
CA ASP F 25 -0.58 -60.20 -2.31
C ASP F 25 -1.31 -61.39 -1.65
N LYS F 26 -0.89 -61.76 -0.44
CA LYS F 26 -1.53 -62.78 0.39
C LYS F 26 -2.73 -62.18 1.15
N ILE F 27 -3.91 -62.77 0.98
CA ILE F 27 -5.16 -62.41 1.69
C ILE F 27 -5.98 -63.68 1.99
N SER F 28 -6.72 -63.67 3.09
CA SER F 28 -7.58 -64.79 3.53
C SER F 28 -9.03 -64.67 3.04
N ILE F 29 -9.80 -65.75 3.17
CA ILE F 29 -11.25 -65.72 2.92
C ILE F 29 -11.98 -64.79 3.90
N SER F 30 -11.50 -64.65 5.14
CA SER F 30 -12.07 -63.69 6.10
C SER F 30 -11.95 -62.24 5.60
N GLU F 31 -10.82 -61.88 5.01
CA GLU F 31 -10.63 -60.56 4.40
C GLU F 31 -11.45 -60.40 3.12
N ILE F 32 -11.48 -61.39 2.22
CA ILE F 32 -12.26 -61.30 0.98
C ILE F 32 -13.76 -61.19 1.26
N MET F 33 -14.32 -62.01 2.15
CA MET F 33 -15.74 -61.95 2.50
C MET F 33 -16.10 -60.62 3.16
N THR F 34 -15.23 -60.06 4.01
CA THR F 34 -15.45 -58.74 4.60
C THR F 34 -15.46 -57.62 3.55
N LYS F 35 -14.54 -57.63 2.57
CA LYS F 35 -14.57 -56.70 1.44
C LYS F 35 -15.81 -56.87 0.57
N ALA F 36 -16.27 -58.08 0.33
CA ALA F 36 -17.48 -58.34 -0.44
C ALA F 36 -18.76 -57.84 0.27
N ILE F 37 -18.89 -58.05 1.57
CA ILE F 37 -20.04 -57.57 2.36
C ILE F 37 -20.09 -56.04 2.40
N GLU F 38 -19.00 -55.36 2.78
CA GLU F 38 -18.98 -53.90 2.78
C GLU F 38 -19.10 -53.30 1.37
N GLY F 39 -18.64 -54.00 0.33
CA GLY F 39 -18.80 -53.61 -1.06
C GLY F 39 -20.22 -53.81 -1.62
N LEU F 40 -20.95 -54.83 -1.21
CA LEU F 40 -22.32 -55.08 -1.66
C LEU F 40 -23.29 -54.01 -1.15
N LEU F 41 -23.32 -53.75 0.16
CA LEU F 41 -24.24 -52.77 0.75
C LEU F 41 -23.98 -51.37 0.23
N SER F 42 -22.72 -51.00 0.01
CA SER F 42 -22.33 -49.72 -0.59
C SER F 42 -22.76 -49.55 -2.06
N ASN F 43 -23.36 -50.56 -2.69
CA ASN F 43 -23.69 -50.63 -4.11
C ASN F 43 -25.22 -50.82 -4.38
N LEU F 44 -26.04 -50.96 -3.34
CA LEU F 44 -27.51 -51.04 -3.49
C LEU F 44 -28.14 -49.69 -3.81
N ASP F 45 -27.76 -48.63 -3.10
CA ASP F 45 -28.20 -47.26 -3.32
C ASP F 45 -27.22 -46.28 -2.64
N ALA F 46 -27.49 -44.98 -2.71
CA ALA F 46 -26.61 -43.96 -2.16
C ALA F 46 -26.45 -43.98 -0.62
N HIS F 47 -27.33 -44.65 0.14
CA HIS F 47 -27.41 -44.50 1.61
C HIS F 47 -27.35 -45.80 2.42
N SER F 48 -27.53 -46.98 1.83
CA SER F 48 -27.31 -48.26 2.53
C SER F 48 -25.84 -48.44 2.91
N ALA F 49 -25.55 -49.14 4.01
CA ALA F 49 -24.17 -49.31 4.50
C ALA F 49 -24.02 -50.50 5.46
N TYR F 50 -22.77 -50.93 5.70
CA TYR F 50 -22.42 -51.91 6.73
C TYR F 50 -21.72 -51.24 7.91
N LEU F 51 -22.24 -51.42 9.13
CA LEU F 51 -21.72 -50.85 10.37
C LEU F 51 -20.98 -51.92 11.15
N ASN F 52 -19.68 -52.04 10.89
CA ASN F 52 -18.77 -52.86 11.70
C ASN F 52 -18.63 -52.27 13.12
N GLU F 53 -17.99 -52.99 14.02
CA GLU F 53 -17.96 -52.64 15.45
C GLU F 53 -17.35 -51.25 15.74
N LYS F 54 -16.45 -50.74 14.89
CA LYS F 54 -15.90 -49.39 15.06
C LYS F 54 -16.90 -48.29 14.65
N LYS F 55 -17.81 -48.56 13.71
CA LYS F 55 -18.85 -47.59 13.29
C LYS F 55 -20.11 -47.65 14.17
N PHE F 56 -20.54 -48.83 14.60
CA PHE F 56 -21.84 -48.97 15.28
C PHE F 56 -21.89 -48.24 16.62
N LYS F 57 -20.76 -48.16 17.35
CA LYS F 57 -20.67 -47.40 18.61
C LYS F 57 -20.93 -45.91 18.42
N GLU F 58 -20.49 -45.33 17.30
CA GLU F 58 -20.74 -43.91 16.98
C GLU F 58 -22.22 -43.63 16.75
N PHE F 59 -22.92 -44.49 16.00
CA PHE F 59 -24.34 -44.34 15.76
C PHE F 59 -25.13 -44.34 17.08
N GLN F 60 -24.82 -45.29 17.97
CA GLN F 60 -25.44 -45.34 19.30
C GLN F 60 -25.15 -44.07 20.09
N ALA F 61 -23.89 -43.62 20.15
CA ALA F 61 -23.53 -42.40 20.88
C ALA F 61 -24.27 -41.17 20.34
N GLN F 62 -24.24 -40.93 19.03
CA GLN F 62 -24.84 -39.74 18.43
C GLN F 62 -26.37 -39.70 18.60
N THR F 63 -27.06 -40.83 18.49
CA THR F 63 -28.52 -40.88 18.68
C THR F 63 -28.96 -40.88 20.15
N GLU F 64 -28.08 -41.18 21.10
CA GLU F 64 -28.34 -40.99 22.53
C GLU F 64 -27.99 -39.58 23.03
N GLY F 65 -26.97 -38.94 22.46
CA GLY F 65 -26.42 -37.66 22.91
C GLY F 65 -25.36 -37.76 24.01
N GLU F 66 -24.90 -38.97 24.34
CA GLU F 66 -23.94 -39.28 25.40
C GLU F 66 -22.54 -39.60 24.81
N PHE F 67 -21.48 -39.01 25.31
CA PHE F 67 -20.13 -39.28 24.77
C PHE F 67 -19.12 -39.40 25.92
N GLY F 68 -18.14 -40.31 25.81
CA GLY F 68 -17.10 -40.60 26.80
C GLY F 68 -15.72 -40.13 26.32
N GLY F 69 -15.18 -39.07 26.92
CA GLY F 69 -13.91 -38.46 26.49
C GLY F 69 -13.60 -37.12 27.15
N LEU F 70 -12.72 -36.34 26.53
CA LEU F 70 -12.17 -35.09 27.09
C LEU F 70 -12.98 -33.81 26.83
N GLY F 71 -13.73 -33.70 25.73
CA GLY F 71 -14.46 -32.47 25.39
C GLY F 71 -13.57 -31.30 24.94
N ILE F 72 -12.46 -31.59 24.27
CA ILE F 72 -11.55 -30.59 23.70
C ILE F 72 -11.68 -30.54 22.17
N THR F 73 -12.00 -29.37 21.63
CA THR F 73 -12.26 -29.15 20.20
C THR F 73 -10.94 -29.06 19.44
N VAL F 74 -10.43 -30.16 18.89
CA VAL F 74 -9.18 -30.16 18.08
C VAL F 74 -9.47 -29.68 16.65
N GLY F 75 -8.64 -28.78 16.09
CA GLY F 75 -8.92 -28.09 14.81
C GLY F 75 -7.92 -28.31 13.66
N MET F 76 -6.92 -29.18 13.80
CA MET F 76 -5.89 -29.48 12.78
C MET F 76 -5.15 -28.24 12.21
N ARG F 77 -4.96 -27.19 13.01
CA ARG F 77 -4.26 -25.95 12.60
C ARG F 77 -2.82 -26.26 12.20
N ASP F 78 -2.37 -25.74 11.05
CA ASP F 78 -1.06 -26.04 10.45
C ASP F 78 -0.75 -27.56 10.28
N GLY F 79 -1.78 -28.43 10.27
CA GLY F 79 -1.62 -29.88 10.20
C GLY F 79 -1.29 -30.56 11.55
N VAL F 80 -1.42 -29.86 12.68
CA VAL F 80 -1.10 -30.37 14.02
C VAL F 80 -2.27 -30.20 14.99
N LEU F 81 -2.28 -31.00 16.06
CA LEU F 81 -3.44 -31.19 16.95
C LEU F 81 -3.62 -30.03 17.96
N THR F 82 -3.82 -28.81 17.47
CA THR F 82 -4.18 -27.63 18.28
C THR F 82 -5.63 -27.70 18.76
N VAL F 83 -5.86 -27.48 20.05
CA VAL F 83 -7.18 -27.28 20.65
C VAL F 83 -7.67 -25.85 20.40
N ILE F 84 -8.80 -25.70 19.72
CA ILE F 84 -9.47 -24.41 19.51
C ILE F 84 -10.18 -23.95 20.78
N ALA F 85 -10.94 -24.85 21.42
CA ALA F 85 -11.69 -24.57 22.64
C ALA F 85 -12.05 -25.86 23.41
N PRO F 86 -11.72 -25.97 24.70
CA PRO F 86 -12.43 -26.83 25.64
C PRO F 86 -13.87 -26.33 25.82
N LEU F 87 -14.86 -27.22 25.83
CA LEU F 87 -16.23 -26.85 26.23
C LEU F 87 -16.34 -26.75 27.76
N GLU F 88 -17.15 -25.83 28.26
CA GLU F 88 -17.23 -25.55 29.71
C GLU F 88 -17.76 -26.74 30.52
N GLY F 89 -17.17 -27.00 31.68
CA GLY F 89 -17.62 -28.04 32.62
C GLY F 89 -17.18 -29.47 32.28
N THR F 90 -16.52 -29.72 31.15
CA THR F 90 -15.86 -31.01 30.89
C THR F 90 -14.67 -31.22 31.84
N PRO F 91 -14.29 -32.45 32.25
CA PRO F 91 -13.09 -32.67 33.06
C PRO F 91 -11.81 -32.04 32.51
N ALA F 92 -11.63 -31.96 31.18
CA ALA F 92 -10.47 -31.24 30.62
C ALA F 92 -10.53 -29.70 30.82
N TYR F 93 -11.70 -29.09 30.96
CA TYR F 93 -11.86 -27.67 31.35
C TYR F 93 -11.65 -27.45 32.85
N LYS F 94 -11.92 -28.47 33.68
CA LYS F 94 -11.53 -28.49 35.10
C LYS F 94 -10.01 -28.64 35.27
N ALA F 95 -9.37 -29.44 34.42
CA ALA F 95 -7.93 -29.49 34.24
C ALA F 95 -7.37 -28.20 33.60
N GLY F 96 -6.04 -28.09 33.49
CA GLY F 96 -5.34 -26.86 33.10
C GLY F 96 -5.17 -26.61 31.59
N VAL F 97 -5.77 -27.40 30.70
CA VAL F 97 -5.67 -27.16 29.23
C VAL F 97 -6.58 -26.01 28.75
N LYS F 98 -6.12 -25.28 27.74
CA LYS F 98 -6.71 -24.02 27.23
C LYS F 98 -6.65 -23.95 25.69
N SER F 99 -7.37 -22.99 25.09
CA SER F 99 -7.21 -22.65 23.66
C SER F 99 -5.73 -22.43 23.30
N GLY F 100 -5.30 -22.97 22.16
CA GLY F 100 -3.92 -22.88 21.68
C GLY F 100 -2.97 -23.98 22.20
N ASP F 101 -3.41 -24.87 23.07
CA ASP F 101 -2.65 -26.06 23.46
C ASP F 101 -2.60 -27.10 22.34
N ASN F 102 -1.46 -27.76 22.17
CA ASN F 102 -1.22 -28.72 21.09
C ASN F 102 -0.98 -30.12 21.64
N ILE F 103 -1.73 -31.13 21.20
CA ILE F 103 -1.54 -32.51 21.66
C ILE F 103 -0.25 -33.07 21.03
N LEU F 104 0.73 -33.38 21.87
CA LEU F 104 2.02 -33.97 21.47
C LEU F 104 2.01 -35.50 21.54
N LYS F 105 1.46 -36.08 22.63
CA LYS F 105 1.38 -37.53 22.85
C LYS F 105 0.11 -37.94 23.60
N ILE F 106 -0.38 -39.15 23.36
CA ILE F 106 -1.54 -39.76 24.04
C ILE F 106 -1.04 -40.98 24.82
N ASN F 107 -1.20 -41.03 26.15
CA ASN F 107 -0.57 -42.04 27.02
C ASN F 107 0.94 -42.24 26.73
N ASN F 108 1.66 -41.13 26.46
CA ASN F 108 3.06 -41.10 26.05
C ASN F 108 3.39 -41.81 24.71
N GLU F 109 2.40 -41.99 23.81
CA GLU F 109 2.58 -42.44 22.41
C GLU F 109 2.50 -41.26 21.43
N SER F 110 3.49 -41.16 20.53
CA SER F 110 3.77 -39.96 19.73
C SER F 110 2.76 -39.65 18.63
N THR F 111 2.37 -38.39 18.51
CA THR F 111 1.65 -37.83 17.32
C THR F 111 2.62 -37.56 16.16
N LEU F 112 2.09 -37.47 14.93
CA LEU F 112 2.89 -37.41 13.68
C LEU F 112 2.20 -36.67 12.51
N SER F 113 1.44 -35.61 12.81
CA SER F 113 0.54 -34.89 11.88
C SER F 113 -0.63 -35.73 11.31
N MET F 114 -0.97 -36.82 12.01
CA MET F 114 -2.06 -37.74 11.67
C MET F 114 -3.46 -37.09 11.81
N SER F 115 -4.45 -37.59 11.07
CA SER F 115 -5.85 -37.15 11.20
C SER F 115 -6.41 -37.45 12.59
N ILE F 116 -7.44 -36.70 13.01
CA ILE F 116 -8.01 -36.76 14.38
C ILE F 116 -8.61 -38.15 14.71
N ASP F 117 -9.02 -38.91 13.71
CA ASP F 117 -9.87 -40.11 13.86
C ASP F 117 -9.27 -41.19 14.78
N ASP F 118 -8.04 -41.64 14.56
CA ASP F 118 -7.43 -42.62 15.48
C ASP F 118 -6.97 -41.99 16.80
N ALA F 119 -6.69 -40.69 16.84
CA ALA F 119 -6.37 -39.98 18.08
C ALA F 119 -7.57 -40.00 19.03
N ILE F 120 -8.76 -39.61 18.56
CA ILE F 120 -9.97 -39.73 19.37
C ILE F 120 -10.34 -41.19 19.65
N ASN F 121 -10.07 -42.13 18.74
CA ASN F 121 -10.26 -43.56 19.02
C ASN F 121 -9.41 -44.04 20.22
N LEU F 122 -8.18 -43.51 20.38
CA LEU F 122 -7.35 -43.75 21.57
C LEU F 122 -7.83 -42.96 22.79
N MET F 123 -8.18 -41.68 22.62
CA MET F 123 -8.57 -40.78 23.72
C MET F 123 -9.93 -41.11 24.34
N ARG F 124 -10.86 -41.73 23.59
CA ARG F 124 -12.21 -42.09 24.08
C ARG F 124 -12.23 -43.41 24.87
N GLY F 125 -11.33 -43.54 25.84
CA GLY F 125 -11.40 -44.56 26.90
C GLY F 125 -12.68 -44.43 27.74
N LYS F 126 -13.11 -45.53 28.37
CA LYS F 126 -14.33 -45.61 29.18
C LYS F 126 -14.29 -44.66 30.39
N PRO F 127 -15.44 -44.11 30.84
CA PRO F 127 -15.50 -42.99 31.79
C PRO F 127 -14.95 -43.30 33.20
N LYS F 128 -14.77 -44.58 33.54
CA LYS F 128 -14.20 -45.03 34.83
C LYS F 128 -12.68 -44.86 34.92
N THR F 129 -11.96 -44.79 33.80
CA THR F 129 -10.49 -44.95 33.76
C THR F 129 -9.77 -43.63 33.48
N PRO F 130 -8.82 -43.17 34.34
CA PRO F 130 -8.01 -41.99 34.07
C PRO F 130 -6.96 -42.24 32.98
N ILE F 131 -6.61 -41.18 32.23
CA ILE F 131 -5.70 -41.23 31.06
C ILE F 131 -4.72 -40.06 31.11
N GLN F 132 -3.51 -40.25 30.56
CA GLN F 132 -2.47 -39.21 30.48
C GLN F 132 -2.39 -38.61 29.07
N ILE F 133 -2.29 -37.28 28.98
CA ILE F 133 -2.11 -36.53 27.73
C ILE F 133 -0.89 -35.62 27.87
N THR F 134 -0.07 -35.56 26.82
CA THR F 134 1.10 -34.69 26.75
C THR F 134 0.81 -33.54 25.78
N ILE F 135 1.05 -32.32 26.23
CA ILE F 135 0.68 -31.06 25.56
C ILE F 135 1.95 -30.23 25.29
N VAL F 136 1.98 -29.48 24.19
CA VAL F 136 2.90 -28.35 24.01
C VAL F 136 2.10 -27.05 24.00
N ARG F 137 2.47 -26.11 24.89
CA ARG F 137 1.91 -24.76 24.97
C ARG F 137 2.92 -23.78 24.36
N LYS F 138 2.46 -22.88 23.48
CA LYS F 138 3.30 -22.21 22.47
C LYS F 138 4.49 -21.38 23.00
N ASN F 139 4.45 -20.92 24.25
CA ASN F 139 5.55 -20.17 24.87
C ASN F 139 6.70 -21.05 25.41
N GLU F 140 6.50 -22.36 25.56
CA GLU F 140 7.36 -23.22 26.39
C GLU F 140 8.32 -24.12 25.55
N PRO F 141 9.62 -24.23 25.91
CA PRO F 141 10.58 -25.13 25.24
C PRO F 141 10.43 -26.62 25.64
N LYS F 142 9.43 -26.97 26.44
CA LYS F 142 9.22 -28.28 27.08
C LYS F 142 7.72 -28.62 27.12
N PRO F 143 7.33 -29.91 27.09
CA PRO F 143 5.92 -30.29 27.22
C PRO F 143 5.32 -29.99 28.59
N LEU F 144 3.98 -29.96 28.64
CA LEU F 144 3.14 -30.04 29.83
C LEU F 144 2.48 -31.42 29.86
N VAL F 145 2.38 -32.06 31.03
CA VAL F 145 1.73 -33.39 31.14
C VAL F 145 0.50 -33.32 32.04
N PHE F 146 -0.64 -33.76 31.52
CA PHE F 146 -1.93 -33.79 32.23
C PHE F 146 -2.39 -35.23 32.46
N ASN F 147 -2.73 -35.56 33.71
CA ASN F 147 -3.39 -36.82 34.08
C ASN F 147 -4.84 -36.51 34.44
N ILE F 148 -5.79 -37.04 33.67
CA ILE F 148 -7.20 -36.58 33.71
C ILE F 148 -8.11 -37.75 34.12
N ILE F 149 -8.84 -37.59 35.22
CA ILE F 149 -9.94 -38.48 35.60
C ILE F 149 -11.20 -38.17 34.79
N ARG F 150 -11.89 -39.20 34.30
CA ARG F 150 -12.90 -39.12 33.23
C ARG F 150 -14.34 -39.07 33.75
N ASP F 151 -15.26 -38.75 32.84
CA ASP F 151 -16.71 -38.75 33.05
C ASP F 151 -17.42 -38.89 31.69
N ILE F 152 -18.71 -39.23 31.67
CA ILE F 152 -19.55 -38.99 30.49
C ILE F 152 -19.83 -37.49 30.37
N ILE F 153 -19.80 -36.96 29.14
CA ILE F 153 -20.18 -35.59 28.82
C ILE F 153 -21.37 -35.57 27.87
N LYS F 154 -22.22 -34.54 28.02
CA LYS F 154 -23.47 -34.36 27.28
C LYS F 154 -23.33 -33.18 26.34
N LEU F 155 -23.73 -33.35 25.09
CA LEU F 155 -23.78 -32.30 24.08
C LEU F 155 -25.25 -31.96 23.76
N PRO F 156 -25.72 -30.73 23.99
CA PRO F 156 -27.08 -30.33 23.64
C PRO F 156 -27.19 -30.13 22.13
N SER F 157 -28.11 -30.85 21.48
CA SER F 157 -28.40 -30.68 20.05
C SER F 157 -29.28 -29.49 19.73
N VAL F 158 -30.04 -28.99 20.71
CA VAL F 158 -30.95 -27.84 20.58
C VAL F 158 -30.77 -26.83 21.72
N TYR F 159 -30.81 -25.54 21.39
CA TYR F 159 -30.80 -24.44 22.35
C TYR F 159 -31.69 -23.29 21.88
N VAL F 160 -32.19 -22.48 22.82
CA VAL F 160 -33.11 -21.36 22.56
C VAL F 160 -32.66 -20.07 23.26
N LYS F 161 -32.71 -18.94 22.55
CA LYS F 161 -32.30 -17.61 23.03
C LYS F 161 -33.40 -16.58 22.79
N LYS F 162 -33.51 -15.57 23.65
CA LYS F 162 -34.27 -14.33 23.35
C LYS F 162 -33.54 -13.50 22.30
N ILE F 163 -34.23 -12.67 21.54
CA ILE F 163 -33.61 -11.63 20.69
C ILE F 163 -33.75 -10.30 21.44
N LYS F 164 -32.62 -9.58 21.63
CA LYS F 164 -32.47 -8.62 22.74
C LYS F 164 -33.49 -7.48 22.76
N GLU F 165 -33.89 -6.96 21.60
CA GLU F 165 -34.78 -5.81 21.49
C GLU F 165 -36.28 -6.13 21.34
N THR F 166 -36.69 -7.39 21.11
CA THR F 166 -38.01 -7.71 20.51
C THR F 166 -38.74 -8.89 21.17
N PRO F 167 -40.05 -9.11 20.90
CA PRO F 167 -40.84 -10.22 21.46
C PRO F 167 -40.52 -11.64 20.97
N TYR F 168 -39.44 -11.88 20.22
CA TYR F 168 -39.22 -13.09 19.43
C TYR F 168 -38.08 -13.97 19.97
N LEU F 169 -38.23 -15.29 19.85
CA LEU F 169 -37.23 -16.30 20.20
C LEU F 169 -36.44 -16.78 18.98
N TYR F 170 -35.19 -17.19 19.18
CA TYR F 170 -34.39 -17.94 18.21
C TYR F 170 -34.16 -19.36 18.72
N VAL F 171 -34.57 -20.39 17.98
CA VAL F 171 -34.42 -21.81 18.33
C VAL F 171 -33.54 -22.49 17.29
N ARG F 172 -32.44 -23.12 17.70
CA ARG F 172 -31.52 -23.82 16.79
C ARG F 172 -31.63 -25.31 17.06
N VAL F 173 -31.98 -26.14 16.07
CA VAL F 173 -31.93 -27.61 16.18
C VAL F 173 -30.86 -28.12 15.22
N SER F 174 -29.76 -28.66 15.72
CA SER F 174 -28.55 -28.99 14.93
C SER F 174 -28.45 -30.46 14.46
N GLY F 175 -29.35 -31.31 14.93
CA GLY F 175 -29.46 -32.73 14.57
C GLY F 175 -30.59 -33.38 15.35
N PHE F 176 -31.21 -34.43 14.85
CA PHE F 176 -32.38 -35.05 15.48
C PHE F 176 -31.96 -36.27 16.31
N ASP F 177 -32.32 -36.30 17.58
CA ASP F 177 -31.98 -37.33 18.56
C ASP F 177 -33.02 -37.31 19.70
N LYS F 178 -33.01 -38.31 20.59
CA LYS F 178 -34.05 -38.53 21.61
C LYS F 178 -34.34 -37.34 22.54
N ASN F 179 -33.46 -36.35 22.65
CA ASN F 179 -33.65 -35.17 23.50
C ASN F 179 -34.50 -34.05 22.86
N VAL F 180 -34.71 -34.03 21.54
CA VAL F 180 -35.18 -32.83 20.83
C VAL F 180 -36.60 -32.40 21.20
N THR F 181 -37.59 -33.29 21.12
CA THR F 181 -38.99 -32.88 21.36
C THR F 181 -39.20 -32.33 22.77
N LYS F 182 -38.63 -32.97 23.80
CA LYS F 182 -38.66 -32.50 25.19
C LYS F 182 -37.95 -31.16 25.36
N SER F 183 -36.80 -30.98 24.72
CA SER F 183 -36.00 -29.76 24.85
C SER F 183 -36.64 -28.54 24.18
N VAL F 184 -37.38 -28.70 23.09
CA VAL F 184 -38.16 -27.58 22.51
C VAL F 184 -39.37 -27.26 23.38
N LEU F 185 -40.13 -28.27 23.83
CA LEU F 185 -41.33 -28.05 24.64
C LEU F 185 -41.02 -27.29 25.95
N GLU F 186 -40.00 -27.70 26.71
CA GLU F 186 -39.60 -26.95 27.90
C GLU F 186 -39.03 -25.56 27.57
N GLY F 187 -38.40 -25.41 26.41
CA GLY F 187 -37.83 -24.15 25.94
C GLY F 187 -38.88 -23.09 25.59
N LEU F 188 -40.08 -23.49 25.14
CA LEU F 188 -41.22 -22.58 24.98
C LEU F 188 -41.92 -22.30 26.32
N LYS F 189 -42.09 -23.32 27.18
CA LYS F 189 -42.73 -23.18 28.51
C LYS F 189 -42.00 -22.19 29.43
N ALA F 190 -40.68 -22.11 29.33
CA ALA F 190 -39.85 -21.16 30.08
C ALA F 190 -39.99 -19.69 29.64
N ASN F 191 -40.61 -19.39 28.49
CA ASN F 191 -40.75 -18.05 27.90
C ASN F 191 -42.21 -17.74 27.51
N PRO F 192 -43.15 -17.67 28.48
CA PRO F 192 -44.58 -17.53 28.18
C PRO F 192 -44.97 -16.19 27.53
N LYS F 193 -44.12 -15.16 27.61
CA LYS F 193 -44.32 -13.84 26.99
C LYS F 193 -44.01 -13.81 25.48
N ALA F 194 -43.38 -14.83 24.90
CA ALA F 194 -42.91 -14.83 23.52
C ALA F 194 -44.06 -14.72 22.49
N LYS F 195 -43.82 -14.04 21.36
CA LYS F 195 -44.81 -13.83 20.28
C LYS F 195 -44.44 -14.45 18.92
N GLY F 196 -43.36 -15.22 18.83
CA GLY F 196 -43.01 -15.93 17.60
C GLY F 196 -41.64 -16.59 17.64
N ILE F 197 -41.43 -17.58 16.77
CA ILE F 197 -40.24 -18.42 16.70
C ILE F 197 -39.50 -18.21 15.38
N VAL F 198 -38.20 -17.94 15.41
CA VAL F 198 -37.31 -18.26 14.27
C VAL F 198 -36.70 -19.64 14.52
N LEU F 199 -36.89 -20.59 13.61
CA LEU F 199 -36.43 -21.98 13.76
C LEU F 199 -35.32 -22.29 12.75
N ASP F 200 -34.11 -22.62 13.21
CA ASP F 200 -32.91 -22.66 12.37
C ASP F 200 -32.43 -24.10 12.11
N LEU F 201 -32.90 -24.69 11.01
CA LEU F 201 -32.55 -26.03 10.54
C LEU F 201 -31.41 -26.03 9.50
N ARG F 202 -30.65 -24.93 9.35
CA ARG F 202 -29.57 -24.85 8.37
C ARG F 202 -28.47 -25.86 8.69
N GLY F 203 -28.04 -26.67 7.72
CA GLY F 203 -26.97 -27.65 7.88
C GLY F 203 -27.32 -28.92 8.65
N ASN F 204 -28.55 -29.09 9.13
CA ASN F 204 -28.98 -30.26 9.91
C ASN F 204 -29.18 -31.51 9.00
N PRO F 205 -28.39 -32.60 9.13
CA PRO F 205 -28.43 -33.76 8.23
C PRO F 205 -29.54 -34.77 8.45
N GLY F 206 -30.39 -34.58 9.46
CA GLY F 206 -31.46 -35.53 9.82
C GLY F 206 -31.15 -36.35 11.06
N GLY F 207 -31.83 -37.48 11.23
CA GLY F 207 -31.71 -38.32 12.43
C GLY F 207 -32.91 -39.26 12.61
N LEU F 208 -33.35 -39.49 13.84
CA LEU F 208 -34.44 -40.41 14.15
C LEU F 208 -35.80 -39.94 13.60
N LEU F 209 -36.54 -40.81 12.93
CA LEU F 209 -37.83 -40.45 12.32
C LEU F 209 -38.90 -40.06 13.35
N ASN F 210 -38.93 -40.68 14.54
CA ASN F 210 -39.94 -40.35 15.54
C ASN F 210 -39.78 -38.93 16.13
N GLN F 211 -38.63 -38.27 15.97
CA GLN F 211 -38.46 -36.86 16.36
C GLN F 211 -38.92 -35.87 15.29
N ALA F 212 -38.96 -36.23 14.00
CA ALA F 212 -39.57 -35.39 12.98
C ALA F 212 -41.10 -35.34 13.14
N VAL F 213 -41.74 -36.49 13.36
CA VAL F 213 -43.16 -36.55 13.68
C VAL F 213 -43.42 -35.90 15.05
N GLY F 214 -42.59 -36.14 16.06
CA GLY F 214 -42.72 -35.52 17.38
C GLY F 214 -42.65 -33.99 17.37
N LEU F 215 -41.62 -33.39 16.75
CA LEU F 215 -41.46 -31.94 16.69
C LEU F 215 -42.62 -31.27 15.93
N SER F 216 -42.95 -31.74 14.73
CA SER F 216 -44.03 -31.13 13.93
C SER F 216 -45.41 -31.27 14.59
N ASN F 217 -45.66 -32.30 15.38
CA ASN F 217 -46.87 -32.42 16.19
C ASN F 217 -46.96 -31.40 17.35
N LEU F 218 -45.91 -30.67 17.73
CA LEU F 218 -46.05 -29.56 18.69
C LEU F 218 -46.85 -28.38 18.12
N PHE F 219 -47.04 -28.29 16.79
CA PHE F 219 -47.56 -27.08 16.13
C PHE F 219 -48.78 -27.31 15.23
N ILE F 220 -49.05 -28.53 14.78
CA ILE F 220 -50.15 -28.88 13.86
C ILE F 220 -51.23 -29.67 14.61
N LYS F 221 -52.50 -29.30 14.49
CA LYS F 221 -53.60 -29.94 15.26
C LYS F 221 -54.25 -31.15 14.57
N GLU F 222 -54.38 -31.18 13.26
CA GLU F 222 -55.13 -32.23 12.55
C GLU F 222 -54.57 -32.54 11.15
N GLY F 223 -54.74 -33.78 10.67
CA GLY F 223 -54.30 -34.25 9.34
C GLY F 223 -53.05 -35.14 9.34
N VAL F 224 -52.66 -35.63 8.16
CA VAL F 224 -51.44 -36.44 7.98
C VAL F 224 -50.18 -35.59 8.08
N LEU F 225 -49.15 -36.11 8.73
CA LEU F 225 -47.82 -35.47 8.81
C LEU F 225 -46.88 -36.00 7.73
N VAL F 226 -46.79 -37.32 7.56
CA VAL F 226 -45.97 -37.99 6.52
C VAL F 226 -46.53 -39.39 6.24
N SER F 227 -46.27 -39.91 5.04
CA SER F 227 -46.72 -41.25 4.61
C SER F 227 -45.56 -42.03 3.98
N GLN F 228 -45.50 -43.34 4.19
CA GLN F 228 -44.44 -44.22 3.70
C GLN F 228 -44.96 -45.24 2.69
N LYS F 229 -44.14 -45.57 1.70
CA LYS F 229 -44.42 -46.64 0.73
C LYS F 229 -43.19 -47.49 0.42
N GLY F 230 -43.41 -48.78 0.23
CA GLY F 230 -42.41 -49.79 -0.12
C GLY F 230 -43.11 -51.11 -0.44
N LYS F 231 -42.40 -52.12 -0.94
CA LYS F 231 -43.00 -53.37 -1.43
C LYS F 231 -43.71 -54.21 -0.34
N ASN F 232 -43.40 -53.99 0.94
CA ASN F 232 -43.93 -54.72 2.10
C ASN F 232 -44.63 -53.79 3.13
N LYS F 233 -45.66 -54.31 3.80
CA LYS F 233 -46.53 -53.57 4.73
C LYS F 233 -45.85 -53.21 6.06
N SER F 236 -47.81 -48.17 2.73
CA SER F 236 -47.41 -49.15 3.74
C SER F 236 -47.71 -48.70 5.18
N LEU F 237 -47.52 -47.41 5.48
CA LEU F 237 -47.77 -46.81 6.80
C LEU F 237 -48.05 -45.30 6.67
N GLU F 238 -48.76 -44.71 7.63
CA GLU F 238 -49.11 -43.29 7.64
C GLU F 238 -49.18 -42.71 9.06
N TYR F 239 -48.75 -41.46 9.23
CA TYR F 239 -48.74 -40.76 10.52
C TYR F 239 -49.72 -39.58 10.51
N LYS F 240 -50.53 -39.46 11.57
CA LYS F 240 -51.52 -38.38 11.76
C LYS F 240 -51.32 -37.66 13.09
N ALA F 241 -51.65 -36.38 13.14
CA ALA F 241 -51.55 -35.58 14.36
C ALA F 241 -52.46 -36.14 15.47
N ASN F 242 -52.01 -36.09 16.73
CA ASN F 242 -52.73 -36.68 17.85
C ASN F 242 -53.89 -35.81 18.40
N GLY F 243 -54.12 -34.62 17.84
CA GLY F 243 -55.17 -33.69 18.25
C GLY F 243 -54.84 -32.84 19.49
N ARG F 244 -53.75 -33.13 20.19
CA ARG F 244 -53.40 -32.57 21.52
C ARG F 244 -52.28 -31.52 21.49
N ALA F 245 -52.04 -30.89 20.34
CA ALA F 245 -50.96 -29.92 20.17
C ALA F 245 -51.14 -28.65 21.04
N PRO F 246 -50.13 -28.20 21.81
CA PRO F 246 -50.05 -26.83 22.30
C PRO F 246 -49.75 -25.85 21.15
N TYR F 247 -49.50 -24.57 21.43
CA TYR F 247 -48.92 -23.59 20.48
C TYR F 247 -49.51 -23.56 19.07
N THR F 248 -50.82 -23.78 18.92
CA THR F 248 -51.47 -23.93 17.61
C THR F 248 -51.73 -22.60 16.87
N ASN F 249 -51.45 -21.43 17.45
CA ASN F 249 -51.63 -20.10 16.84
C ASN F 249 -50.35 -19.26 16.69
N LEU F 250 -49.23 -19.66 17.30
CA LEU F 250 -47.96 -18.92 17.36
C LEU F 250 -47.28 -18.80 15.97
N PRO F 251 -46.84 -17.61 15.51
CA PRO F 251 -46.09 -17.43 14.27
C PRO F 251 -44.74 -18.17 14.21
N ILE F 252 -44.40 -18.78 13.06
CA ILE F 252 -43.15 -19.52 12.85
C ILE F 252 -42.52 -19.12 11.52
N ALA F 253 -41.23 -18.79 11.50
CA ALA F 253 -40.43 -18.67 10.29
C ALA F 253 -39.26 -19.65 10.37
N VAL F 254 -39.07 -20.49 9.35
CA VAL F 254 -38.07 -21.58 9.40
C VAL F 254 -37.01 -21.40 8.33
N LEU F 255 -35.74 -21.53 8.70
CA LEU F 255 -34.59 -21.32 7.83
C LEU F 255 -34.03 -22.66 7.35
N VAL F 256 -33.84 -22.81 6.04
CA VAL F 256 -33.33 -24.03 5.38
C VAL F 256 -32.24 -23.68 4.37
N ASN F 257 -31.36 -24.63 4.09
CA ASN F 257 -30.11 -24.41 3.37
C ASN F 257 -29.76 -25.67 2.56
N GLY F 258 -28.81 -25.60 1.62
CA GLY F 258 -28.42 -26.73 0.78
C GLY F 258 -27.92 -27.96 1.53
N GLY F 259 -27.41 -27.80 2.75
CA GLY F 259 -27.02 -28.89 3.64
C GLY F 259 -28.14 -29.48 4.49
N SER F 260 -29.34 -28.91 4.51
CA SER F 260 -30.50 -29.50 5.23
C SER F 260 -31.00 -30.72 4.46
N ALA F 261 -31.16 -31.86 5.12
CA ALA F 261 -31.53 -33.10 4.44
C ALA F 261 -32.43 -34.02 5.27
N ALA F 262 -33.13 -34.93 4.61
CA ALA F 262 -33.80 -36.08 5.21
C ALA F 262 -34.81 -35.69 6.30
N ALA F 263 -34.66 -36.06 7.57
CA ALA F 263 -35.63 -35.68 8.61
C ALA F 263 -35.86 -34.15 8.74
N SER F 264 -34.88 -33.31 8.42
CA SER F 264 -35.07 -31.85 8.37
C SER F 264 -36.06 -31.43 7.30
N GLU F 265 -36.09 -32.14 6.17
CA GLU F 265 -37.01 -31.90 5.07
C GLU F 265 -38.40 -32.48 5.32
N ILE F 266 -38.57 -33.44 6.23
CA ILE F 266 -39.89 -33.91 6.67
C ILE F 266 -40.62 -32.82 7.45
N VAL F 267 -39.98 -32.16 8.42
CA VAL F 267 -40.66 -31.11 9.22
C VAL F 267 -40.87 -29.82 8.44
N ALA F 268 -39.90 -29.36 7.65
CA ALA F 268 -40.09 -28.21 6.78
C ALA F 268 -41.18 -28.46 5.73
N GLY F 269 -41.29 -29.67 5.18
CA GLY F 269 -42.34 -30.03 4.23
C GLY F 269 -43.72 -30.12 4.86
N ALA F 270 -43.85 -30.70 6.06
CA ALA F 270 -45.14 -30.78 6.75
C ALA F 270 -45.69 -29.39 7.12
N LEU F 271 -44.84 -28.49 7.64
CA LEU F 271 -45.24 -27.12 7.94
C LEU F 271 -45.63 -26.34 6.68
N GLN F 272 -44.91 -26.48 5.57
CA GLN F 272 -45.24 -25.81 4.31
C GLN F 272 -46.57 -26.28 3.72
N ASP F 273 -46.84 -27.59 3.64
CA ASP F 273 -48.07 -28.12 3.04
C ASP F 273 -49.33 -27.78 3.85
N HIS F 274 -49.24 -27.62 5.18
CA HIS F 274 -50.36 -27.21 6.04
C HIS F 274 -50.46 -25.69 6.27
N LYS F 275 -49.70 -24.87 5.54
CA LYS F 275 -49.67 -23.39 5.66
C LYS F 275 -49.33 -22.88 7.06
N ARG F 276 -48.60 -23.67 7.87
CA ARG F 276 -48.38 -23.40 9.29
C ARG F 276 -47.17 -22.49 9.56
N ALA F 277 -46.28 -22.30 8.59
CA ALA F 277 -45.05 -21.51 8.71
C ALA F 277 -44.63 -20.93 7.36
N VAL F 278 -43.69 -19.99 7.36
CA VAL F 278 -43.05 -19.46 6.14
C VAL F 278 -41.65 -20.05 6.00
N ILE F 279 -41.29 -20.60 4.84
CA ILE F 279 -39.99 -21.26 4.61
C ILE F 279 -39.04 -20.28 3.94
N ILE F 280 -37.84 -20.09 4.48
CA ILE F 280 -36.91 -19.03 4.06
C ILE F 280 -35.52 -19.63 3.83
N GLY F 281 -34.76 -19.16 2.84
CA GLY F 281 -33.35 -19.52 2.68
C GLY F 281 -32.98 -19.94 1.25
N GLU F 282 -32.56 -21.18 1.06
CA GLU F 282 -32.06 -21.74 -0.20
C GLU F 282 -32.61 -23.16 -0.43
N LYS F 283 -32.53 -23.69 -1.64
CA LYS F 283 -33.09 -25.01 -1.98
C LYS F 283 -32.34 -26.15 -1.28
N THR F 284 -33.06 -27.10 -0.67
CA THR F 284 -32.46 -28.15 0.19
C THR F 284 -31.84 -29.32 -0.59
N PHE F 285 -31.33 -30.33 0.11
CA PHE F 285 -30.56 -31.45 -0.46
C PHE F 285 -31.38 -32.47 -1.27
N GLY F 286 -32.63 -32.78 -0.89
CA GLY F 286 -33.52 -33.65 -1.64
C GLY F 286 -33.41 -35.14 -1.33
N ALA F 287 -33.31 -35.55 -0.07
CA ALA F 287 -33.28 -36.96 0.33
C ALA F 287 -34.69 -37.48 0.67
N GLY F 288 -35.23 -38.43 -0.12
CA GLY F 288 -36.64 -38.82 -0.10
C GLY F 288 -36.96 -40.21 0.43
N SER F 289 -36.10 -40.82 1.26
CA SER F 289 -36.24 -42.21 1.71
C SER F 289 -35.97 -42.42 3.20
N VAL F 290 -36.44 -43.55 3.73
CA VAL F 290 -36.30 -44.00 5.12
C VAL F 290 -35.50 -45.30 5.16
N ALA F 291 -34.58 -45.42 6.11
CA ALA F 291 -33.68 -46.58 6.25
C ALA F 291 -33.86 -47.26 7.61
N MET F 292 -33.78 -48.58 7.65
CA MET F 292 -33.96 -49.38 8.85
C MET F 292 -32.62 -50.00 9.26
N LEU F 293 -32.28 -49.94 10.55
CA LEU F 293 -30.99 -50.42 11.05
C LEU F 293 -31.19 -51.74 11.82
N LEU F 294 -30.52 -52.79 11.36
CA LEU F 294 -30.68 -54.17 11.85
C LEU F 294 -29.36 -54.69 12.44
N PRO F 295 -29.34 -55.26 13.66
CA PRO F 295 -28.18 -56.01 14.15
C PRO F 295 -28.04 -57.34 13.39
N VAL F 296 -26.82 -57.70 12.99
CA VAL F 296 -26.51 -58.91 12.20
C VAL F 296 -25.45 -59.80 12.86
N ASN F 297 -24.61 -59.22 13.71
CA ASN F 297 -23.70 -59.95 14.61
C ASN F 297 -23.69 -59.25 16.00
N LYS F 298 -23.12 -59.90 17.02
CA LYS F 298 -23.10 -59.43 18.42
C LYS F 298 -22.76 -57.95 18.60
N ASP F 299 -21.89 -57.40 17.75
CA ASP F 299 -21.49 -55.99 17.77
C ASP F 299 -21.41 -55.35 16.37
N GLU F 300 -22.18 -55.85 15.40
CA GLU F 300 -22.22 -55.33 14.03
C GLU F 300 -23.65 -55.26 13.48
N ALA F 301 -23.93 -54.25 12.67
CA ALA F 301 -25.27 -53.97 12.16
C ALA F 301 -25.23 -53.53 10.69
N ILE F 302 -26.37 -53.63 9.99
CA ILE F 302 -26.52 -53.15 8.62
C ILE F 302 -27.59 -52.07 8.57
N LYS F 303 -27.40 -51.07 7.72
CA LYS F 303 -28.37 -50.01 7.46
C LYS F 303 -28.87 -50.17 6.02
N ILE F 304 -30.18 -50.34 5.83
CA ILE F 304 -30.75 -50.66 4.51
C ILE F 304 -31.97 -49.81 4.17
N THR F 305 -31.98 -49.18 3.00
CA THR F 305 -33.09 -48.33 2.55
C THR F 305 -34.35 -49.15 2.36
N THR F 306 -35.42 -48.80 3.06
CA THR F 306 -36.62 -49.65 3.25
C THR F 306 -37.92 -49.04 2.73
N ALA F 307 -38.04 -47.72 2.62
CA ALA F 307 -39.22 -47.04 2.07
C ALA F 307 -38.90 -45.69 1.41
N ARG F 308 -39.76 -45.20 0.53
CA ARG F 308 -39.85 -43.79 0.09
C ARG F 308 -40.91 -43.06 0.92
N TYR F 309 -40.81 -41.74 1.08
CA TYR F 309 -41.78 -40.93 1.84
C TYR F 309 -42.40 -39.79 1.02
N TYR F 310 -43.62 -39.42 1.39
CA TYR F 310 -44.48 -38.44 0.71
C TYR F 310 -44.99 -37.36 1.68
N LEU F 311 -44.97 -36.10 1.25
CA LEU F 311 -45.46 -34.96 2.01
C LEU F 311 -47.00 -34.89 1.99
N PRO F 312 -47.69 -34.13 2.88
CA PRO F 312 -49.14 -34.23 3.04
C PRO F 312 -50.00 -34.07 1.77
N SER F 313 -49.59 -33.27 0.80
CA SER F 313 -50.28 -33.10 -0.49
C SER F 313 -50.05 -34.22 -1.51
N GLY F 314 -49.23 -35.23 -1.19
CA GLY F 314 -48.89 -36.38 -2.05
C GLY F 314 -47.65 -36.22 -2.93
N ARG F 315 -47.02 -35.05 -2.92
CA ARG F 315 -45.72 -34.77 -3.56
C ARG F 315 -44.56 -35.49 -2.85
N THR F 316 -43.43 -35.65 -3.53
CA THR F 316 -42.18 -36.14 -2.95
C THR F 316 -40.97 -35.39 -3.52
N ILE F 317 -39.85 -35.44 -2.79
CA ILE F 317 -38.67 -34.59 -2.99
C ILE F 317 -37.40 -35.36 -3.37
N GLN F 318 -37.51 -36.64 -3.75
CA GLN F 318 -36.34 -37.43 -4.13
C GLN F 318 -35.63 -36.80 -5.33
N ALA F 319 -34.35 -36.46 -5.15
CA ALA F 319 -33.51 -35.77 -6.13
C ALA F 319 -33.92 -34.33 -6.52
N LYS F 320 -34.87 -33.69 -5.83
CA LYS F 320 -35.11 -32.24 -5.91
C LYS F 320 -35.65 -31.68 -4.58
N GLY F 321 -34.95 -30.72 -3.97
CA GLY F 321 -35.24 -30.29 -2.61
C GLY F 321 -36.58 -29.56 -2.42
N ILE F 322 -36.89 -29.22 -1.18
CA ILE F 322 -37.90 -28.21 -0.85
C ILE F 322 -37.44 -26.87 -1.42
N THR F 323 -38.36 -26.12 -2.01
CA THR F 323 -38.11 -24.77 -2.53
C THR F 323 -38.69 -23.72 -1.57
N PRO F 324 -37.91 -22.71 -1.14
CA PRO F 324 -38.39 -21.73 -0.17
C PRO F 324 -39.58 -20.91 -0.66
N ASP F 325 -40.33 -20.30 0.25
CA ASP F 325 -41.29 -19.24 -0.10
C ASP F 325 -40.55 -17.93 -0.38
N ILE F 326 -39.47 -17.65 0.35
CA ILE F 326 -38.63 -16.47 0.21
C ILE F 326 -37.18 -16.93 0.04
N VAL F 327 -36.51 -16.54 -1.04
CA VAL F 327 -35.13 -16.99 -1.36
C VAL F 327 -34.13 -15.89 -1.03
N ILE F 328 -33.05 -16.22 -0.33
CA ILE F 328 -32.05 -15.25 0.11
C ILE F 328 -30.69 -15.92 0.34
N TYR F 329 -29.67 -15.53 -0.42
CA TYR F 329 -28.28 -16.04 -0.30
C TYR F 329 -27.50 -15.31 0.79
N PRO F 330 -26.47 -15.93 1.41
CA PRO F 330 -25.83 -15.40 2.60
C PRO F 330 -24.94 -14.18 2.34
N GLY F 331 -24.79 -13.34 3.36
CA GLY F 331 -24.02 -12.09 3.31
C GLY F 331 -24.33 -11.18 4.51
N LYS F 332 -23.60 -10.07 4.62
CA LYS F 332 -23.80 -9.03 5.64
C LYS F 332 -24.79 -7.98 5.15
N VAL F 333 -25.56 -7.36 6.06
CA VAL F 333 -26.58 -6.35 5.71
C VAL F 333 -25.94 -5.08 5.12
N PRO F 334 -26.65 -4.31 4.26
CA PRO F 334 -26.19 -2.99 3.82
C PRO F 334 -26.11 -2.00 5.00
N GLU F 335 -25.31 -0.94 4.84
CA GLU F 335 -25.07 0.06 5.89
C GLU F 335 -25.44 1.49 5.47
N ASN F 336 -25.87 2.30 6.43
CA ASN F 336 -26.09 3.73 6.27
C ASN F 336 -24.75 4.43 5.99
N GLU F 337 -24.67 5.26 4.95
CA GLU F 337 -23.46 6.00 4.58
C GLU F 337 -23.02 7.05 5.61
N ASN F 338 -23.90 7.48 6.52
CA ASN F 338 -23.59 8.45 7.58
C ASN F 338 -22.92 7.80 8.81
N LYS F 339 -23.51 6.71 9.33
CA LYS F 339 -23.01 5.87 10.45
C LYS F 339 -22.46 6.64 11.66
N PHE F 340 -23.06 7.78 12.01
CA PHE F 340 -22.60 8.68 13.09
C PHE F 340 -21.12 9.09 12.99
N SER F 341 -20.54 9.14 11.78
CA SER F 341 -19.10 9.32 11.48
C SER F 341 -18.17 8.25 12.09
N LEU F 342 -18.70 7.08 12.46
CA LEU F 342 -18.00 5.98 13.16
C LEU F 342 -17.34 6.45 14.48
N LYS F 343 -18.11 7.17 15.31
CA LYS F 343 -17.64 7.70 16.60
C LYS F 343 -17.13 6.60 17.53
N GLU F 344 -15.87 6.69 17.92
CA GLU F 344 -15.21 5.68 18.77
C GLU F 344 -15.74 5.66 20.21
N ALA F 345 -16.34 6.78 20.66
CA ALA F 345 -17.00 6.90 21.95
C ALA F 345 -18.29 6.06 22.06
N ASP F 346 -18.91 5.66 20.94
CA ASP F 346 -20.06 4.74 20.87
C ASP F 346 -21.31 5.13 21.71
N LEU F 347 -21.42 6.39 22.14
CA LEU F 347 -22.36 6.87 23.17
C LEU F 347 -22.21 6.16 24.54
N LYS F 348 -21.03 5.57 24.82
CA LYS F 348 -20.69 4.97 26.12
C LYS F 348 -20.50 6.07 27.18
N HIS F 349 -21.05 5.87 28.38
CA HIS F 349 -20.95 6.84 29.48
C HIS F 349 -19.63 6.74 30.28
N HIS F 350 -19.05 5.52 30.38
CA HIS F 350 -17.79 5.22 31.09
C HIS F 350 -17.75 5.70 32.55
N LEU F 351 -18.86 5.51 33.26
CA LEU F 351 -19.05 6.01 34.63
C LEU F 351 -18.23 5.23 35.70
N GLU F 352 -17.71 4.05 35.34
CA GLU F 352 -17.03 3.11 36.25
C GLU F 352 -15.90 2.37 35.54
N LYS F 373 -20.91 -7.58 35.32
CA LYS F 373 -20.94 -8.95 34.79
C LYS F 373 -22.37 -9.39 34.44
N ASN F 374 -22.54 -10.02 33.27
CA ASN F 374 -23.79 -10.63 32.83
C ASN F 374 -23.53 -11.83 31.91
N GLU F 375 -24.43 -12.82 31.92
CA GLU F 375 -24.40 -13.99 31.03
C GLU F 375 -25.06 -13.68 29.67
N GLU F 376 -24.48 -12.77 28.89
CA GLU F 376 -25.15 -12.18 27.72
C GLU F 376 -25.48 -13.16 26.59
N GLU F 377 -24.89 -14.37 26.57
CA GLU F 377 -25.33 -15.46 25.70
C GLU F 377 -26.76 -15.97 26.00
N LYS F 378 -27.42 -15.42 27.02
CA LYS F 378 -28.87 -15.49 27.19
C LYS F 378 -29.67 -14.85 26.04
N GLU F 379 -29.05 -13.97 25.24
CA GLU F 379 -29.70 -13.16 24.21
C GLU F 379 -28.89 -13.01 22.92
N VAL F 380 -29.59 -12.96 21.78
CA VAL F 380 -29.05 -12.60 20.45
C VAL F 380 -28.98 -11.08 20.32
N THR F 381 -27.88 -10.54 19.78
CA THR F 381 -27.57 -9.09 19.81
C THR F 381 -27.49 -8.48 18.40
N PRO F 382 -27.75 -7.16 18.23
CA PRO F 382 -27.84 -6.54 16.91
C PRO F 382 -26.59 -6.69 16.02
N LYS F 383 -25.39 -6.67 16.60
CA LYS F 383 -24.13 -6.89 15.86
C LYS F 383 -24.14 -8.22 15.09
N MET F 384 -24.61 -9.30 15.72
CA MET F 384 -24.66 -10.62 15.09
C MET F 384 -25.98 -10.93 14.36
N ILE F 385 -26.92 -9.98 14.31
CA ILE F 385 -27.98 -9.95 13.29
C ILE F 385 -27.46 -9.27 12.02
N ASN F 386 -26.73 -8.17 12.13
CA ASN F 386 -26.16 -7.48 10.96
C ASN F 386 -25.17 -8.36 10.16
N ASP F 387 -24.48 -9.28 10.83
CA ASP F 387 -23.60 -10.25 10.19
C ASP F 387 -24.30 -11.41 9.44
N ASP F 388 -25.64 -11.55 9.48
CA ASP F 388 -26.36 -12.62 8.79
C ASP F 388 -27.71 -12.15 8.22
N ILE F 389 -27.73 -11.78 6.94
CA ILE F 389 -28.94 -11.30 6.27
C ILE F 389 -30.07 -12.35 6.18
N GLN F 390 -29.76 -13.65 6.26
CA GLN F 390 -30.80 -14.68 6.32
C GLN F 390 -31.54 -14.63 7.66
N LEU F 391 -30.84 -14.37 8.78
CA LEU F 391 -31.49 -14.21 10.07
C LEU F 391 -32.33 -12.94 10.13
N LYS F 392 -31.83 -11.81 9.62
CA LYS F 392 -32.64 -10.57 9.52
C LYS F 392 -33.92 -10.80 8.73
N THR F 393 -33.84 -11.47 7.59
CA THR F 393 -35.02 -11.75 6.74
C THR F 393 -36.06 -12.59 7.47
N ALA F 394 -35.66 -13.53 8.32
CA ALA F 394 -36.60 -14.33 9.09
C ALA F 394 -37.33 -13.52 10.16
N ILE F 395 -36.68 -12.55 10.81
CA ILE F 395 -37.29 -11.65 11.81
C ILE F 395 -38.28 -10.68 11.14
N ASP F 396 -37.93 -10.11 10.00
CA ASP F 396 -38.82 -9.19 9.25
C ASP F 396 -40.08 -9.87 8.70
N SER F 397 -40.07 -11.18 8.48
CA SER F 397 -41.29 -11.94 8.19
C SER F 397 -42.20 -12.06 9.41
N LEU F 398 -41.65 -12.27 10.61
CA LEU F 398 -42.45 -12.30 11.84
C LEU F 398 -43.10 -10.95 12.13
N LYS F 399 -42.38 -9.84 11.93
CA LYS F 399 -42.94 -8.47 12.09
C LYS F 399 -44.12 -8.18 11.15
N THR F 400 -44.12 -8.73 9.94
CA THR F 400 -45.28 -8.65 9.04
C THR F 400 -46.48 -9.45 9.58
N TRP F 401 -46.27 -10.67 10.10
CA TRP F 401 -47.34 -11.52 10.61
C TRP F 401 -48.03 -10.88 11.84
N SER F 402 -47.27 -10.26 12.75
CA SER F 402 -47.85 -9.58 13.91
C SER F 402 -48.81 -8.44 13.55
N ILE F 403 -48.56 -7.69 12.47
CA ILE F 403 -49.47 -6.64 11.99
C ILE F 403 -50.79 -7.24 11.50
N VAL F 404 -50.77 -8.32 10.72
CA VAL F 404 -51.99 -8.94 10.18
C VAL F 404 -52.86 -9.55 11.28
N ASP F 405 -52.29 -10.10 12.36
CA ASP F 405 -53.08 -10.49 13.53
C ASP F 405 -53.79 -9.30 14.19
N GLU F 406 -53.10 -8.18 14.40
CA GLU F 406 -53.70 -6.96 14.98
C GLU F 406 -54.76 -6.32 14.07
N LYS F 407 -54.68 -6.48 12.75
CA LYS F 407 -55.77 -6.12 11.84
C LYS F 407 -56.96 -7.07 12.00
N MET F 408 -56.72 -8.37 11.93
CA MET F 408 -57.78 -9.38 11.80
C MET F 408 -58.54 -9.65 13.09
N ASP F 409 -58.05 -9.23 14.26
CA ASP F 409 -58.79 -9.40 15.52
C ASP F 409 -60.03 -8.47 15.64
N GLU F 410 -60.18 -7.46 14.79
CA GLU F 410 -61.33 -6.55 14.74
C GLU F 410 -62.63 -7.31 14.42
N UNK G 1 -20.65 55.67 25.38
CA UNK G 1 -19.58 54.67 25.16
C UNK G 1 -18.83 54.95 23.85
N UNK G 2 -17.66 54.30 23.67
CA UNK G 2 -16.71 54.62 22.63
C UNK G 2 -17.08 54.07 21.24
N UNK G 3 -16.61 54.74 20.18
CA UNK G 3 -16.72 54.25 18.80
C UNK G 3 -15.91 52.97 18.58
N UNK G 4 -16.39 52.08 17.72
CA UNK G 4 -15.76 50.80 17.39
C UNK G 4 -15.80 50.53 15.88
N UNK G 5 -14.90 49.69 15.39
CA UNK G 5 -14.83 49.26 14.00
C UNK G 5 -14.45 47.78 13.97
N UNK G 6 -15.44 46.88 14.06
CA UNK G 6 -15.24 45.44 14.18
C UNK G 6 -16.21 44.65 13.29
N UNK G 7 -15.72 43.63 12.60
CA UNK G 7 -16.49 42.78 11.68
C UNK G 7 -16.66 41.36 12.22
N UNK G 8 -17.02 41.25 13.51
CA UNK G 8 -17.15 40.00 14.24
C UNK G 8 -18.41 39.21 13.85
N UNK H 1 64.23 -8.44 -1.45
CA UNK H 1 63.34 -8.11 -2.58
C UNK H 1 62.44 -9.29 -2.93
N UNK H 2 61.13 -9.17 -2.69
CA UNK H 2 60.15 -10.23 -2.97
C UNK H 2 59.43 -10.00 -4.31
N UNK H 3 59.34 -11.03 -5.15
CA UNK H 3 58.49 -10.99 -6.35
C UNK H 3 57.01 -11.10 -5.96
N UNK H 4 56.15 -10.26 -6.53
CA UNK H 4 54.72 -10.17 -6.22
C UNK H 4 53.88 -10.06 -7.50
N UNK H 5 52.63 -10.47 -7.43
CA UNK H 5 51.66 -10.32 -8.51
C UNK H 5 50.30 -9.95 -7.90
N UNK H 6 50.06 -8.65 -7.69
CA UNK H 6 48.88 -8.11 -7.01
C UNK H 6 48.29 -6.91 -7.74
N UNK H 7 46.98 -6.90 -7.96
CA UNK H 7 46.24 -5.83 -8.64
C UNK H 7 45.47 -4.93 -7.65
N UNK H 8 46.11 -4.57 -6.54
CA UNK H 8 45.51 -3.78 -5.46
C UNK H 8 45.20 -2.33 -5.86
N UNK I 1 -34.41 -52.10 16.66
CA UNK I 1 -34.17 -51.71 15.26
C UNK I 1 -34.82 -50.34 14.96
N UNK I 2 -34.04 -49.26 14.99
CA UNK I 2 -34.53 -47.91 14.75
C UNK I 2 -34.84 -47.64 13.26
N UNK I 3 -35.87 -46.84 12.98
CA UNK I 3 -36.10 -46.22 11.67
C UNK I 3 -35.47 -44.82 11.63
N UNK I 4 -34.61 -44.56 10.66
CA UNK I 4 -33.84 -43.32 10.55
C UNK I 4 -34.01 -42.69 9.16
N UNK I 5 -33.83 -41.38 9.08
CA UNK I 5 -33.78 -40.64 7.83
C UNK I 5 -32.65 -39.61 7.95
N UNK I 6 -31.44 -39.99 7.55
CA UNK I 6 -30.22 -39.22 7.72
C UNK I 6 -29.32 -39.30 6.48
N UNK I 7 -28.75 -38.17 6.05
CA UNK I 7 -27.91 -38.05 4.87
C UNK I 7 -26.44 -37.79 5.22
N UNK I 8 -25.92 -38.52 6.21
CA UNK I 8 -24.58 -38.35 6.76
C UNK I 8 -23.46 -38.72 5.78
N UNK J 1 38.13 1.31 4.60
CA UNK J 1 38.94 0.24 5.23
C UNK J 1 38.06 -0.61 6.15
N UNK J 2 38.68 -1.51 6.92
CA UNK J 2 37.92 -2.42 7.79
C UNK J 2 38.87 -3.03 8.82
N UNK J 3 39.06 -2.34 9.96
CA UNK J 3 40.03 -2.83 10.95
C UNK J 3 41.33 -3.15 10.23
N UNK K 1 -15.34 -34.17 14.70
CA UNK K 1 -14.36 -33.08 14.90
C UNK K 1 -14.30 -32.59 16.35
N UNK K 2 -15.34 -31.94 16.88
CA UNK K 2 -15.30 -31.27 18.20
C UNK K 2 -15.24 -32.22 19.41
N UNK K 3 -15.72 -33.46 19.26
CA UNK K 3 -15.68 -34.51 20.26
C UNK K 3 -15.68 -35.90 19.58
N UNK L 1 -12.97 27.35 18.96
CA UNK L 1 -12.71 26.92 20.34
C UNK L 1 -13.10 28.01 21.35
N UNK L 2 -13.19 27.66 22.63
CA UNK L 2 -13.57 28.59 23.70
C UNK L 2 -12.74 28.36 24.97
N UNK L 3 -12.59 29.41 25.78
CA UNK L 3 -11.81 29.40 27.02
C UNK L 3 -12.35 30.42 28.03
#